data_3REO
#
_entry.id   3REO
#
_cell.length_a   66.241
_cell.length_b   150.754
_cell.length_c   68.302
_cell.angle_alpha   90.00
_cell.angle_beta   92.67
_cell.angle_gamma   90.00
#
_symmetry.space_group_name_H-M   'P 1 21 1'
#
loop_
_entity.id
_entity.type
_entity.pdbx_description
1 polymer '(Iso)eugenol O-methyltransferase'
2 non-polymer S-ADENOSYL-L-HOMOCYSTEINE
3 non-polymer 2-methoxy-4-[(1E)-prop-1-en-1-yl]phenol
4 water water
#
_entity_poly.entity_id   1
_entity_poly.type   'polypeptide(L)'
_entity_poly.pdbx_seq_one_letter_code
;MGSTGNAEIQIIPTHSSDEEANLFAMQLASAAVLPMALKAAIELDVLEIMAKSVPPSGYISPAEIAAQLPTTNPEAPVML
DRVLRLLASYSVVTYTLRELPSGKVERLYGLAPVCKFLTKNEDGVSLAPFLLLATDKVLLEPWFYLKDAILEGGIPFNKA
YGMNIFDYHGTDHRINKVFNKGMSSNSTITMKKILEMYNGFEGLTTIVDVGGGTGAVASMIVAKYPSINAINFDLPHVIQ
DAPAFSGVEHLGGDMFDGVPKGDAIFIKWICHDWSDEHCLKLLKNCYAALPDHGKVIVAEYILPPSPDPSIATKVVIHTD
ALMLAYNPGGKERTEKEFQALAMASGFRGFKVASCAFNTYVMEFLKTA
;
_entity_poly.pdbx_strand_id   A,B,C,D
#
# COMPACT_ATOMS: atom_id res chain seq x y z
N SER A 17 -11.68 4.48 -20.66
CA SER A 17 -10.54 4.50 -19.70
C SER A 17 -9.50 5.52 -20.13
N ASP A 18 -9.42 5.79 -21.44
CA ASP A 18 -8.55 6.87 -21.91
C ASP A 18 -9.05 8.19 -21.35
N GLU A 19 -10.36 8.38 -21.36
CA GLU A 19 -10.97 9.60 -20.85
C GLU A 19 -10.60 9.82 -19.37
N GLU A 20 -10.78 8.79 -18.53
CA GLU A 20 -10.49 8.85 -17.12
C GLU A 20 -9.00 9.19 -16.85
N ALA A 21 -8.06 8.55 -17.56
CA ALA A 21 -6.65 8.96 -17.46
C ALA A 21 -6.38 10.43 -17.82
N ASN A 22 -6.96 10.90 -18.93
CA ASN A 22 -6.77 12.29 -19.34
C ASN A 22 -7.36 13.22 -18.26
N LEU A 23 -8.55 12.91 -17.75
CA LEU A 23 -9.17 13.79 -16.75
C LEU A 23 -8.37 13.81 -15.44
N PHE A 24 -7.83 12.65 -15.06
CA PHE A 24 -6.97 12.64 -13.86
C PHE A 24 -5.74 13.48 -14.04
N ALA A 25 -5.08 13.34 -15.19
CA ALA A 25 -3.93 14.24 -15.45
C ALA A 25 -4.27 15.78 -15.34
N MET A 26 -5.43 16.14 -15.89
CA MET A 26 -5.96 17.55 -15.82
C MET A 26 -6.21 17.94 -14.36
N GLN A 27 -6.75 17.01 -13.55
CA GLN A 27 -6.96 17.24 -12.11
C GLN A 27 -5.67 17.47 -11.38
N LEU A 28 -4.66 16.64 -11.68
CA LEU A 28 -3.36 16.77 -11.04
C LEU A 28 -2.72 18.13 -11.38
N ALA A 29 -2.81 18.52 -12.65
CA ALA A 29 -2.12 19.72 -13.13
C ALA A 29 -2.57 20.93 -12.30
N SER A 30 -3.88 21.03 -12.01
CA SER A 30 -4.41 22.20 -11.29
C SER A 30 -4.74 21.87 -9.83
N ALA A 31 -4.17 20.79 -9.33
CA ALA A 31 -4.42 20.39 -7.95
C ALA A 31 -4.23 21.47 -6.88
N ALA A 32 -3.28 22.41 -7.08
CA ALA A 32 -3.01 23.43 -6.03
C ALA A 32 -4.21 24.37 -5.81
N VAL A 33 -5.17 24.34 -6.73
CA VAL A 33 -6.27 25.28 -6.57
C VAL A 33 -6.98 24.97 -5.30
N LEU A 34 -6.98 23.69 -4.92
CA LEU A 34 -7.72 23.39 -3.72
C LEU A 34 -7.16 24.01 -2.44
N PRO A 35 -5.88 23.71 -2.12
CA PRO A 35 -5.36 24.31 -0.88
C PRO A 35 -5.29 25.85 -0.99
N MET A 36 -5.06 26.38 -2.19
CA MET A 36 -4.99 27.89 -2.30
C MET A 36 -6.34 28.52 -2.10
N ALA A 37 -7.40 27.88 -2.63
CA ALA A 37 -8.77 28.36 -2.47
C ALA A 37 -9.14 28.25 -1.02
N LEU A 38 -8.76 27.13 -0.39
CA LEU A 38 -9.04 26.96 1.03
C LEU A 38 -8.37 28.01 1.90
N LYS A 39 -7.09 28.30 1.59
CA LYS A 39 -6.36 29.30 2.35
C LYS A 39 -7.14 30.65 2.33
N ALA A 40 -7.66 30.98 1.14
CA ALA A 40 -8.37 32.27 0.98
C ALA A 40 -9.66 32.23 1.82
N ALA A 41 -10.41 31.14 1.74
CA ALA A 41 -11.56 30.99 2.65
C ALA A 41 -11.24 31.12 4.15
N ILE A 42 -10.12 30.57 4.60
CA ILE A 42 -9.71 30.74 5.98
C ILE A 42 -9.25 32.16 6.26
N GLU A 43 -8.47 32.75 5.37
CA GLU A 43 -8.06 34.14 5.61
C GLU A 43 -9.24 35.13 5.59
N LEU A 44 -10.32 34.79 4.87
CA LEU A 44 -11.53 35.60 4.86
C LEU A 44 -12.42 35.26 6.05
N ASP A 45 -12.03 34.31 6.89
CA ASP A 45 -12.87 33.86 7.98
C ASP A 45 -14.21 33.20 7.57
N VAL A 46 -14.26 32.61 6.38
CA VAL A 46 -15.50 32.16 5.79
C VAL A 46 -16.02 30.96 6.59
N LEU A 47 -15.13 30.03 6.94
CA LEU A 47 -15.53 28.92 7.76
C LEU A 47 -16.03 29.35 9.19
N GLU A 48 -15.32 30.25 9.85
CA GLU A 48 -15.76 30.77 11.16
C GLU A 48 -17.14 31.46 11.03
N ILE A 49 -17.34 32.20 9.95
CA ILE A 49 -18.62 32.89 9.73
C ILE A 49 -19.69 31.81 9.60
N MET A 50 -19.38 30.76 8.85
CA MET A 50 -20.34 29.68 8.65
C MET A 50 -20.70 29.01 9.98
N ALA A 51 -19.68 28.70 10.75
CA ALA A 51 -19.82 28.01 12.01
C ALA A 51 -20.73 28.81 12.98
N LYS A 52 -20.57 30.13 13.03
CA LYS A 52 -21.41 30.97 13.90
C LYS A 52 -22.82 31.27 13.37
N SER A 53 -23.03 31.19 12.05
CA SER A 53 -24.21 31.74 11.43
C SER A 53 -25.15 30.73 10.88
N VAL A 54 -24.62 29.60 10.46
CA VAL A 54 -25.45 28.52 9.91
C VAL A 54 -26.67 28.20 10.80
N PRO A 55 -27.91 28.39 10.26
CA PRO A 55 -29.13 28.23 11.07
C PRO A 55 -29.39 26.74 11.35
N PRO A 56 -30.37 26.38 12.24
CA PRO A 56 -30.51 24.98 12.73
C PRO A 56 -30.49 23.87 11.66
N SER A 57 -31.22 24.08 10.55
CA SER A 57 -31.24 23.17 9.35
C SER A 57 -29.87 23.04 8.61
N GLY A 58 -29.06 24.10 8.64
CA GLY A 58 -27.62 23.93 8.59
C GLY A 58 -26.88 24.36 7.34
N TYR A 59 -27.53 25.16 6.49
CA TYR A 59 -26.89 25.66 5.27
C TYR A 59 -27.04 27.16 5.16
N ILE A 60 -26.06 27.86 4.62
CA ILE A 60 -26.10 29.33 4.54
C ILE A 60 -25.77 29.73 3.09
N SER A 61 -26.34 30.83 2.60
CA SER A 61 -26.03 31.29 1.22
C SER A 61 -24.71 32.07 1.17
N PRO A 62 -24.03 32.07 0.02
CA PRO A 62 -22.83 32.91 -0.05
C PRO A 62 -23.15 34.39 0.14
N ALA A 63 -24.35 34.79 -0.25
CA ALA A 63 -24.76 36.19 -0.06
C ALA A 63 -24.77 36.52 1.44
N GLU A 64 -25.28 35.58 2.25
CA GLU A 64 -25.32 35.76 3.70
C GLU A 64 -23.95 35.73 4.32
N ILE A 65 -23.03 34.89 3.79
CA ILE A 65 -21.66 34.98 4.26
C ILE A 65 -21.02 36.29 3.89
N ALA A 66 -21.19 36.70 2.64
CA ALA A 66 -20.54 37.90 2.14
C ALA A 66 -20.97 39.17 2.92
N ALA A 67 -22.21 39.18 3.40
CA ALA A 67 -22.76 40.30 4.16
C ALA A 67 -22.01 40.43 5.43
N GLN A 68 -21.32 39.37 5.86
CA GLN A 68 -20.56 39.51 7.08
C GLN A 68 -19.08 39.83 6.87
N LEU A 69 -18.61 39.87 5.63
CA LEU A 69 -17.27 40.28 5.26
C LEU A 69 -17.17 41.81 5.16
N PRO A 70 -16.00 42.39 5.52
CA PRO A 70 -15.75 43.84 5.47
C PRO A 70 -15.56 44.25 4.03
N THR A 71 -16.65 44.29 3.28
CA THR A 71 -16.53 44.53 1.85
C THR A 71 -17.77 45.16 1.32
N THR A 72 -17.56 45.91 0.25
CA THR A 72 -18.65 46.53 -0.47
C THR A 72 -18.67 46.01 -1.91
N ASN A 73 -17.81 45.02 -2.18
CA ASN A 73 -17.73 44.45 -3.52
C ASN A 73 -18.98 43.70 -3.93
N PRO A 74 -19.70 44.20 -4.93
CA PRO A 74 -20.95 43.51 -5.32
C PRO A 74 -20.69 42.09 -5.87
N GLU A 75 -19.48 41.84 -6.33
CA GLU A 75 -19.09 40.55 -6.82
C GLU A 75 -18.76 39.55 -5.72
N ALA A 76 -18.56 40.02 -4.49
CA ALA A 76 -18.11 39.09 -3.41
C ALA A 76 -18.94 37.81 -3.28
N PRO A 77 -20.29 37.86 -3.29
CA PRO A 77 -21.09 36.61 -3.12
C PRO A 77 -20.81 35.59 -4.22
N VAL A 78 -20.74 36.08 -5.43
CA VAL A 78 -20.52 35.20 -6.56
C VAL A 78 -19.13 34.58 -6.47
N MET A 79 -18.15 35.36 -6.08
CA MET A 79 -16.81 34.83 -6.05
C MET A 79 -16.71 33.85 -4.85
N LEU A 80 -17.34 34.18 -3.74
CA LEU A 80 -17.51 33.19 -2.62
C LEU A 80 -18.17 31.89 -3.04
N ASP A 81 -19.22 32.01 -3.84
CA ASP A 81 -19.97 30.84 -4.31
C ASP A 81 -19.04 29.91 -5.10
N ARG A 82 -18.27 30.50 -5.95
CA ARG A 82 -17.38 29.75 -6.80
C ARG A 82 -16.25 29.06 -6.00
N VAL A 83 -15.68 29.73 -5.03
CA VAL A 83 -14.72 29.09 -4.13
C VAL A 83 -15.38 27.98 -3.33
N LEU A 84 -16.56 28.23 -2.75
CA LEU A 84 -17.25 27.19 -1.99
C LEU A 84 -17.66 26.00 -2.80
N ARG A 85 -18.05 26.24 -4.06
CA ARG A 85 -18.38 25.10 -4.94
C ARG A 85 -17.16 24.12 -5.09
N LEU A 86 -15.97 24.66 -5.27
CA LEU A 86 -14.75 23.87 -5.33
C LEU A 86 -14.58 23.09 -4.02
N LEU A 87 -14.71 23.82 -2.90
CA LEU A 87 -14.56 23.15 -1.59
C LEU A 87 -15.57 22.02 -1.34
N ALA A 88 -16.78 22.24 -1.81
CA ALA A 88 -17.84 21.28 -1.67
C ALA A 88 -17.52 20.06 -2.53
N SER A 89 -16.93 20.26 -3.69
CA SER A 89 -16.69 19.09 -4.51
C SER A 89 -15.68 18.16 -3.82
N TYR A 90 -14.85 18.71 -2.95
CA TYR A 90 -13.93 17.90 -2.23
C TYR A 90 -14.38 17.56 -0.82
N SER A 91 -15.64 17.84 -0.49
CA SER A 91 -16.22 17.59 0.86
C SER A 91 -15.57 18.33 1.98
N VAL A 92 -14.96 19.46 1.67
CA VAL A 92 -14.54 20.37 2.72
C VAL A 92 -15.76 21.09 3.42
N VAL A 93 -16.79 21.41 2.64
CA VAL A 93 -18.05 21.95 3.16
C VAL A 93 -19.12 21.08 2.58
N THR A 94 -20.29 21.10 3.20
CA THR A 94 -21.40 20.40 2.59
C THR A 94 -22.19 21.41 1.76
N TYR A 95 -23.15 20.94 1.00
CA TYR A 95 -23.97 21.84 0.20
C TYR A 95 -25.35 21.20 0.03
N THR A 96 -26.34 22.04 -0.20
CA THR A 96 -27.67 21.67 -0.72
C THR A 96 -27.92 22.57 -1.93
N LEU A 97 -28.85 22.12 -2.77
CA LEU A 97 -29.22 22.86 -3.95
C LEU A 97 -30.63 23.35 -3.73
N ARG A 98 -30.90 24.55 -4.16
CA ARG A 98 -32.20 25.11 -3.99
C ARG A 98 -32.62 25.58 -5.34
N GLU A 99 -33.70 25.07 -5.87
CA GLU A 99 -34.09 25.40 -7.22
C GLU A 99 -34.67 26.79 -7.23
N LEU A 100 -34.34 27.59 -8.21
CA LEU A 100 -34.95 28.88 -8.39
C LEU A 100 -36.16 28.78 -9.29
N PRO A 101 -37.05 29.76 -9.22
CA PRO A 101 -38.29 29.66 -9.96
C PRO A 101 -37.99 29.50 -11.40
N SER A 102 -36.93 30.12 -11.85
CA SER A 102 -36.60 30.12 -13.23
C SER A 102 -35.59 29.08 -13.59
N GLY A 103 -35.74 27.90 -13.02
CA GLY A 103 -35.06 26.70 -13.46
C GLY A 103 -33.65 26.47 -12.97
N LYS A 104 -32.86 27.51 -12.99
CA LYS A 104 -31.49 27.43 -12.48
C LYS A 104 -31.47 27.13 -10.95
N VAL A 105 -30.39 26.51 -10.47
CA VAL A 105 -30.26 26.14 -9.02
C VAL A 105 -29.22 27.01 -8.33
N GLU A 106 -29.45 27.30 -7.04
CA GLU A 106 -28.54 28.06 -6.16
C GLU A 106 -27.90 27.04 -5.18
N ARG A 107 -26.70 27.33 -4.67
CA ARG A 107 -26.05 26.39 -3.75
C ARG A 107 -26.07 27.03 -2.35
N LEU A 108 -26.38 26.26 -1.31
CA LEU A 108 -26.21 26.80 0.05
C LEU A 108 -25.18 25.89 0.70
N TYR A 109 -24.40 26.36 1.66
CA TYR A 109 -23.26 25.54 2.10
C TYR A 109 -23.32 25.39 3.58
N GLY A 110 -22.79 24.27 4.04
CA GLY A 110 -22.71 23.97 5.48
C GLY A 110 -21.37 23.37 5.90
N LEU A 111 -21.26 23.03 7.16
CA LEU A 111 -20.01 22.55 7.71
C LEU A 111 -19.88 21.02 7.54
N ALA A 112 -18.79 20.54 6.95
CA ALA A 112 -18.49 19.09 6.93
C ALA A 112 -17.62 18.72 8.13
N PRO A 113 -17.34 17.41 8.37
CA PRO A 113 -16.64 17.10 9.62
C PRO A 113 -15.26 17.72 9.75
N VAL A 114 -14.56 17.93 8.64
CA VAL A 114 -13.22 18.50 8.66
C VAL A 114 -13.25 19.92 9.22
N CYS A 115 -14.39 20.60 9.05
CA CYS A 115 -14.54 21.95 9.57
C CYS A 115 -14.35 22.05 11.05
N LYS A 116 -14.70 21.01 11.82
CA LYS A 116 -14.29 20.91 13.23
C LYS A 116 -12.80 21.28 13.40
N PHE A 117 -11.90 20.80 12.52
CA PHE A 117 -10.49 21.08 12.72
C PHE A 117 -9.99 22.35 12.01
N LEU A 118 -10.84 22.98 11.23
CA LEU A 118 -10.41 24.18 10.45
C LEU A 118 -11.13 25.41 11.02
N THR A 119 -11.83 25.24 12.14
CA THR A 119 -12.40 26.36 12.94
C THR A 119 -12.07 26.18 14.43
N LYS A 120 -11.99 27.30 15.16
CA LYS A 120 -11.69 27.28 16.61
C LYS A 120 -12.63 26.39 17.43
N ASN A 121 -12.04 25.55 18.28
CA ASN A 121 -12.85 24.66 19.11
C ASN A 121 -13.13 25.44 20.41
N GLU A 122 -13.60 24.77 21.45
CA GLU A 122 -13.85 25.40 22.74
C GLU A 122 -12.60 25.92 23.45
N ASP A 123 -11.48 25.24 23.31
CA ASP A 123 -10.20 25.79 23.80
C ASP A 123 -9.63 26.87 22.87
N GLY A 124 -10.42 27.31 21.89
CA GLY A 124 -9.95 28.34 20.95
C GLY A 124 -8.89 27.93 19.94
N VAL A 125 -8.81 26.63 19.64
CA VAL A 125 -7.72 26.13 18.77
C VAL A 125 -8.27 25.43 17.54
N SER A 126 -7.54 25.55 16.44
CA SER A 126 -7.84 24.75 15.27
C SER A 126 -6.56 24.49 14.50
N LEU A 127 -6.67 23.78 13.39
CA LEU A 127 -5.56 23.52 12.51
C LEU A 127 -5.43 24.61 11.44
N ALA A 128 -6.31 25.59 11.46
CA ALA A 128 -6.29 26.64 10.38
C ALA A 128 -4.91 27.33 10.29
N PRO A 129 -4.30 27.63 11.46
CA PRO A 129 -3.00 28.27 11.36
C PRO A 129 -1.94 27.36 10.83
N PHE A 130 -2.11 26.06 10.97
CA PHE A 130 -1.18 25.13 10.29
C PHE A 130 -1.40 25.19 8.79
N LEU A 131 -2.62 25.33 8.36
CA LEU A 131 -2.86 25.39 6.89
C LEU A 131 -2.28 26.70 6.34
N LEU A 132 -2.39 27.79 7.12
CA LEU A 132 -1.81 29.08 6.66
C LEU A 132 -0.32 28.94 6.57
N LEU A 133 0.28 28.15 7.45
CA LEU A 133 1.70 27.95 7.36
C LEU A 133 2.06 27.16 6.11
N ALA A 134 1.38 26.05 5.88
CA ALA A 134 1.76 25.15 4.78
C ALA A 134 1.57 25.83 3.43
N THR A 135 0.67 26.80 3.36
CA THR A 135 0.36 27.43 2.06
C THR A 135 0.99 28.82 1.95
N ASP A 136 1.90 29.12 2.86
CA ASP A 136 2.51 30.44 2.83
C ASP A 136 3.43 30.70 1.62
N LYS A 137 3.39 31.92 1.07
CA LYS A 137 4.24 32.20 -0.10
C LYS A 137 5.69 31.82 0.09
N VAL A 138 6.19 32.01 1.31
CA VAL A 138 7.57 31.73 1.64
C VAL A 138 7.86 30.27 1.42
N LEU A 139 6.91 29.41 1.77
CA LEU A 139 7.14 27.99 1.64
C LEU A 139 6.78 27.43 0.31
N LEU A 140 6.28 28.22 -0.59
CA LEU A 140 6.07 27.67 -1.88
C LEU A 140 7.31 27.79 -2.73
N GLU A 141 8.03 28.86 -2.48
CA GLU A 141 9.23 29.18 -3.29
C GLU A 141 10.25 28.02 -3.44
N PRO A 142 10.54 27.27 -2.35
CA PRO A 142 11.59 26.22 -2.46
C PRO A 142 11.24 25.14 -3.53
N TRP A 143 9.96 24.96 -3.82
CA TRP A 143 9.54 23.91 -4.72
C TRP A 143 10.09 24.21 -6.12
N PHE A 144 10.38 25.47 -6.42
CA PHE A 144 10.91 25.76 -7.74
C PHE A 144 12.37 25.42 -7.81
N TYR A 145 12.98 25.04 -6.68
CA TYR A 145 14.41 24.68 -6.74
C TYR A 145 14.63 23.24 -6.40
N LEU A 146 13.56 22.45 -6.36
CA LEU A 146 13.73 21.00 -6.11
C LEU A 146 14.52 20.30 -7.23
N LYS A 147 14.18 20.55 -8.48
CA LYS A 147 14.96 19.98 -9.59
C LYS A 147 16.46 20.22 -9.40
N ASP A 148 16.81 21.48 -9.16
CA ASP A 148 18.17 21.98 -8.86
C ASP A 148 18.79 21.25 -7.69
N ALA A 149 18.09 21.13 -6.55
CA ALA A 149 18.64 20.37 -5.45
C ALA A 149 18.89 18.89 -5.78
N ILE A 150 18.00 18.26 -6.57
CA ILE A 150 18.23 16.87 -6.91
C ILE A 150 19.46 16.64 -7.83
N LEU A 151 19.67 17.53 -8.80
CA LEU A 151 20.78 17.43 -9.70
C LEU A 151 22.07 17.88 -9.05
N GLU A 152 22.04 18.98 -8.29
CA GLU A 152 23.26 19.64 -7.81
C GLU A 152 23.64 19.31 -6.37
N GLY A 153 22.73 18.72 -5.60
CA GLY A 153 22.93 18.58 -4.16
C GLY A 153 22.36 19.82 -3.46
N GLY A 154 22.22 19.73 -2.12
CA GLY A 154 21.77 20.87 -1.31
C GLY A 154 20.29 20.76 -1.11
N ILE A 155 19.68 21.83 -0.59
CA ILE A 155 18.33 21.82 -0.03
C ILE A 155 17.56 22.90 -0.79
N PRO A 156 16.34 22.59 -1.31
CA PRO A 156 15.67 23.60 -2.13
C PRO A 156 15.47 24.92 -1.36
N PHE A 157 15.14 24.84 -0.08
CA PHE A 157 14.95 26.06 0.68
C PHE A 157 16.19 26.98 0.68
N ASN A 158 17.33 26.40 1.01
CA ASN A 158 18.64 27.10 0.98
C ASN A 158 18.95 27.71 -0.38
N LYS A 159 18.66 26.99 -1.43
CA LYS A 159 18.80 27.52 -2.76
C LYS A 159 17.97 28.77 -2.99
N ALA A 160 16.79 28.84 -2.43
CA ALA A 160 15.92 29.96 -2.66
C ALA A 160 16.24 31.15 -1.80
N TYR A 161 16.54 30.92 -0.55
CA TYR A 161 16.80 31.97 0.37
C TYR A 161 18.28 31.94 0.74
N GLY A 162 18.78 32.79 1.55
CA GLY A 162 20.20 32.61 1.68
C GLY A 162 20.74 31.43 2.48
N MET A 163 19.89 30.61 3.04
CA MET A 163 20.22 30.04 4.30
C MET A 163 19.20 28.96 4.67
N ASN A 164 19.39 28.30 5.82
CA ASN A 164 18.49 27.24 6.26
C ASN A 164 17.20 27.85 6.81
N ILE A 165 16.18 27.03 6.85
CA ILE A 165 14.86 27.53 7.21
C ILE A 165 14.83 28.19 8.57
N PHE A 166 15.60 27.68 9.53
CA PHE A 166 15.44 28.23 10.87
C PHE A 166 16.15 29.57 10.97
N ASP A 167 17.27 29.70 10.26
CA ASP A 167 17.90 31.00 10.14
C ASP A 167 16.98 31.99 9.43
N TYR A 168 16.34 31.54 8.34
CA TYR A 168 15.34 32.39 7.70
C TYR A 168 14.27 32.88 8.69
N HIS A 169 13.78 31.99 9.55
CA HIS A 169 12.72 32.37 10.51
C HIS A 169 13.16 33.45 11.46
N GLY A 170 14.44 33.45 11.75
CA GLY A 170 15.05 34.53 12.55
C GLY A 170 15.32 35.82 11.79
N THR A 171 15.05 35.82 10.47
CA THR A 171 15.17 37.04 9.64
C THR A 171 13.79 37.59 9.24
N ASP A 172 12.81 36.69 9.03
CA ASP A 172 11.51 37.08 8.53
C ASP A 172 10.51 36.79 9.60
N HIS A 173 10.16 37.84 10.30
CA HIS A 173 9.36 37.69 11.50
C HIS A 173 7.91 37.36 11.27
N ARG A 174 7.42 37.71 10.08
CA ARG A 174 6.06 37.38 9.73
C ARG A 174 6.01 35.84 9.61
N ILE A 175 6.98 35.25 8.94
CA ILE A 175 6.94 33.81 8.75
C ILE A 175 7.27 33.07 10.06
N ASN A 176 8.13 33.68 10.88
CA ASN A 176 8.46 33.14 12.18
C ASN A 176 7.15 32.98 12.96
N LYS A 177 6.33 34.05 13.04
CA LYS A 177 5.05 34.02 13.75
C LYS A 177 4.09 32.99 13.12
N VAL A 178 3.98 32.96 11.79
CA VAL A 178 3.02 32.06 11.14
C VAL A 178 3.40 30.62 11.48
N PHE A 179 4.69 30.37 11.40
CA PHE A 179 5.23 29.01 11.64
C PHE A 179 5.01 28.61 13.11
N ASN A 180 5.44 29.46 14.02
CA ASN A 180 5.20 29.18 15.45
C ASN A 180 3.71 28.98 15.81
N LYS A 181 2.79 29.79 15.26
CA LYS A 181 1.38 29.60 15.59
C LYS A 181 0.83 28.29 14.91
N GLY A 182 1.24 28.04 13.66
CA GLY A 182 1.01 26.77 12.93
C GLY A 182 1.36 25.53 13.76
N MET A 183 2.59 25.53 14.31
CA MET A 183 3.12 24.40 15.07
C MET A 183 2.42 24.32 16.42
N SER A 184 2.22 25.49 17.03
CA SER A 184 1.53 25.60 18.31
C SER A 184 0.14 25.02 18.23
N SER A 185 -0.67 25.47 17.25
CA SER A 185 -2.05 24.97 17.09
C SER A 185 -2.10 23.46 16.84
N ASN A 186 -1.34 22.99 15.86
CA ASN A 186 -1.20 21.58 15.61
C ASN A 186 -0.78 20.79 16.86
N SER A 187 0.25 21.21 17.56
CA SER A 187 0.77 20.46 18.72
C SER A 187 -0.25 20.50 19.87
N THR A 188 -0.95 21.59 20.00
CA THR A 188 -2.02 21.64 21.01
C THR A 188 -3.07 20.56 20.81
N ILE A 189 -3.60 20.45 19.59
CA ILE A 189 -4.61 19.48 19.32
C ILE A 189 -4.13 18.07 19.59
N THR A 190 -2.92 17.79 19.14
CA THR A 190 -2.37 16.46 19.30
C THR A 190 -2.04 16.19 20.76
N MET A 191 -1.46 17.17 21.44
CA MET A 191 -1.02 16.95 22.84
C MET A 191 -2.18 16.75 23.76
N LYS A 192 -3.28 17.44 23.51
CA LYS A 192 -4.46 17.22 24.36
C LYS A 192 -4.85 15.74 24.29
N LYS A 193 -4.84 15.15 23.10
CA LYS A 193 -5.24 13.74 22.99
C LYS A 193 -4.20 12.81 23.67
N ILE A 194 -2.92 13.06 23.39
CA ILE A 194 -1.88 12.28 23.98
C ILE A 194 -1.92 12.32 25.50
N LEU A 195 -2.13 13.51 26.07
CA LEU A 195 -2.18 13.66 27.52
C LEU A 195 -3.33 12.83 28.17
N GLU A 196 -4.39 12.56 27.42
CA GLU A 196 -5.50 11.71 27.85
C GLU A 196 -5.11 10.24 27.86
N MET A 197 -4.02 9.86 27.20
CA MET A 197 -3.64 8.46 27.01
C MET A 197 -2.27 8.08 27.63
N TYR A 198 -1.34 9.00 27.58
CA TYR A 198 0.03 8.66 27.83
C TYR A 198 0.35 8.90 29.29
N ASN A 199 0.85 7.91 30.00
CA ASN A 199 1.25 8.12 31.40
C ASN A 199 2.71 8.33 31.68
N GLY A 200 3.49 8.68 30.69
CA GLY A 200 4.89 8.71 30.87
C GLY A 200 5.42 9.92 31.58
N PHE A 201 4.56 10.85 31.95
CA PHE A 201 5.01 12.08 32.57
C PHE A 201 4.97 12.03 34.10
N GLU A 202 4.26 11.09 34.65
CA GLU A 202 4.31 10.88 36.14
C GLU A 202 5.68 10.48 36.85
N GLY A 203 6.11 10.95 37.96
CA GLY A 203 7.32 10.74 38.67
C GLY A 203 8.25 11.72 38.04
N LEU A 204 7.87 12.50 37.07
CA LEU A 204 8.92 13.38 36.62
C LEU A 204 8.97 14.64 37.47
N THR A 205 10.16 15.10 37.81
CA THR A 205 10.17 16.36 38.50
C THR A 205 10.43 17.54 37.53
N THR A 206 11.21 17.29 36.48
CA THR A 206 11.61 18.31 35.50
C THR A 206 11.47 17.68 34.08
N ILE A 207 10.95 18.42 33.14
CA ILE A 207 10.93 17.93 31.77
C ILE A 207 11.53 19.01 30.88
N VAL A 208 12.33 18.60 29.89
CA VAL A 208 12.82 19.59 28.95
C VAL A 208 12.13 19.38 27.59
N ASP A 209 11.45 20.38 27.07
CA ASP A 209 10.93 20.33 25.68
C ASP A 209 11.93 20.97 24.77
N VAL A 210 12.64 20.14 24.00
CA VAL A 210 13.71 20.54 23.14
C VAL A 210 13.06 20.86 21.78
N GLY A 211 13.35 22.04 21.25
CA GLY A 211 12.64 22.62 20.11
C GLY A 211 11.17 22.72 20.41
N GLY A 212 10.84 23.18 21.65
CA GLY A 212 9.45 23.24 22.16
C GLY A 212 8.62 24.38 21.60
N GLY A 213 9.24 25.20 20.74
CA GLY A 213 8.48 26.22 20.04
C GLY A 213 8.07 27.30 20.99
N THR A 214 6.88 27.88 20.80
CA THR A 214 6.45 28.92 21.73
C THR A 214 5.93 28.40 23.08
N GLY A 215 6.01 27.08 23.31
CA GLY A 215 5.86 26.56 24.69
C GLY A 215 4.52 25.97 24.99
N ALA A 216 3.70 25.90 23.96
CA ALA A 216 2.38 25.32 24.08
C ALA A 216 2.43 23.89 24.71
N VAL A 217 3.29 22.99 24.21
CA VAL A 217 3.32 21.65 24.76
C VAL A 217 3.77 21.66 26.25
N ALA A 218 4.83 22.41 26.51
CA ALA A 218 5.39 22.50 27.83
C ALA A 218 4.30 23.01 28.78
N SER A 219 3.49 23.96 28.33
CA SER A 219 2.47 24.51 29.19
C SER A 219 1.34 23.50 29.46
N MET A 220 1.08 22.66 28.47
CA MET A 220 -0.01 21.64 28.65
C MET A 220 0.34 20.58 29.64
N ILE A 221 1.62 20.20 29.66
CA ILE A 221 2.13 19.18 30.50
C ILE A 221 2.11 19.72 31.97
N VAL A 222 2.64 20.93 32.21
CA VAL A 222 2.55 21.58 33.56
C VAL A 222 1.11 21.81 33.99
N ALA A 223 0.22 22.17 33.08
CA ALA A 223 -1.21 22.32 33.45
C ALA A 223 -1.71 20.96 33.94
N LYS A 224 -1.25 19.86 33.33
CA LYS A 224 -1.79 18.57 33.77
C LYS A 224 -1.04 18.10 35.03
N TYR A 225 0.26 18.38 35.10
CA TYR A 225 1.11 17.86 36.19
C TYR A 225 1.79 19.06 36.86
N PRO A 226 1.05 19.81 37.69
CA PRO A 226 1.65 21.05 38.20
C PRO A 226 2.87 20.78 39.09
N SER A 227 3.12 19.53 39.43
CA SER A 227 4.34 19.16 40.16
C SER A 227 5.59 19.25 39.29
N ILE A 228 5.38 19.26 37.97
CA ILE A 228 6.57 19.24 37.10
C ILE A 228 7.05 20.66 36.80
N ASN A 229 8.38 20.92 36.84
CA ASN A 229 8.88 22.19 36.28
C ASN A 229 9.39 21.90 34.84
N ALA A 230 8.93 22.69 33.88
CA ALA A 230 9.17 22.44 32.48
C ALA A 230 10.12 23.52 31.98
N ILE A 231 11.17 23.11 31.27
CA ILE A 231 11.96 24.03 30.48
C ILE A 231 11.51 23.89 29.00
N ASN A 232 11.24 25.01 28.36
CA ASN A 232 10.90 25.08 26.96
C ASN A 232 12.08 25.67 26.22
N PHE A 233 12.77 24.82 25.46
CA PHE A 233 14.07 25.17 24.93
C PHE A 233 13.94 25.28 23.39
N ASP A 234 14.32 26.42 22.83
CA ASP A 234 14.22 26.62 21.40
C ASP A 234 15.23 27.73 21.00
N LEU A 235 15.28 28.08 19.73
CA LEU A 235 16.22 29.12 19.24
C LEU A 235 15.78 30.43 19.81
N PRO A 236 16.73 31.35 20.05
CA PRO A 236 16.33 32.69 20.57
C PRO A 236 15.18 33.42 19.92
N HIS A 237 15.12 33.46 18.58
CA HIS A 237 14.02 34.16 17.88
C HIS A 237 12.64 33.50 18.06
N VAL A 238 12.60 32.25 18.46
CA VAL A 238 11.30 31.64 18.77
C VAL A 238 10.95 31.90 20.24
N ILE A 239 11.92 31.72 21.12
CA ILE A 239 11.73 32.02 22.55
C ILE A 239 11.23 33.45 22.77
N GLN A 240 11.80 34.39 22.03
CA GLN A 240 11.32 35.80 21.96
C GLN A 240 9.84 35.99 21.83
N ASP A 241 9.18 35.08 21.11
CA ASP A 241 7.74 35.15 20.88
C ASP A 241 6.90 34.34 21.85
N ALA A 242 7.55 33.60 22.74
CA ALA A 242 6.89 32.64 23.62
C ALA A 242 6.19 33.36 24.79
N PRO A 243 4.84 33.27 24.89
CA PRO A 243 4.22 33.93 26.06
C PRO A 243 4.63 33.25 27.39
N ALA A 244 4.68 34.01 28.48
CA ALA A 244 4.87 33.47 29.85
C ALA A 244 3.75 32.49 30.22
N PHE A 245 4.11 31.34 30.76
CA PHE A 245 3.13 30.39 31.30
C PHE A 245 3.76 29.97 32.62
N SER A 246 3.00 29.95 33.70
CA SER A 246 3.60 29.57 34.98
C SER A 246 4.13 28.10 35.05
N GLY A 247 5.32 27.89 35.57
CA GLY A 247 5.84 26.53 35.65
C GLY A 247 6.65 26.17 34.39
N VAL A 248 6.57 27.01 33.37
CA VAL A 248 7.43 26.85 32.19
C VAL A 248 8.54 27.88 32.19
N GLU A 249 9.78 27.46 32.11
CA GLU A 249 10.82 28.40 31.91
C GLU A 249 11.32 28.31 30.46
N HIS A 250 11.35 29.48 29.80
CA HIS A 250 11.76 29.59 28.40
C HIS A 250 13.21 29.86 28.31
N LEU A 251 13.87 29.11 27.46
CA LEU A 251 15.29 29.20 27.40
C LEU A 251 15.75 29.09 25.96
N GLY A 252 16.54 30.09 25.52
CA GLY A 252 16.96 30.15 24.13
C GLY A 252 18.29 29.44 23.99
N GLY A 253 18.51 28.72 22.91
CA GLY A 253 19.77 28.00 22.85
C GLY A 253 19.89 27.25 21.54
N ASP A 254 20.89 26.43 21.42
CA ASP A 254 21.07 25.67 20.20
C ASP A 254 21.25 24.26 20.67
N MET A 255 20.27 23.42 20.30
CA MET A 255 20.30 22.08 20.81
C MET A 255 21.49 21.27 20.39
N PHE A 256 22.09 21.56 19.25
CA PHE A 256 23.27 20.77 18.87
C PHE A 256 24.52 21.14 19.69
N ASP A 257 24.50 22.25 20.41
CA ASP A 257 25.60 22.61 21.33
C ASP A 257 25.38 21.91 22.68
N GLY A 258 24.12 21.71 23.06
CA GLY A 258 23.84 21.08 24.33
C GLY A 258 22.40 21.30 24.74
N VAL A 259 21.90 20.38 25.53
CA VAL A 259 20.50 20.44 25.89
C VAL A 259 20.43 20.70 27.39
N PRO A 260 19.46 21.51 27.86
CA PRO A 260 19.36 21.64 29.34
C PRO A 260 19.11 20.29 30.06
N LYS A 261 19.56 20.22 31.32
CA LYS A 261 19.35 19.04 32.15
C LYS A 261 17.88 18.92 32.56
N GLY A 262 17.35 17.70 32.53
CA GLY A 262 16.06 17.36 33.17
C GLY A 262 15.91 15.88 33.37
N ASP A 263 14.77 15.48 33.91
CA ASP A 263 14.52 14.06 34.25
C ASP A 263 14.12 13.33 33.00
N ALA A 264 13.56 14.07 32.06
CA ALA A 264 13.16 13.54 30.76
C ALA A 264 13.23 14.67 29.77
N ILE A 265 13.45 14.31 28.53
CA ILE A 265 13.46 15.24 27.44
C ILE A 265 12.33 14.86 26.48
N PHE A 266 11.56 15.85 26.05
CA PHE A 266 10.44 15.62 25.16
C PHE A 266 10.83 16.33 23.85
N ILE A 267 10.86 15.57 22.73
CA ILE A 267 11.13 16.16 21.39
C ILE A 267 10.00 15.79 20.44
N LYS A 268 9.20 16.79 20.10
CA LYS A 268 8.07 16.49 19.16
C LYS A 268 8.39 17.09 17.85
N TRP A 269 8.32 16.29 16.81
CA TRP A 269 8.54 16.76 15.45
C TRP A 269 9.90 17.46 15.28
N ILE A 270 10.92 16.94 15.96
CA ILE A 270 12.25 17.50 15.83
C ILE A 270 13.05 16.54 14.96
N CYS A 271 12.97 15.24 15.24
CA CYS A 271 13.82 14.31 14.52
C CYS A 271 13.60 14.40 13.02
N HIS A 272 12.33 14.60 12.65
CA HIS A 272 12.06 14.58 11.19
C HIS A 272 12.56 15.84 10.46
N ASP A 273 13.03 16.83 11.20
CA ASP A 273 13.63 17.99 10.57
C ASP A 273 15.08 17.76 10.14
N TRP A 274 15.69 16.66 10.58
CA TRP A 274 17.14 16.55 10.55
C TRP A 274 17.67 15.27 9.98
N SER A 275 18.85 15.30 9.39
CA SER A 275 19.43 14.05 8.86
C SER A 275 19.77 13.17 10.02
N ASP A 276 20.09 11.91 9.72
CA ASP A 276 20.53 10.94 10.72
C ASP A 276 21.72 11.41 11.52
N GLU A 277 22.71 12.02 10.85
CA GLU A 277 23.90 12.50 11.56
C GLU A 277 23.55 13.59 12.58
N HIS A 278 22.66 14.50 12.17
CA HIS A 278 22.23 15.55 13.07
C HIS A 278 21.38 14.99 14.22
N CYS A 279 20.49 14.04 13.90
CA CYS A 279 19.67 13.43 14.97
C CYS A 279 20.58 12.72 15.99
N LEU A 280 21.62 12.04 15.49
CA LEU A 280 22.50 11.29 16.40
C LEU A 280 23.17 12.24 17.36
N LYS A 281 23.67 13.36 16.82
CA LYS A 281 24.32 14.43 17.60
C LYS A 281 23.33 14.97 18.64
N LEU A 282 22.08 15.23 18.23
CA LEU A 282 21.02 15.70 19.16
C LEU A 282 20.71 14.69 20.28
N LEU A 283 20.44 13.46 19.89
CA LEU A 283 20.15 12.40 20.85
C LEU A 283 21.33 12.13 21.81
N LYS A 284 22.57 12.27 21.34
CA LYS A 284 23.71 12.13 22.30
C LYS A 284 23.76 13.29 23.26
N ASN A 285 23.42 14.50 22.82
CA ASN A 285 23.34 15.57 23.83
C ASN A 285 22.22 15.29 24.83
N CYS A 286 21.16 14.67 24.30
CA CYS A 286 20.02 14.30 25.13
C CYS A 286 20.45 13.28 26.18
N TYR A 287 21.11 12.20 25.75
CA TYR A 287 21.61 11.19 26.64
C TYR A 287 22.44 11.84 27.79
N ALA A 288 23.34 12.77 27.41
CA ALA A 288 24.23 13.50 28.31
C ALA A 288 23.46 14.36 29.25
N ALA A 289 22.32 14.90 28.82
CA ALA A 289 21.51 15.80 29.64
C ALA A 289 20.67 15.09 30.72
N LEU A 290 20.61 13.75 30.67
CA LEU A 290 19.66 12.98 31.48
C LEU A 290 20.37 12.27 32.64
N PRO A 291 19.63 12.03 33.74
CA PRO A 291 20.20 11.22 34.81
C PRO A 291 20.33 9.78 34.34
N ASP A 292 20.82 8.89 35.20
CA ASP A 292 21.11 7.52 34.78
C ASP A 292 19.96 6.74 34.15
N HIS A 293 18.77 6.88 34.71
CA HIS A 293 17.56 6.18 34.26
C HIS A 293 16.54 7.14 33.57
N GLY A 294 17.00 8.26 33.04
CA GLY A 294 16.08 9.20 32.36
C GLY A 294 15.68 8.64 30.98
N LYS A 295 14.90 9.39 30.22
CA LYS A 295 14.39 8.86 28.94
C LYS A 295 14.17 10.04 28.03
N VAL A 296 14.13 9.79 26.73
CA VAL A 296 13.73 10.82 25.79
C VAL A 296 12.39 10.30 25.29
N ILE A 297 11.42 11.19 25.20
CA ILE A 297 10.07 10.92 24.74
C ILE A 297 10.02 11.58 23.38
N VAL A 298 9.76 10.79 22.35
CA VAL A 298 9.90 11.25 21.00
C VAL A 298 8.51 11.17 20.40
N ALA A 299 8.01 12.25 19.81
CA ALA A 299 6.68 12.23 19.29
C ALA A 299 6.82 12.55 17.81
N GLU A 300 6.55 11.58 16.98
CA GLU A 300 6.85 11.64 15.52
C GLU A 300 5.86 10.85 14.77
N TYR A 301 5.71 11.16 13.46
CA TYR A 301 5.10 10.21 12.58
C TYR A 301 5.98 8.99 12.38
N ILE A 302 5.34 7.85 12.03
CA ILE A 302 6.10 6.69 11.58
C ILE A 302 5.72 6.39 10.18
N LEU A 303 6.71 6.33 9.31
CA LEU A 303 6.52 6.00 7.95
C LEU A 303 5.84 4.65 7.80
N PRO A 304 4.71 4.58 7.10
CA PRO A 304 4.14 3.23 6.83
C PRO A 304 5.02 2.43 5.82
N PRO A 305 4.77 1.12 5.64
CA PRO A 305 5.74 0.29 4.85
C PRO A 305 5.52 0.39 3.35
N SER A 306 4.43 1.03 2.92
CA SER A 306 4.20 1.18 1.47
C SER A 306 3.47 2.49 1.17
N PRO A 307 3.48 2.91 -0.09
CA PRO A 307 2.79 4.15 -0.52
C PRO A 307 1.30 3.88 -0.68
N ASP A 308 0.61 3.62 0.40
CA ASP A 308 -0.80 3.22 0.26
C ASP A 308 -1.69 4.50 0.12
N PRO A 309 -2.94 4.34 -0.33
CA PRO A 309 -3.71 5.55 -0.61
C PRO A 309 -4.49 6.14 0.60
N SER A 310 -4.30 5.60 1.80
CA SER A 310 -5.09 6.06 2.98
C SER A 310 -4.72 7.52 3.31
N ILE A 311 -5.67 8.26 3.82
CA ILE A 311 -5.34 9.68 4.18
C ILE A 311 -4.22 9.71 5.21
N ALA A 312 -4.21 8.74 6.12
CA ALA A 312 -3.21 8.76 7.22
C ALA A 312 -1.75 8.52 6.61
N THR A 313 -1.62 7.57 5.71
CA THR A 313 -0.35 7.41 5.01
C THR A 313 0.02 8.66 4.22
N LYS A 314 -0.94 9.26 3.49
CA LYS A 314 -0.68 10.46 2.69
C LYS A 314 -0.16 11.56 3.57
N VAL A 315 -0.74 11.71 4.76
CA VAL A 315 -0.25 12.78 5.58
C VAL A 315 1.23 12.58 5.90
N VAL A 316 1.64 11.36 6.22
CA VAL A 316 3.07 11.13 6.54
C VAL A 316 3.96 11.30 5.34
N ILE A 317 3.50 10.84 4.21
CA ILE A 317 4.33 10.96 2.98
C ILE A 317 4.40 12.43 2.52
N HIS A 318 3.28 13.18 2.66
CA HIS A 318 3.32 14.62 2.41
C HIS A 318 4.36 15.30 3.29
N THR A 319 4.41 14.96 4.57
CA THR A 319 5.34 15.59 5.48
C THR A 319 6.76 15.17 5.09
N ASP A 320 6.94 13.94 4.63
CA ASP A 320 8.28 13.51 4.16
C ASP A 320 8.71 14.37 2.97
N ALA A 321 7.74 14.73 2.10
CA ALA A 321 8.08 15.53 0.91
C ALA A 321 8.36 16.98 1.32
N LEU A 322 7.58 17.50 2.27
CA LEU A 322 7.83 18.82 2.85
C LEU A 322 9.24 18.94 3.50
N MET A 323 9.62 17.96 4.32
CA MET A 323 11.02 17.87 4.87
C MET A 323 12.08 17.92 3.79
N LEU A 324 11.81 17.27 2.69
CA LEU A 324 12.73 17.28 1.58
C LEU A 324 12.90 18.68 0.98
N ALA A 325 11.81 19.45 0.96
CA ALA A 325 11.84 20.79 0.39
C ALA A 325 12.12 21.85 1.45
N TYR A 326 12.25 21.53 2.69
CA TYR A 326 12.49 22.64 3.54
C TYR A 326 13.62 22.47 4.42
N ASN A 327 13.94 21.25 4.76
CA ASN A 327 14.77 21.06 5.87
C ASN A 327 16.10 20.38 5.58
N PRO A 328 16.95 20.57 6.54
CA PRO A 328 18.37 20.34 6.52
C PRO A 328 18.43 18.88 6.61
N GLY A 329 17.89 18.33 5.57
CA GLY A 329 17.90 16.90 5.56
C GLY A 329 16.81 16.14 6.31
N GLY A 330 15.72 16.68 6.75
CA GLY A 330 14.81 15.81 7.43
C GLY A 330 14.16 14.78 6.54
N LYS A 331 13.54 13.81 7.16
CA LYS A 331 12.70 12.85 6.49
C LYS A 331 11.84 12.18 7.58
N GLU A 332 10.87 11.37 7.16
CA GLU A 332 10.15 10.56 8.06
C GLU A 332 10.81 9.18 8.08
N ARG A 333 10.68 8.50 9.20
CA ARG A 333 11.36 7.24 9.45
C ARG A 333 10.39 6.16 9.89
N THR A 334 10.79 4.91 9.71
CA THR A 334 10.05 3.76 10.21
C THR A 334 10.37 3.52 11.68
N GLU A 335 9.58 2.72 12.36
CA GLU A 335 9.85 2.45 13.76
C GLU A 335 11.24 1.80 13.88
N LYS A 336 11.62 0.96 12.93
CA LYS A 336 12.97 0.34 13.06
C LYS A 336 14.09 1.34 12.86
N GLU A 337 13.90 2.33 12.00
CA GLU A 337 14.84 3.46 11.97
C GLU A 337 14.95 4.27 13.27
N PHE A 338 13.86 4.48 13.94
CA PHE A 338 13.95 5.14 15.25
C PHE A 338 14.64 4.28 16.28
N GLN A 339 14.32 2.99 16.29
CA GLN A 339 15.09 2.06 17.15
C GLN A 339 16.61 2.13 16.85
N ALA A 340 16.99 2.28 15.56
CA ALA A 340 18.42 2.41 15.23
C ALA A 340 19.04 3.71 15.74
N LEU A 341 18.34 4.85 15.66
CA LEU A 341 18.81 6.10 16.18
C LEU A 341 18.97 5.97 17.73
N ALA A 342 18.01 5.34 18.39
CA ALA A 342 18.05 5.19 19.87
C ALA A 342 19.32 4.41 20.20
N MET A 343 19.49 3.28 19.51
CA MET A 343 20.66 2.37 19.75
C MET A 343 21.95 3.07 19.46
N ALA A 344 22.02 3.81 18.36
CA ALA A 344 23.30 4.39 17.94
C ALA A 344 23.64 5.56 18.85
N SER A 345 22.68 5.98 19.65
CA SER A 345 22.94 7.11 20.52
C SER A 345 23.12 6.70 21.98
N GLY A 346 23.25 5.39 22.20
CA GLY A 346 23.51 4.80 23.50
C GLY A 346 22.29 4.38 24.33
N PHE A 347 21.06 4.58 23.82
CA PHE A 347 19.88 4.14 24.59
C PHE A 347 19.77 2.62 24.57
N ARG A 348 19.34 2.05 25.68
CA ARG A 348 19.25 0.59 25.80
C ARG A 348 17.83 -0.01 25.67
N GLY A 349 16.81 0.83 25.76
CA GLY A 349 15.37 0.41 25.85
C GLY A 349 14.57 1.29 24.88
N PHE A 350 13.49 0.74 24.33
CA PHE A 350 12.71 1.43 23.32
C PHE A 350 11.27 0.96 23.49
N LYS A 351 10.33 1.89 23.48
CA LYS A 351 8.95 1.50 23.58
C LYS A 351 8.01 2.45 22.78
N VAL A 352 6.92 1.91 22.21
CA VAL A 352 5.98 2.78 21.52
C VAL A 352 4.81 2.87 22.46
N ALA A 353 4.59 4.05 23.00
CA ALA A 353 3.74 4.22 24.17
C ALA A 353 2.29 4.59 23.81
N SER A 354 2.08 5.49 22.86
CA SER A 354 0.72 5.70 22.31
C SER A 354 0.81 6.43 21.02
N CYS A 355 -0.33 6.94 20.56
CA CYS A 355 -0.52 7.51 19.23
C CYS A 355 -1.77 8.38 19.24
N ALA A 356 -1.67 9.59 18.71
CA ALA A 356 -2.84 10.45 18.42
C ALA A 356 -2.60 11.15 17.09
N PHE A 357 -3.58 11.06 16.16
CA PHE A 357 -3.52 11.80 14.87
C PHE A 357 -2.19 11.55 14.18
N ASN A 358 -1.82 10.26 14.08
CA ASN A 358 -0.58 9.85 13.34
C ASN A 358 0.67 10.09 14.14
N THR A 359 0.58 10.84 15.23
CA THR A 359 1.82 11.09 16.03
C THR A 359 1.98 9.95 17.07
N TYR A 360 3.05 9.17 16.91
CA TYR A 360 3.39 8.14 17.85
C TYR A 360 4.26 8.72 18.96
N VAL A 361 4.13 8.22 20.15
CA VAL A 361 4.94 8.68 21.24
C VAL A 361 5.83 7.48 21.52
N MET A 362 7.13 7.61 21.33
CA MET A 362 8.14 6.59 21.61
C MET A 362 8.95 7.07 22.82
N GLU A 363 9.40 6.13 23.62
CA GLU A 363 10.40 6.46 24.63
C GLU A 363 11.70 5.78 24.24
N PHE A 364 12.82 6.51 24.42
CA PHE A 364 14.16 5.95 24.32
C PHE A 364 14.63 5.93 25.75
N LEU A 365 14.90 4.75 26.28
CA LEU A 365 15.13 4.64 27.72
C LEU A 365 16.61 4.50 27.90
N LYS A 366 17.16 5.16 28.89
CA LYS A 366 18.57 4.94 29.11
C LYS A 366 18.87 3.58 29.74
N THR A 367 18.03 3.03 30.57
CA THR A 367 18.29 1.65 30.96
C THR A 367 17.10 0.75 30.75
N SER B 16 21.71 -11.04 -9.94
CA SER B 16 21.35 -10.63 -8.54
C SER B 16 19.87 -10.23 -8.54
N SER B 17 19.47 -9.44 -9.53
CA SER B 17 18.05 -9.15 -9.65
C SER B 17 17.25 -10.41 -10.13
N ASP B 18 17.82 -11.15 -11.07
CA ASP B 18 17.28 -12.45 -11.45
C ASP B 18 17.45 -13.46 -10.34
N GLU B 19 18.58 -13.41 -9.65
CA GLU B 19 18.85 -14.35 -8.58
C GLU B 19 17.77 -14.09 -7.52
N GLU B 20 17.52 -12.81 -7.19
CA GLU B 20 16.57 -12.50 -6.11
C GLU B 20 15.17 -12.97 -6.49
N ALA B 21 14.80 -12.76 -7.74
CA ALA B 21 13.45 -13.14 -8.17
C ALA B 21 13.34 -14.65 -8.16
N ASN B 22 14.40 -15.36 -8.61
CA ASN B 22 14.35 -16.83 -8.59
C ASN B 22 14.18 -17.32 -7.13
N LEU B 23 14.94 -16.73 -6.21
CA LEU B 23 14.89 -17.20 -4.83
C LEU B 23 13.55 -16.90 -4.19
N PHE B 24 12.96 -15.75 -4.49
CA PHE B 24 11.61 -15.48 -3.98
C PHE B 24 10.59 -16.50 -4.51
N ALA B 25 10.78 -16.92 -5.75
CA ALA B 25 9.86 -17.88 -6.35
C ALA B 25 9.99 -19.19 -5.61
N MET B 26 11.23 -19.56 -5.27
CA MET B 26 11.41 -20.81 -4.51
C MET B 26 10.87 -20.69 -3.10
N GLN B 27 10.99 -19.53 -2.50
CA GLN B 27 10.41 -19.39 -1.12
C GLN B 27 8.90 -19.49 -1.19
N LEU B 28 8.27 -18.88 -2.23
CA LEU B 28 6.80 -19.03 -2.36
C LEU B 28 6.33 -20.46 -2.54
N ALA B 29 7.09 -21.20 -3.34
CA ALA B 29 6.73 -22.55 -3.70
C ALA B 29 6.62 -23.41 -2.47
N SER B 30 7.55 -23.19 -1.52
CA SER B 30 7.64 -23.99 -0.28
C SER B 30 7.14 -23.25 0.98
N ALA B 31 6.40 -22.18 0.77
CA ALA B 31 5.83 -21.39 1.86
C ALA B 31 5.05 -22.15 2.93
N ALA B 32 4.37 -23.23 2.55
CA ALA B 32 3.59 -23.98 3.52
C ALA B 32 4.43 -24.59 4.64
N VAL B 33 5.77 -24.66 4.46
CA VAL B 33 6.56 -25.30 5.48
C VAL B 33 6.44 -24.59 6.84
N LEU B 34 6.26 -23.27 6.80
CA LEU B 34 6.24 -22.46 7.99
C LEU B 34 5.04 -22.81 8.89
N PRO B 35 3.80 -22.59 8.41
CA PRO B 35 2.66 -22.97 9.24
C PRO B 35 2.65 -24.45 9.68
N MET B 36 3.08 -25.35 8.79
CA MET B 36 3.13 -26.79 9.12
C MET B 36 4.13 -27.14 10.19
N ALA B 37 5.29 -26.51 10.14
CA ALA B 37 6.31 -26.73 11.13
C ALA B 37 5.84 -26.11 12.43
N LEU B 38 5.22 -24.96 12.35
CA LEU B 38 4.73 -24.35 13.59
C LEU B 38 3.65 -25.20 14.17
N LYS B 39 2.80 -25.77 13.33
CA LYS B 39 1.76 -26.65 13.90
C LYS B 39 2.32 -27.86 14.70
N ALA B 40 3.33 -28.49 14.11
CA ALA B 40 4.02 -29.55 14.83
C ALA B 40 4.59 -29.04 16.14
N ALA B 41 5.25 -27.86 16.14
CA ALA B 41 5.84 -27.34 17.39
C ALA B 41 4.79 -27.13 18.46
N ILE B 42 3.62 -26.66 18.05
CA ILE B 42 2.54 -26.47 18.95
C ILE B 42 1.96 -27.82 19.43
N GLU B 43 1.76 -28.76 18.53
CA GLU B 43 1.18 -30.05 18.91
C GLU B 43 2.15 -30.85 19.81
N LEU B 44 3.44 -30.53 19.75
CA LEU B 44 4.43 -31.23 20.53
C LEU B 44 4.60 -30.52 21.86
N ASP B 45 3.90 -29.39 22.00
CA ASP B 45 4.04 -28.46 23.12
C ASP B 45 5.49 -27.89 23.35
N VAL B 46 6.17 -27.64 22.22
CA VAL B 46 7.57 -27.19 22.25
C VAL B 46 7.61 -25.77 22.85
N LEU B 47 6.70 -24.90 22.41
CA LEU B 47 6.73 -23.55 22.91
C LEU B 47 6.35 -23.50 24.42
N GLU B 48 5.40 -24.30 24.84
CA GLU B 48 5.12 -24.41 26.33
C GLU B 48 6.32 -24.90 27.12
N ILE B 49 6.98 -25.91 26.59
CA ILE B 49 8.22 -26.40 27.20
C ILE B 49 9.27 -25.30 27.35
N MET B 50 9.49 -24.50 26.30
CA MET B 50 10.44 -23.40 26.36
C MET B 50 9.98 -22.42 27.40
N ALA B 51 8.69 -22.10 27.40
CA ALA B 51 8.18 -21.09 28.33
C ALA B 51 8.30 -21.50 29.80
N LYS B 52 8.18 -22.80 30.07
CA LYS B 52 8.30 -23.44 31.37
C LYS B 52 9.74 -23.57 31.83
N SER B 53 10.70 -23.71 30.92
CA SER B 53 12.04 -24.17 31.30
C SER B 53 13.10 -23.06 31.46
N VAL B 54 12.83 -21.94 30.85
CA VAL B 54 13.80 -20.90 30.60
C VAL B 54 13.16 -19.60 31.13
N PRO B 55 13.96 -18.70 31.77
CA PRO B 55 13.43 -17.34 32.01
C PRO B 55 13.00 -16.63 30.68
N PRO B 56 12.09 -15.65 30.77
CA PRO B 56 11.64 -14.99 29.53
C PRO B 56 12.79 -14.62 28.56
N SER B 57 13.96 -14.20 29.07
CA SER B 57 15.05 -13.81 28.19
C SER B 57 16.09 -14.93 27.98
N GLY B 58 15.78 -16.15 28.41
CA GLY B 58 16.74 -17.26 28.33
C GLY B 58 16.60 -18.07 27.04
N TYR B 59 17.50 -19.03 26.89
CA TYR B 59 17.53 -19.85 25.67
C TYR B 59 17.70 -21.23 26.16
N ILE B 60 17.26 -22.18 25.34
CA ILE B 60 17.33 -23.61 25.74
C ILE B 60 17.79 -24.39 24.50
N SER B 61 18.52 -25.51 24.67
CA SER B 61 19.02 -26.28 23.54
C SER B 61 17.90 -27.19 23.03
N PRO B 62 17.92 -27.62 21.74
CA PRO B 62 16.93 -28.64 21.35
C PRO B 62 17.06 -29.94 22.16
N ALA B 63 18.25 -30.30 22.65
CA ALA B 63 18.34 -31.52 23.44
C ALA B 63 17.56 -31.41 24.77
N GLU B 64 17.58 -30.23 25.38
CA GLU B 64 16.87 -29.98 26.64
C GLU B 64 15.36 -29.95 26.44
N ILE B 65 14.89 -29.42 25.32
CA ILE B 65 13.49 -29.58 24.95
C ILE B 65 13.10 -31.02 24.76
N ALA B 66 13.90 -31.78 24.04
CA ALA B 66 13.48 -33.14 23.68
C ALA B 66 13.49 -34.06 24.89
N ALA B 67 14.32 -33.76 25.87
CA ALA B 67 14.35 -34.52 27.12
C ALA B 67 13.04 -34.37 27.90
N GLN B 68 12.23 -33.35 27.56
CA GLN B 68 10.93 -33.13 28.20
C GLN B 68 9.78 -33.66 27.37
N LEU B 69 10.11 -34.24 26.20
CA LEU B 69 9.11 -34.90 25.40
C LEU B 69 9.13 -36.41 25.70
N PRO B 70 7.96 -37.04 25.64
CA PRO B 70 7.97 -38.49 25.89
C PRO B 70 8.50 -39.23 24.63
N THR B 71 9.81 -39.28 24.47
CA THR B 71 10.41 -39.83 23.26
C THR B 71 11.75 -40.45 23.64
N THR B 72 12.13 -41.47 22.89
CA THR B 72 13.43 -42.07 23.05
C THR B 72 14.09 -42.04 21.67
N ASN B 73 13.50 -41.27 20.73
CA ASN B 73 14.00 -41.15 19.39
C ASN B 73 15.36 -40.41 19.49
N PRO B 74 16.49 -41.06 19.11
CA PRO B 74 17.84 -40.42 19.28
C PRO B 74 18.04 -39.14 18.40
N GLU B 75 17.30 -39.09 17.29
CA GLU B 75 17.23 -37.98 16.36
C GLU B 75 16.24 -36.88 16.77
N ALA B 76 15.59 -37.01 17.90
CA ALA B 76 14.55 -36.01 18.24
C ALA B 76 15.23 -34.65 18.45
N PRO B 77 16.42 -34.57 19.16
CA PRO B 77 16.98 -33.20 19.25
C PRO B 77 17.33 -32.60 17.88
N VAL B 78 17.96 -33.37 16.98
CA VAL B 78 18.34 -32.76 15.68
C VAL B 78 17.10 -32.38 14.93
N MET B 79 16.06 -33.21 15.00
CA MET B 79 14.85 -32.89 14.24
C MET B 79 14.17 -31.62 14.77
N LEU B 80 14.12 -31.46 16.09
CA LEU B 80 13.60 -30.23 16.66
C LEU B 80 14.45 -29.03 16.31
N ASP B 81 15.76 -29.19 16.26
CA ASP B 81 16.66 -28.11 15.91
C ASP B 81 16.36 -27.59 14.50
N ARG B 82 16.11 -28.50 13.58
CA ARG B 82 15.79 -28.10 12.21
C ARG B 82 14.44 -27.36 12.12
N VAL B 83 13.48 -27.81 12.91
CA VAL B 83 12.19 -27.09 12.96
C VAL B 83 12.37 -25.72 13.61
N LEU B 84 13.07 -25.65 14.70
CA LEU B 84 13.27 -24.43 15.38
C LEU B 84 14.07 -23.46 14.55
N ARG B 85 14.99 -23.98 13.77
CA ARG B 85 15.74 -23.14 12.90
C ARG B 85 14.86 -22.44 11.86
N LEU B 86 13.89 -23.16 11.33
CA LEU B 86 12.93 -22.53 10.43
C LEU B 86 12.12 -21.47 11.17
N LEU B 87 11.62 -21.80 12.35
CA LEU B 87 10.89 -20.81 13.15
C LEU B 87 11.75 -19.59 13.43
N ALA B 88 13.02 -19.78 13.83
CA ALA B 88 13.94 -18.67 14.12
C ALA B 88 14.13 -17.75 12.91
N SER B 89 14.25 -18.34 11.71
CA SER B 89 14.46 -17.51 10.53
C SER B 89 13.33 -16.50 10.28
N TYR B 90 12.12 -16.81 10.75
CA TYR B 90 10.98 -15.95 10.64
C TYR B 90 10.66 -15.21 11.91
N SER B 91 11.61 -15.24 12.85
CA SER B 91 11.45 -14.60 14.17
C SER B 91 10.30 -15.12 14.94
N VAL B 92 9.95 -16.38 14.80
CA VAL B 92 8.89 -16.94 15.60
C VAL B 92 9.46 -17.31 16.95
N VAL B 93 10.73 -17.74 16.95
CA VAL B 93 11.50 -17.97 18.20
C VAL B 93 12.77 -17.17 18.09
N THR B 94 13.46 -16.84 19.20
CA THR B 94 14.78 -16.19 19.07
C THR B 94 15.86 -17.27 19.14
N TYR B 95 17.12 -16.89 18.92
CA TYR B 95 18.15 -17.97 18.91
C TYR B 95 19.45 -17.29 19.30
N THR B 96 20.34 -18.08 19.89
CA THR B 96 21.75 -17.64 20.09
C THR B 96 22.63 -18.77 19.63
N LEU B 97 23.88 -18.48 19.34
CA LEU B 97 24.75 -19.54 18.80
C LEU B 97 25.71 -19.95 19.89
N ARG B 98 26.07 -21.23 19.91
CA ARG B 98 27.07 -21.71 20.84
C ARG B 98 28.08 -22.60 20.06
N GLU B 99 29.34 -22.21 20.04
CA GLU B 99 30.30 -22.96 19.25
C GLU B 99 30.64 -24.31 19.91
N LEU B 100 30.83 -25.37 19.12
CA LEU B 100 31.14 -26.69 19.60
C LEU B 100 32.65 -26.91 19.52
N PRO B 101 33.21 -27.93 20.24
CA PRO B 101 34.68 -28.12 20.15
C PRO B 101 35.14 -28.38 18.72
N SER B 102 34.30 -28.99 17.90
CA SER B 102 34.62 -29.16 16.47
C SER B 102 34.72 -27.89 15.62
N GLY B 103 34.21 -26.75 16.07
CA GLY B 103 34.24 -25.52 15.23
C GLY B 103 32.83 -25.32 14.62
N LYS B 104 32.01 -26.38 14.65
CA LYS B 104 30.58 -26.33 14.36
C LYS B 104 29.84 -25.46 15.39
N VAL B 105 28.71 -24.89 14.99
CA VAL B 105 27.90 -24.11 15.90
C VAL B 105 26.57 -24.81 16.09
N GLU B 106 26.11 -24.71 17.34
CA GLU B 106 24.84 -25.21 17.81
C GLU B 106 23.96 -23.95 18.03
N ARG B 107 22.65 -24.15 18.00
CA ARG B 107 21.67 -23.09 18.29
C ARG B 107 20.93 -23.37 19.56
N LEU B 108 20.72 -22.34 20.39
CA LEU B 108 19.81 -22.43 21.51
C LEU B 108 18.68 -21.49 21.16
N TYR B 109 17.47 -21.77 21.65
CA TYR B 109 16.30 -21.03 21.20
C TYR B 109 15.58 -20.48 22.37
N GLY B 110 14.85 -19.38 22.17
CA GLY B 110 14.10 -18.76 23.27
C GLY B 110 12.85 -18.18 22.61
N LEU B 111 12.01 -17.57 23.41
CA LEU B 111 10.68 -17.14 22.93
C LEU B 111 10.72 -15.70 22.37
N ALA B 112 10.09 -15.51 21.22
CA ALA B 112 10.01 -14.18 20.62
C ALA B 112 8.62 -13.64 21.05
N PRO B 113 8.30 -12.35 20.80
CA PRO B 113 7.04 -11.81 21.36
C PRO B 113 5.82 -12.55 20.84
N VAL B 114 5.86 -13.08 19.60
CA VAL B 114 4.66 -13.76 19.08
C VAL B 114 4.33 -15.00 19.94
N CYS B 115 5.36 -15.59 20.58
CA CYS B 115 5.15 -16.72 21.48
C CYS B 115 4.20 -16.40 22.61
N LYS B 116 4.12 -15.17 23.00
CA LYS B 116 3.17 -14.83 24.04
C LYS B 116 1.73 -15.19 23.64
N PHE B 117 1.40 -15.09 22.36
CA PHE B 117 0.07 -15.48 21.90
C PHE B 117 -0.05 -16.95 21.46
N LEU B 118 1.05 -17.69 21.41
CA LEU B 118 1.01 -19.07 21.01
C LEU B 118 1.20 -19.98 22.19
N THR B 119 1.29 -19.44 23.42
CA THR B 119 1.36 -20.27 24.63
C THR B 119 0.35 -19.70 25.59
N LYS B 120 -0.05 -20.45 26.58
CA LYS B 120 -1.14 -19.98 27.43
C LYS B 120 -0.76 -18.73 28.26
N ASN B 121 -1.72 -17.80 28.37
CA ASN B 121 -1.47 -16.59 29.14
C ASN B 121 -1.87 -16.78 30.58
N GLU B 122 -1.95 -15.68 31.35
CA GLU B 122 -2.23 -15.82 32.81
C GLU B 122 -3.58 -16.46 33.08
N ASP B 123 -4.55 -16.22 32.21
CA ASP B 123 -5.90 -16.73 32.42
C ASP B 123 -6.20 -17.95 31.54
N GLY B 124 -5.18 -18.76 31.31
CA GLY B 124 -5.33 -19.94 30.45
C GLY B 124 -5.87 -19.93 29.04
N VAL B 125 -5.31 -19.06 28.21
CA VAL B 125 -5.74 -18.90 26.85
C VAL B 125 -4.63 -18.51 25.91
N SER B 126 -4.65 -19.03 24.68
CA SER B 126 -3.72 -18.57 23.65
C SER B 126 -4.36 -18.66 22.27
N LEU B 127 -3.64 -18.24 21.23
CA LEU B 127 -4.12 -18.39 19.84
C LEU B 127 -3.74 -19.76 19.28
N ALA B 128 -3.04 -20.59 20.04
CA ALA B 128 -2.64 -21.89 19.51
C ALA B 128 -3.83 -22.74 18.98
N PRO B 129 -5.01 -22.81 19.70
CA PRO B 129 -6.10 -23.65 19.15
C PRO B 129 -6.61 -23.07 17.86
N PHE B 130 -6.44 -21.75 17.67
CA PHE B 130 -6.81 -21.11 16.38
C PHE B 130 -5.87 -21.54 15.26
N LEU B 131 -4.58 -21.61 15.57
CA LEU B 131 -3.63 -22.12 14.62
C LEU B 131 -3.91 -23.57 14.27
N LEU B 132 -4.16 -24.39 15.29
CA LEU B 132 -4.57 -25.78 15.09
C LEU B 132 -5.75 -25.93 14.16
N LEU B 133 -6.73 -25.05 14.30
CA LEU B 133 -7.89 -25.04 13.45
C LEU B 133 -7.50 -24.65 12.01
N ALA B 134 -6.80 -23.53 11.89
CA ALA B 134 -6.49 -23.05 10.54
C ALA B 134 -5.69 -24.09 9.80
N THR B 135 -4.85 -24.88 10.51
CA THR B 135 -4.02 -25.84 9.75
C THR B 135 -4.56 -27.29 9.75
N ASP B 136 -5.81 -27.48 10.15
CA ASP B 136 -6.40 -28.81 10.24
C ASP B 136 -6.56 -29.40 8.83
N LYS B 137 -6.39 -30.69 8.70
CA LYS B 137 -6.51 -31.36 7.39
C LYS B 137 -7.85 -31.08 6.73
N VAL B 138 -8.90 -30.95 7.55
CA VAL B 138 -10.25 -30.58 7.02
C VAL B 138 -10.29 -29.29 6.26
N LEU B 139 -9.62 -28.26 6.76
CA LEU B 139 -9.59 -26.97 6.10
C LEU B 139 -8.56 -26.80 5.04
N LEU B 140 -7.67 -27.76 4.90
CA LEU B 140 -6.69 -27.63 3.83
C LEU B 140 -7.23 -28.15 2.48
N GLU B 141 -8.07 -29.17 2.55
CA GLU B 141 -8.72 -29.80 1.41
C GLU B 141 -9.50 -28.91 0.41
N PRO B 142 -10.31 -27.93 0.90
CA PRO B 142 -11.02 -27.06 -0.02
C PRO B 142 -10.14 -26.34 -1.03
N TRP B 143 -8.89 -26.06 -0.66
CA TRP B 143 -7.95 -25.31 -1.52
C TRP B 143 -7.67 -26.08 -2.82
N PHE B 144 -7.84 -27.39 -2.81
CA PHE B 144 -7.66 -28.19 -4.02
C PHE B 144 -8.80 -28.02 -4.97
N TYR B 145 -9.89 -27.37 -4.52
CA TYR B 145 -11.05 -27.12 -5.35
C TYR B 145 -11.27 -25.66 -5.69
N LEU B 146 -10.26 -24.84 -5.48
CA LEU B 146 -10.42 -23.39 -5.68
C LEU B 146 -10.48 -23.15 -7.19
N LYS B 147 -9.65 -23.88 -7.94
CA LYS B 147 -9.65 -23.71 -9.38
C LYS B 147 -11.03 -24.07 -9.91
N ASP B 148 -11.59 -25.21 -9.48
CA ASP B 148 -12.88 -25.67 -9.94
C ASP B 148 -13.94 -24.68 -9.67
N ALA B 149 -13.94 -24.11 -8.45
CA ALA B 149 -14.95 -23.13 -8.07
C ALA B 149 -14.86 -21.87 -8.89
N ILE B 150 -13.66 -21.43 -9.24
CA ILE B 150 -13.59 -20.18 -9.98
C ILE B 150 -14.14 -20.40 -11.41
N LEU B 151 -13.78 -21.54 -11.96
CA LEU B 151 -14.20 -21.93 -13.31
C LEU B 151 -15.68 -22.34 -13.37
N GLU B 152 -16.12 -23.21 -12.45
CA GLU B 152 -17.45 -23.80 -12.48
C GLU B 152 -18.51 -23.09 -11.63
N GLY B 153 -18.11 -22.19 -10.73
CA GLY B 153 -19.04 -21.68 -9.72
C GLY B 153 -19.06 -22.58 -8.48
N GLY B 154 -19.65 -22.07 -7.39
CA GLY B 154 -19.75 -22.84 -6.15
C GLY B 154 -18.70 -22.39 -5.14
N ILE B 155 -18.60 -23.13 -4.05
CA ILE B 155 -17.76 -22.78 -2.96
C ILE B 155 -16.78 -23.96 -2.83
N PRO B 156 -15.46 -23.69 -2.79
CA PRO B 156 -14.52 -24.81 -2.65
C PRO B 156 -14.83 -25.81 -1.55
N PHE B 157 -15.23 -25.33 -0.35
CA PHE B 157 -15.47 -26.30 0.72
C PHE B 157 -16.60 -27.29 0.35
N ASN B 158 -17.70 -26.72 -0.18
CA ASN B 158 -18.89 -27.49 -0.61
C ASN B 158 -18.50 -28.51 -1.69
N LYS B 159 -17.56 -28.12 -2.53
CA LYS B 159 -17.11 -29.06 -3.55
C LYS B 159 -16.41 -30.22 -2.92
N ALA B 160 -15.70 -29.98 -1.81
CA ALA B 160 -14.94 -31.02 -1.15
C ALA B 160 -15.81 -31.91 -0.25
N TYR B 161 -16.75 -31.32 0.46
CA TYR B 161 -17.54 -32.04 1.46
C TYR B 161 -19.02 -32.08 1.01
N GLY B 162 -19.89 -32.60 1.85
CA GLY B 162 -21.32 -32.55 1.57
C GLY B 162 -21.79 -31.29 0.84
N MET B 163 -21.53 -30.14 1.43
CA MET B 163 -22.37 -29.30 2.22
C MET B 163 -21.68 -28.03 2.70
N ASN B 164 -22.43 -27.09 3.24
CA ASN B 164 -21.76 -25.89 3.69
C ASN B 164 -21.04 -26.18 5.00
N ILE B 165 -20.17 -25.31 5.41
CA ILE B 165 -19.25 -25.63 6.48
C ILE B 165 -19.92 -25.83 7.83
N PHE B 166 -20.95 -25.05 8.11
CA PHE B 166 -21.57 -25.11 9.41
C PHE B 166 -22.42 -26.40 9.51
N ASP B 167 -22.96 -26.83 8.38
CA ASP B 167 -23.67 -28.10 8.34
C ASP B 167 -22.68 -29.23 8.51
N TYR B 168 -21.52 -29.12 7.84
CA TYR B 168 -20.45 -30.11 8.07
C TYR B 168 -20.07 -30.24 9.55
N HIS B 169 -19.96 -29.12 10.25
CA HIS B 169 -19.62 -29.15 11.67
C HIS B 169 -20.60 -29.94 12.46
N GLY B 170 -21.86 -29.95 12.03
CA GLY B 170 -22.86 -30.79 12.70
C GLY B 170 -22.69 -32.27 12.49
N THR B 171 -21.89 -32.66 11.48
CA THR B 171 -21.72 -34.07 11.11
C THR B 171 -20.33 -34.65 11.52
N ASP B 172 -19.37 -33.80 11.84
CA ASP B 172 -18.00 -34.21 12.18
C ASP B 172 -17.73 -33.64 13.57
N HIS B 173 -17.79 -34.49 14.59
CA HIS B 173 -17.71 -34.03 15.98
C HIS B 173 -16.30 -33.48 16.36
N ARG B 174 -15.26 -34.04 15.75
CA ARG B 174 -13.90 -33.65 16.00
C ARG B 174 -13.69 -32.20 15.54
N ILE B 175 -14.06 -31.90 14.31
CA ILE B 175 -13.75 -30.60 13.70
C ILE B 175 -14.70 -29.60 14.34
N ASN B 176 -15.91 -30.04 14.74
CA ASN B 176 -16.81 -29.12 15.49
C ASN B 176 -16.12 -28.58 16.76
N LYS B 177 -15.48 -29.48 17.55
CA LYS B 177 -14.80 -29.12 18.78
C LYS B 177 -13.56 -28.29 18.44
N VAL B 178 -12.84 -28.66 17.38
CA VAL B 178 -11.59 -27.93 17.01
C VAL B 178 -11.94 -26.48 16.61
N PHE B 179 -12.96 -26.35 15.78
CA PHE B 179 -13.45 -25.05 15.35
C PHE B 179 -13.94 -24.21 16.54
N ASN B 180 -14.81 -24.79 17.35
CA ASN B 180 -15.35 -24.05 18.56
C ASN B 180 -14.26 -23.55 19.50
N LYS B 181 -13.29 -24.41 19.77
CA LYS B 181 -12.15 -24.01 20.63
C LYS B 181 -11.25 -22.95 19.98
N GLY B 182 -10.98 -23.09 18.67
CA GLY B 182 -10.20 -22.05 17.97
C GLY B 182 -10.87 -20.69 17.99
N MET B 183 -12.20 -20.68 17.81
CA MET B 183 -12.92 -19.46 17.76
C MET B 183 -13.01 -18.87 19.16
N SER B 184 -13.26 -19.70 20.15
CA SER B 184 -13.37 -19.30 21.56
C SER B 184 -12.09 -18.61 22.06
N SER B 185 -10.96 -19.31 21.90
CA SER B 185 -9.58 -18.79 22.15
C SER B 185 -9.33 -17.41 21.59
N ASN B 186 -9.45 -17.28 20.29
CA ASN B 186 -9.26 -16.02 19.63
C ASN B 186 -10.21 -14.94 20.15
N SER B 187 -11.48 -15.29 20.33
CA SER B 187 -12.44 -14.28 20.76
C SER B 187 -12.20 -13.86 22.16
N THR B 188 -11.75 -14.78 23.02
CA THR B 188 -11.42 -14.44 24.43
C THR B 188 -10.27 -13.42 24.45
N ILE B 189 -9.23 -13.67 23.67
CA ILE B 189 -8.09 -12.69 23.66
C ILE B 189 -8.52 -11.30 23.21
N THR B 190 -9.28 -11.24 22.13
CA THR B 190 -9.75 -9.94 21.59
C THR B 190 -10.73 -9.24 22.51
N MET B 191 -11.64 -10.02 23.06
CA MET B 191 -12.73 -9.37 23.83
C MET B 191 -12.22 -8.86 25.14
N LYS B 192 -11.18 -9.52 25.68
CA LYS B 192 -10.54 -9.05 26.93
C LYS B 192 -10.07 -7.59 26.71
N LYS B 193 -9.47 -7.36 25.53
CA LYS B 193 -8.93 -6.05 25.17
C LYS B 193 -10.08 -5.09 24.91
N ILE B 194 -11.04 -5.51 24.07
CA ILE B 194 -12.22 -4.65 23.79
C ILE B 194 -12.90 -4.23 25.09
N LEU B 195 -13.08 -5.16 26.04
CA LEU B 195 -13.79 -4.83 27.28
C LEU B 195 -13.09 -3.81 28.20
N GLU B 196 -11.79 -3.64 28.00
CA GLU B 196 -11.08 -2.60 28.73
C GLU B 196 -11.25 -1.18 28.11
N MET B 197 -11.74 -1.12 26.89
CA MET B 197 -11.81 0.13 26.16
C MET B 197 -13.22 0.52 25.78
N TYR B 198 -14.11 -0.47 25.66
CA TYR B 198 -15.40 -0.18 25.00
C TYR B 198 -16.39 -0.22 26.08
N ASN B 199 -17.17 0.83 26.15
CA ASN B 199 -18.17 0.98 27.20
C ASN B 199 -19.57 0.69 26.72
N GLY B 200 -19.72 0.30 25.46
CA GLY B 200 -21.05 0.09 24.87
C GLY B 200 -21.97 -0.96 25.49
N PHE B 201 -21.45 -1.86 26.33
CA PHE B 201 -22.32 -2.83 27.07
C PHE B 201 -22.92 -2.26 28.37
N GLU B 202 -22.28 -1.25 28.97
CA GLU B 202 -22.78 -0.66 30.25
C GLU B 202 -24.25 -0.23 30.14
N GLY B 203 -25.05 -0.55 31.15
CA GLY B 203 -26.45 -0.08 31.17
C GLY B 203 -27.43 -0.88 30.29
N LEU B 204 -26.97 -1.94 29.60
CA LEU B 204 -27.93 -2.73 28.84
C LEU B 204 -28.66 -3.65 29.79
N THR B 205 -29.90 -4.05 29.50
CA THR B 205 -30.42 -5.03 30.42
C THR B 205 -30.21 -6.45 29.92
N THR B 206 -30.26 -6.63 28.60
CA THR B 206 -30.08 -7.94 28.00
C THR B 206 -29.20 -7.74 26.74
N ILE B 207 -28.29 -8.69 26.51
CA ILE B 207 -27.41 -8.72 25.36
C ILE B 207 -27.53 -10.16 24.81
N VAL B 208 -27.63 -10.21 23.52
CA VAL B 208 -27.72 -11.42 22.76
C VAL B 208 -26.51 -11.56 21.89
N ASP B 209 -25.73 -12.59 22.12
CA ASP B 209 -24.53 -12.87 21.27
C ASP B 209 -24.95 -13.83 20.15
N VAL B 210 -25.18 -13.25 18.97
CA VAL B 210 -25.69 -14.04 17.86
C VAL B 210 -24.52 -14.76 17.15
N GLY B 211 -24.63 -16.08 17.01
CA GLY B 211 -23.53 -16.87 16.53
C GLY B 211 -22.43 -16.77 17.57
N GLY B 212 -22.78 -16.91 18.88
CA GLY B 212 -21.81 -16.68 19.96
C GLY B 212 -20.83 -17.80 20.26
N GLY B 213 -20.94 -18.88 19.50
CA GLY B 213 -20.02 -19.97 19.67
C GLY B 213 -20.34 -20.67 20.95
N THR B 214 -19.30 -21.09 21.66
CA THR B 214 -19.56 -21.78 22.90
C THR B 214 -19.82 -20.86 24.09
N GLY B 215 -19.89 -19.55 23.84
CA GLY B 215 -20.37 -18.61 24.83
C GLY B 215 -19.27 -17.88 25.56
N ALA B 216 -18.02 -18.07 25.10
CA ALA B 216 -16.92 -17.38 25.81
C ALA B 216 -17.12 -15.88 25.82
N VAL B 217 -17.55 -15.28 24.72
CA VAL B 217 -17.71 -13.83 24.75
C VAL B 217 -18.85 -13.37 25.68
N ALA B 218 -19.96 -14.11 25.66
CA ALA B 218 -21.08 -13.76 26.56
C ALA B 218 -20.59 -13.87 28.01
N SER B 219 -19.84 -14.89 28.34
CA SER B 219 -19.41 -15.06 29.70
C SER B 219 -18.47 -13.96 30.17
N MET B 220 -17.69 -13.39 29.25
CA MET B 220 -16.83 -12.19 29.61
C MET B 220 -17.57 -10.91 29.85
N ILE B 221 -18.65 -10.71 29.09
CA ILE B 221 -19.52 -9.60 29.29
C ILE B 221 -20.21 -9.69 30.63
N VAL B 222 -20.76 -10.85 30.94
CA VAL B 222 -21.39 -11.09 32.24
C VAL B 222 -20.44 -10.94 33.39
N ALA B 223 -19.22 -11.48 33.24
CA ALA B 223 -18.20 -11.27 34.26
C ALA B 223 -17.93 -9.80 34.51
N LYS B 224 -17.94 -8.98 33.47
CA LYS B 224 -17.69 -7.58 33.70
C LYS B 224 -18.90 -6.82 34.26
N TYR B 225 -20.09 -7.24 33.82
CA TYR B 225 -21.36 -6.64 34.22
C TYR B 225 -22.30 -7.77 34.69
N PRO B 226 -22.14 -8.19 35.96
CA PRO B 226 -22.85 -9.38 36.37
C PRO B 226 -24.36 -9.20 36.41
N SER B 227 -24.90 -7.98 36.38
CA SER B 227 -26.34 -7.83 36.32
C SER B 227 -26.91 -7.92 34.91
N ILE B 228 -26.07 -7.99 33.89
CA ILE B 228 -26.62 -8.15 32.54
C ILE B 228 -27.16 -9.55 32.35
N ASN B 229 -28.29 -9.63 31.66
CA ASN B 229 -28.94 -10.88 31.26
C ASN B 229 -28.28 -11.26 29.89
N ALA B 230 -27.52 -12.32 29.84
CA ALA B 230 -26.83 -12.65 28.59
C ALA B 230 -27.38 -13.94 27.93
N ILE B 231 -27.62 -13.90 26.61
CA ILE B 231 -28.11 -15.02 25.83
C ILE B 231 -27.05 -15.31 24.76
N ASN B 232 -26.57 -16.52 24.76
CA ASN B 232 -25.60 -16.98 23.76
C ASN B 232 -26.39 -17.83 22.80
N PHE B 233 -26.49 -17.38 21.57
CA PHE B 233 -27.34 -17.99 20.54
C PHE B 233 -26.50 -18.59 19.44
N ASP B 234 -26.59 -19.88 19.17
CA ASP B 234 -25.84 -20.42 18.01
C ASP B 234 -26.55 -21.70 17.53
N LEU B 235 -25.96 -22.44 16.58
CA LEU B 235 -26.57 -23.68 16.09
C LEU B 235 -26.50 -24.74 17.15
N PRO B 236 -27.44 -25.67 17.16
CA PRO B 236 -27.53 -26.58 18.31
C PRO B 236 -26.32 -27.52 18.47
N HIS B 237 -25.65 -27.92 17.38
CA HIS B 237 -24.43 -28.70 17.59
C HIS B 237 -23.32 -27.91 18.31
N VAL B 238 -23.35 -26.59 18.21
CA VAL B 238 -22.36 -25.82 18.97
C VAL B 238 -22.83 -25.65 20.42
N ILE B 239 -24.08 -25.24 20.57
CA ILE B 239 -24.69 -25.01 21.91
C ILE B 239 -24.58 -26.27 22.79
N GLN B 240 -24.84 -27.44 22.21
CA GLN B 240 -24.68 -28.69 22.94
C GLN B 240 -23.24 -28.83 23.55
N ASP B 241 -22.23 -28.27 22.90
CA ASP B 241 -20.84 -28.41 23.38
C ASP B 241 -20.44 -27.24 24.30
N ALA B 242 -21.38 -26.35 24.61
CA ALA B 242 -21.04 -25.14 25.32
C ALA B 242 -20.94 -25.33 26.86
N PRO B 243 -19.85 -24.83 27.47
CA PRO B 243 -19.80 -24.99 28.95
C PRO B 243 -20.87 -24.13 29.62
N ALA B 244 -21.38 -24.55 30.76
CA ALA B 244 -22.41 -23.76 31.40
C ALA B 244 -21.68 -22.66 32.20
N PHE B 245 -21.77 -21.40 31.76
CA PHE B 245 -21.10 -20.27 32.40
C PHE B 245 -22.15 -19.57 33.22
N SER B 246 -21.76 -19.04 34.37
CA SER B 246 -22.73 -18.36 35.23
C SER B 246 -23.20 -17.10 34.56
N GLY B 247 -24.50 -16.89 34.65
CA GLY B 247 -25.13 -15.73 34.08
C GLY B 247 -25.35 -15.84 32.59
N VAL B 248 -24.95 -16.95 31.94
CA VAL B 248 -25.20 -17.08 30.49
C VAL B 248 -26.33 -18.08 30.13
N GLU B 249 -27.28 -17.67 29.32
CA GLU B 249 -28.34 -18.57 28.91
C GLU B 249 -28.01 -19.00 27.49
N HIS B 250 -27.82 -20.29 27.25
CA HIS B 250 -27.44 -20.75 25.89
C HIS B 250 -28.73 -21.15 25.19
N LEU B 251 -28.86 -20.81 23.93
CA LEU B 251 -30.06 -21.16 23.17
C LEU B 251 -29.66 -21.55 21.75
N GLY B 252 -30.15 -22.68 21.28
CA GLY B 252 -29.93 -23.13 19.90
C GLY B 252 -30.94 -22.54 18.97
N GLY B 253 -30.56 -22.34 17.71
CA GLY B 253 -31.48 -21.91 16.68
C GLY B 253 -30.76 -21.59 15.40
N ASP B 254 -31.53 -21.06 14.45
CA ASP B 254 -31.01 -20.57 13.16
C ASP B 254 -31.33 -19.08 13.13
N MET B 255 -30.26 -18.26 13.11
CA MET B 255 -30.40 -16.82 13.14
C MET B 255 -31.02 -16.28 11.88
N PHE B 256 -31.02 -17.03 10.76
CA PHE B 256 -31.75 -16.53 9.57
C PHE B 256 -33.28 -16.65 9.70
N ASP B 257 -33.75 -17.52 10.60
CA ASP B 257 -35.21 -17.64 11.01
C ASP B 257 -35.65 -16.56 12.03
N GLY B 258 -34.71 -16.12 12.84
CA GLY B 258 -34.98 -15.01 13.75
C GLY B 258 -33.91 -15.07 14.82
N VAL B 259 -33.83 -14.01 15.61
CA VAL B 259 -32.84 -13.91 16.62
C VAL B 259 -33.61 -13.56 17.91
N PRO B 260 -33.14 -14.04 19.08
CA PRO B 260 -33.77 -13.65 20.33
C PRO B 260 -33.79 -12.16 20.61
N LYS B 261 -34.77 -11.75 21.42
CA LYS B 261 -34.94 -10.32 21.63
C LYS B 261 -33.93 -9.87 22.72
N GLY B 262 -33.46 -8.64 22.60
CA GLY B 262 -32.56 -8.11 23.64
C GLY B 262 -32.50 -6.62 23.46
N ASP B 263 -31.85 -5.93 24.39
CA ASP B 263 -31.55 -4.51 24.24
C ASP B 263 -30.45 -4.21 23.24
N ALA B 264 -29.52 -5.15 23.08
CA ALA B 264 -28.47 -5.05 22.06
C ALA B 264 -28.20 -6.44 21.58
N ILE B 265 -27.75 -6.57 20.33
CA ILE B 265 -27.31 -7.82 19.75
C ILE B 265 -25.86 -7.63 19.40
N PHE B 266 -25.05 -8.59 19.75
CA PHE B 266 -23.61 -8.53 19.45
C PHE B 266 -23.32 -9.62 18.38
N ILE B 267 -22.68 -9.25 17.27
CA ILE B 267 -22.27 -10.29 16.29
C ILE B 267 -20.79 -10.17 16.03
N LYS B 268 -20.00 -11.15 16.44
CA LYS B 268 -18.59 -11.00 16.17
C LYS B 268 -18.16 -12.04 15.12
N TRP B 269 -17.53 -11.60 14.03
CA TRP B 269 -17.10 -12.43 12.90
C TRP B 269 -18.22 -13.29 12.37
N ILE B 270 -19.36 -12.64 12.26
CA ILE B 270 -20.52 -13.34 11.71
C ILE B 270 -20.69 -12.76 10.31
N CYS B 271 -20.64 -11.42 10.15
CA CYS B 271 -20.91 -10.78 8.86
C CYS B 271 -20.00 -11.30 7.78
N HIS B 272 -18.74 -11.51 8.13
CA HIS B 272 -17.80 -11.87 7.12
C HIS B 272 -17.98 -13.32 6.65
N ASP B 273 -18.81 -14.13 7.32
CA ASP B 273 -19.16 -15.48 6.77
C ASP B 273 -20.15 -15.55 5.62
N TRP B 274 -20.82 -14.45 5.36
CA TRP B 274 -22.03 -14.46 4.48
C TRP B 274 -22.04 -13.34 3.46
N SER B 275 -22.78 -13.57 2.37
CA SER B 275 -22.92 -12.62 1.30
C SER B 275 -23.73 -11.44 1.85
N ASP B 276 -23.65 -10.35 1.12
CA ASP B 276 -24.49 -9.14 1.40
C ASP B 276 -25.96 -9.49 1.61
N GLU B 277 -26.55 -10.34 0.77
CA GLU B 277 -28.01 -10.67 0.91
C GLU B 277 -28.34 -11.39 2.21
N HIS B 278 -27.48 -12.34 2.58
CA HIS B 278 -27.63 -13.03 3.85
C HIS B 278 -27.36 -12.09 5.03
N CYS B 279 -26.37 -11.22 4.91
CA CYS B 279 -26.18 -10.22 5.99
C CYS B 279 -27.35 -9.33 6.13
N LEU B 280 -27.97 -8.92 5.02
CA LEU B 280 -29.12 -8.06 5.19
C LEU B 280 -30.26 -8.77 5.92
N LYS B 281 -30.49 -10.07 5.58
CA LYS B 281 -31.56 -10.85 6.21
C LYS B 281 -31.31 -10.94 7.72
N LEU B 282 -30.05 -11.21 8.06
CA LEU B 282 -29.65 -11.29 9.41
C LEU B 282 -29.89 -9.96 10.11
N LEU B 283 -29.44 -8.87 9.49
CA LEU B 283 -29.46 -7.59 10.19
C LEU B 283 -30.89 -7.13 10.34
N LYS B 284 -31.74 -7.47 9.38
CA LYS B 284 -33.16 -7.19 9.51
C LYS B 284 -33.79 -8.00 10.61
N ASN B 285 -33.42 -9.26 10.77
CA ASN B 285 -33.86 -10.03 11.92
C ASN B 285 -33.42 -9.36 13.22
N CYS B 286 -32.16 -8.88 13.25
CA CYS B 286 -31.73 -8.15 14.40
C CYS B 286 -32.51 -6.84 14.60
N TYR B 287 -32.74 -6.08 13.52
CA TYR B 287 -33.45 -4.83 13.68
C TYR B 287 -34.80 -5.22 14.38
N ALA B 288 -35.46 -6.30 13.89
CA ALA B 288 -36.80 -6.71 14.43
C ALA B 288 -36.77 -7.12 15.89
N ALA B 289 -35.64 -7.66 16.34
CA ALA B 289 -35.50 -8.18 17.66
C ALA B 289 -35.17 -7.11 18.73
N LEU B 290 -34.90 -5.89 18.31
CA LEU B 290 -34.42 -4.87 19.19
C LEU B 290 -35.58 -3.91 19.51
N PRO B 291 -35.50 -3.20 20.66
CA PRO B 291 -36.46 -2.13 20.97
C PRO B 291 -36.16 -0.93 20.08
N ASP B 292 -36.99 0.11 20.15
CA ASP B 292 -36.87 1.30 19.32
C ASP B 292 -35.45 1.84 19.32
N HIS B 293 -34.81 1.84 20.49
CA HIS B 293 -33.52 2.50 20.61
C HIS B 293 -32.34 1.52 20.77
N GLY B 294 -32.60 0.25 20.51
CA GLY B 294 -31.55 -0.80 20.44
C GLY B 294 -30.44 -0.62 19.42
N LYS B 295 -29.51 -1.55 19.42
CA LYS B 295 -28.39 -1.43 18.53
C LYS B 295 -27.80 -2.78 18.29
N VAL B 296 -27.13 -2.91 17.15
CA VAL B 296 -26.36 -4.09 16.86
C VAL B 296 -24.89 -3.65 17.08
N ILE B 297 -24.15 -4.41 17.88
CA ILE B 297 -22.69 -4.23 18.07
C ILE B 297 -21.99 -5.25 17.15
N VAL B 298 -21.30 -4.74 16.15
CA VAL B 298 -20.75 -5.62 15.11
C VAL B 298 -19.26 -5.59 15.28
N ALA B 299 -18.60 -6.71 15.48
CA ALA B 299 -17.14 -6.71 15.66
C ALA B 299 -16.57 -7.47 14.48
N GLU B 300 -15.76 -6.81 13.64
CA GLU B 300 -15.32 -7.39 12.38
C GLU B 300 -14.01 -6.79 12.02
N TYR B 301 -13.31 -7.40 11.08
CA TYR B 301 -12.21 -6.73 10.47
C TYR B 301 -12.73 -5.68 9.42
N ILE B 302 -11.90 -4.70 9.11
CA ILE B 302 -12.21 -3.72 8.09
C ILE B 302 -11.13 -3.84 6.99
N LEU B 303 -11.58 -4.06 5.78
CA LEU B 303 -10.73 -4.21 4.67
C LEU B 303 -10.00 -2.91 4.37
N PRO B 304 -8.68 -2.97 4.32
CA PRO B 304 -8.00 -1.70 4.07
C PRO B 304 -8.14 -1.31 2.59
N PRO B 305 -7.77 -0.07 2.24
CA PRO B 305 -8.01 0.42 0.85
C PRO B 305 -7.09 -0.11 -0.24
N SER B 306 -6.03 -0.82 0.12
CA SER B 306 -5.10 -1.35 -0.88
C SER B 306 -4.32 -2.54 -0.33
N PRO B 307 -3.83 -3.39 -1.22
CA PRO B 307 -3.03 -4.60 -0.80
C PRO B 307 -1.67 -4.19 -0.25
N ASP B 308 -1.61 -3.57 0.90
CA ASP B 308 -0.30 -3.11 1.48
C ASP B 308 0.37 -4.29 2.20
N PRO B 309 1.69 -4.22 2.47
CA PRO B 309 2.41 -5.38 3.00
C PRO B 309 2.41 -5.48 4.49
N SER B 310 1.69 -4.63 5.18
CA SER B 310 1.73 -4.70 6.65
C SER B 310 1.11 -6.02 7.13
N ILE B 311 1.56 -6.52 8.30
CA ILE B 311 0.97 -7.71 8.88
C ILE B 311 -0.55 -7.50 9.12
N ALA B 312 -0.90 -6.30 9.58
CA ALA B 312 -2.32 -6.06 9.93
C ALA B 312 -3.18 -6.26 8.67
N THR B 313 -2.74 -5.71 7.54
CA THR B 313 -3.45 -5.80 6.26
C THR B 313 -3.41 -7.20 5.74
N LYS B 314 -2.24 -7.85 5.79
CA LYS B 314 -2.21 -9.29 5.44
C LYS B 314 -3.18 -10.16 6.23
N VAL B 315 -3.31 -9.94 7.54
CA VAL B 315 -4.32 -10.76 8.32
C VAL B 315 -5.67 -10.61 7.74
N VAL B 316 -6.05 -9.40 7.40
CA VAL B 316 -7.48 -9.20 6.87
C VAL B 316 -7.59 -9.82 5.47
N ILE B 317 -6.58 -9.62 4.64
CA ILE B 317 -6.58 -10.23 3.27
C ILE B 317 -6.59 -11.78 3.29
N HIS B 318 -5.77 -12.37 4.17
CA HIS B 318 -5.76 -13.82 4.39
C HIS B 318 -7.17 -14.27 4.75
N THR B 319 -7.82 -13.53 5.64
CA THR B 319 -9.12 -14.00 6.08
C THR B 319 -10.20 -13.81 5.00
N ASP B 320 -10.12 -12.72 4.23
CA ASP B 320 -10.91 -12.60 2.98
C ASP B 320 -10.77 -13.84 2.05
N ALA B 321 -9.54 -14.29 1.88
CA ALA B 321 -9.26 -15.49 1.04
C ALA B 321 -9.78 -16.80 1.71
N LEU B 322 -9.73 -16.91 3.05
CA LEU B 322 -10.26 -18.03 3.74
C LEU B 322 -11.76 -18.06 3.54
N MET B 323 -12.42 -16.90 3.64
CA MET B 323 -13.91 -16.85 3.46
C MET B 323 -14.26 -17.33 2.05
N LEU B 324 -13.41 -17.01 1.09
CA LEU B 324 -13.70 -17.38 -0.27
C LEU B 324 -13.71 -18.90 -0.36
N ALA B 325 -12.79 -19.53 0.36
CA ALA B 325 -12.60 -20.96 0.25
C ALA B 325 -13.67 -21.74 1.04
N TYR B 326 -14.18 -21.17 2.12
CA TYR B 326 -14.91 -21.95 3.06
C TYR B 326 -16.34 -21.52 3.11
N ASN B 327 -16.65 -20.25 2.83
CA ASN B 327 -17.97 -19.75 3.32
C ASN B 327 -18.88 -19.40 2.20
N PRO B 328 -20.18 -19.46 2.49
CA PRO B 328 -21.15 -19.18 1.44
C PRO B 328 -21.26 -17.67 1.29
N GLY B 329 -20.49 -17.08 0.37
CA GLY B 329 -20.55 -15.65 0.01
C GLY B 329 -19.79 -14.71 0.94
N GLY B 330 -19.15 -15.27 1.92
CA GLY B 330 -18.39 -14.45 2.87
C GLY B 330 -17.20 -13.72 2.25
N LYS B 331 -16.84 -12.61 2.86
CA LYS B 331 -15.78 -11.73 2.41
C LYS B 331 -15.57 -10.68 3.49
N GLU B 332 -14.44 -9.99 3.39
CA GLU B 332 -14.19 -8.89 4.27
C GLU B 332 -14.74 -7.62 3.60
N ARG B 333 -15.11 -6.66 4.45
CA ARG B 333 -15.69 -5.40 3.94
C ARG B 333 -15.05 -4.11 4.51
N THR B 334 -15.26 -3.03 3.75
CA THR B 334 -14.73 -1.71 4.07
C THR B 334 -15.72 -1.09 5.04
N GLU B 335 -15.30 -0.04 5.70
CA GLU B 335 -16.20 0.65 6.59
C GLU B 335 -17.44 1.14 5.85
N LYS B 336 -17.23 1.74 4.69
CA LYS B 336 -18.42 2.21 3.90
C LYS B 336 -19.33 1.02 3.49
N GLU B 337 -18.76 -0.17 3.27
CA GLU B 337 -19.64 -1.35 3.06
C GLU B 337 -20.52 -1.69 4.24
N PHE B 338 -19.97 -1.61 5.44
CA PHE B 338 -20.77 -1.89 6.62
C PHE B 338 -21.79 -0.81 6.83
N GLN B 339 -21.44 0.42 6.51
CA GLN B 339 -22.48 1.49 6.64
C GLN B 339 -23.61 1.22 5.66
N ALA B 340 -23.30 0.77 4.45
CA ALA B 340 -24.36 0.39 3.53
C ALA B 340 -25.22 -0.78 3.98
N LEU B 341 -24.62 -1.81 4.59
CA LEU B 341 -25.45 -2.86 5.22
C LEU B 341 -26.36 -2.29 6.35
N ALA B 342 -25.78 -1.43 7.16
CA ALA B 342 -26.57 -0.93 8.29
C ALA B 342 -27.76 -0.08 7.75
N MET B 343 -27.46 0.74 6.74
CA MET B 343 -28.51 1.59 6.14
C MET B 343 -29.59 0.73 5.52
N ALA B 344 -29.17 -0.26 4.77
CA ALA B 344 -30.16 -1.04 4.00
C ALA B 344 -30.95 -1.97 4.90
N SER B 345 -30.54 -2.13 6.16
CA SER B 345 -31.33 -2.93 7.05
C SER B 345 -32.14 -2.05 7.99
N GLY B 346 -32.11 -0.75 7.76
CA GLY B 346 -32.99 0.19 8.48
C GLY B 346 -32.38 0.94 9.63
N PHE B 347 -31.09 0.71 9.94
CA PHE B 347 -30.50 1.45 11.04
C PHE B 347 -30.25 2.87 10.63
N ARG B 348 -30.40 3.79 11.57
CA ARG B 348 -30.23 5.17 11.26
C ARG B 348 -28.94 5.83 11.73
N GLY B 349 -28.14 5.12 12.51
CA GLY B 349 -26.91 5.70 13.07
C GLY B 349 -25.80 4.66 12.95
N PHE B 350 -24.54 5.10 12.79
CA PHE B 350 -23.45 4.20 12.62
C PHE B 350 -22.25 4.81 13.39
N LYS B 351 -21.55 4.00 14.21
CA LYS B 351 -20.48 4.51 15.07
C LYS B 351 -19.35 3.50 15.00
N VAL B 352 -18.11 3.94 14.80
CA VAL B 352 -16.97 3.05 14.93
C VAL B 352 -16.49 3.35 16.34
N ALA B 353 -16.66 2.41 17.26
CA ALA B 353 -16.51 2.66 18.66
C ALA B 353 -15.13 2.31 19.20
N SER B 354 -14.53 1.24 18.72
CA SER B 354 -13.15 0.94 19.08
C SER B 354 -12.59 -0.20 18.26
N CYS B 355 -11.37 -0.63 18.58
CA CYS B 355 -10.65 -1.62 17.76
C CYS B 355 -9.66 -2.37 18.63
N ALA B 356 -9.58 -3.70 18.51
CA ALA B 356 -8.55 -4.46 19.22
C ALA B 356 -8.07 -5.52 18.27
N PHE B 357 -6.77 -5.65 18.09
CA PHE B 357 -6.25 -6.72 17.21
C PHE B 357 -6.97 -6.80 15.84
N ASN B 358 -7.09 -5.66 15.16
CA ASN B 358 -7.71 -5.61 13.79
C ASN B 358 -9.21 -5.73 13.87
N THR B 359 -9.74 -6.07 15.03
CA THR B 359 -11.23 -6.21 15.11
C THR B 359 -11.83 -4.87 15.52
N TYR B 360 -12.61 -4.25 14.61
CA TYR B 360 -13.29 -2.99 14.90
C TYR B 360 -14.63 -3.26 15.51
N VAL B 361 -15.07 -2.45 16.47
CA VAL B 361 -16.38 -2.60 17.04
C VAL B 361 -17.22 -1.45 16.49
N MET B 362 -18.20 -1.76 15.66
CA MET B 362 -19.12 -0.74 15.17
C MET B 362 -20.42 -0.93 15.93
N GLU B 363 -21.19 0.13 16.01
CA GLU B 363 -22.62 0.05 16.40
C GLU B 363 -23.47 0.54 15.27
N PHE B 364 -24.52 -0.27 15.02
CA PHE B 364 -25.56 0.07 14.07
C PHE B 364 -26.71 0.48 14.97
N LEU B 365 -27.12 1.74 14.90
CA LEU B 365 -28.06 2.30 15.91
C LEU B 365 -29.37 2.47 15.18
N LYS B 366 -30.45 2.03 15.84
CA LYS B 366 -31.77 2.03 15.18
C LYS B 366 -32.42 3.40 15.24
N THR B 367 -31.96 4.20 16.17
CA THR B 367 -32.44 5.57 16.41
C THR B 367 -32.00 6.49 15.34
N GLU C 8 -30.30 7.81 4.24
CA GLU C 8 -29.08 8.49 4.78
C GLU C 8 -28.74 8.07 6.21
N ILE C 9 -27.63 7.34 6.40
CA ILE C 9 -27.27 6.90 7.75
C ILE C 9 -26.39 7.95 8.45
N GLN C 10 -26.69 8.32 9.69
CA GLN C 10 -25.92 9.30 10.44
C GLN C 10 -24.65 8.74 11.09
N ILE C 11 -23.51 9.37 10.82
CA ILE C 11 -22.27 8.92 11.47
C ILE C 11 -22.16 9.58 12.84
N ILE C 12 -22.14 8.77 13.88
CA ILE C 12 -21.93 9.30 15.23
C ILE C 12 -20.44 9.70 15.41
N PRO C 13 -20.17 10.96 15.82
CA PRO C 13 -18.75 11.36 16.06
C PRO C 13 -18.05 10.53 17.12
N THR C 14 -16.87 10.02 16.83
CA THR C 14 -16.14 9.16 17.73
C THR C 14 -14.68 9.57 17.64
N HIS C 15 -13.78 8.87 18.35
CA HIS C 15 -12.36 9.25 18.22
C HIS C 15 -11.96 8.83 16.84
N SER C 16 -12.48 7.70 16.37
CA SER C 16 -12.20 7.24 15.03
C SER C 16 -12.56 8.31 13.93
N SER C 17 -13.78 8.88 14.01
CA SER C 17 -14.18 9.84 12.98
C SER C 17 -13.46 11.21 13.15
N ASP C 18 -13.16 11.58 14.38
CA ASP C 18 -12.32 12.79 14.65
C ASP C 18 -10.90 12.60 14.06
N GLU C 19 -10.33 11.39 14.19
CA GLU C 19 -9.03 11.17 13.60
C GLU C 19 -9.09 11.36 12.08
N GLU C 20 -10.10 10.81 11.43
CA GLU C 20 -10.20 10.96 9.96
C GLU C 20 -10.39 12.43 9.60
N ALA C 21 -11.10 13.19 10.42
CA ALA C 21 -11.34 14.61 10.07
C ALA C 21 -10.03 15.41 10.29
N ASN C 22 -9.29 15.10 11.34
CA ASN C 22 -8.04 15.77 11.58
C ASN C 22 -7.05 15.49 10.43
N LEU C 23 -6.93 14.23 10.01
CA LEU C 23 -5.91 13.91 9.05
C LEU C 23 -6.28 14.42 7.70
N PHE C 24 -7.59 14.48 7.42
CA PHE C 24 -8.01 15.16 6.17
C PHE C 24 -7.63 16.63 6.14
N ALA C 25 -7.83 17.35 7.26
CA ALA C 25 -7.40 18.76 7.35
C ALA C 25 -5.89 18.87 7.15
N MET C 26 -5.14 17.96 7.75
CA MET C 26 -3.67 17.95 7.51
C MET C 26 -3.32 17.66 6.06
N GLN C 27 -4.03 16.74 5.43
CA GLN C 27 -3.79 16.46 4.01
C GLN C 27 -4.09 17.69 3.14
N LEU C 28 -5.23 18.33 3.43
CA LEU C 28 -5.55 19.55 2.73
C LEU C 28 -4.45 20.61 2.88
N ALA C 29 -3.93 20.78 4.08
CA ALA C 29 -2.96 21.82 4.37
C ALA C 29 -1.79 21.71 3.40
N SER C 30 -1.37 20.48 3.11
CA SER C 30 -0.13 20.31 2.39
C SER C 30 -0.39 19.71 1.00
N ALA C 31 -1.63 19.86 0.51
CA ALA C 31 -2.02 19.26 -0.74
C ALA C 31 -1.19 19.73 -1.94
N ALA C 32 -0.62 20.93 -1.87
CA ALA C 32 0.18 21.47 -2.96
C ALA C 32 1.47 20.65 -3.24
N VAL C 33 1.93 19.83 -2.26
CA VAL C 33 3.09 19.07 -2.43
C VAL C 33 2.92 18.13 -3.63
N LEU C 34 1.73 17.61 -3.86
CA LEU C 34 1.49 16.72 -5.00
C LEU C 34 1.83 17.38 -6.37
N PRO C 35 1.10 18.45 -6.76
CA PRO C 35 1.47 19.01 -8.07
C PRO C 35 2.93 19.50 -8.15
N MET C 36 3.46 20.03 -7.05
CA MET C 36 4.81 20.57 -7.07
C MET C 36 5.85 19.44 -7.22
N ALA C 37 5.62 18.30 -6.53
CA ALA C 37 6.54 17.16 -6.67
C ALA C 37 6.46 16.57 -8.11
N LEU C 38 5.24 16.44 -8.63
CA LEU C 38 4.97 16.00 -9.99
C LEU C 38 5.66 16.97 -11.01
N LYS C 39 5.52 18.27 -10.77
CA LYS C 39 6.19 19.23 -11.65
C LYS C 39 7.71 18.94 -11.65
N ALA C 40 8.31 18.79 -10.46
CA ALA C 40 9.75 18.49 -10.49
C ALA C 40 10.08 17.14 -11.18
N ALA C 41 9.27 16.10 -10.99
CA ALA C 41 9.50 14.84 -11.75
C ALA C 41 9.44 15.06 -13.27
N ILE C 42 8.49 15.85 -13.73
CA ILE C 42 8.38 16.10 -15.15
C ILE C 42 9.58 16.94 -15.65
N GLU C 43 10.00 17.96 -14.91
CA GLU C 43 11.15 18.79 -15.37
C GLU C 43 12.50 18.01 -15.34
N LEU C 44 12.56 16.97 -14.51
CA LEU C 44 13.80 16.21 -14.43
C LEU C 44 13.77 15.13 -15.46
N ASP C 45 12.66 15.05 -16.19
CA ASP C 45 12.29 14.00 -17.14
C ASP C 45 12.20 12.57 -16.53
N VAL C 46 11.83 12.51 -15.24
CA VAL C 46 11.72 11.21 -14.57
C VAL C 46 10.71 10.32 -15.25
N LEU C 47 9.56 10.85 -15.67
CA LEU C 47 8.59 9.91 -16.25
C LEU C 47 9.00 9.45 -17.63
N GLU C 48 9.63 10.30 -18.42
CA GLU C 48 10.15 9.83 -19.76
C GLU C 48 11.27 8.79 -19.60
N ILE C 49 12.18 9.01 -18.64
CA ILE C 49 13.20 8.01 -18.26
C ILE C 49 12.55 6.69 -17.90
N MET C 50 11.54 6.69 -17.03
CA MET C 50 10.76 5.48 -16.74
C MET C 50 10.12 4.87 -17.98
N ALA C 51 9.50 5.72 -18.80
CA ALA C 51 8.84 5.22 -20.00
C ALA C 51 9.84 4.48 -20.90
N LYS C 52 11.04 4.98 -21.01
CA LYS C 52 12.02 4.42 -21.96
C LYS C 52 12.86 3.29 -21.35
N SER C 53 13.13 3.37 -20.04
CA SER C 53 14.08 2.47 -19.34
C SER C 53 13.46 1.26 -18.68
N VAL C 54 12.13 1.20 -18.61
CA VAL C 54 11.51 0.19 -17.78
C VAL C 54 11.71 -1.13 -18.48
N PRO C 55 12.33 -2.14 -17.79
CA PRO C 55 12.32 -3.52 -18.34
C PRO C 55 10.94 -4.14 -18.15
N GLY C 58 6.76 -0.79 -15.69
CA GLY C 58 7.63 -1.05 -14.52
C GLY C 58 8.62 -2.16 -14.67
N TYR C 59 9.61 -2.26 -13.77
CA TYR C 59 9.81 -1.39 -12.60
C TYR C 59 11.27 -1.05 -12.52
N ILE C 60 11.60 0.14 -12.09
CA ILE C 60 12.95 0.58 -12.05
C ILE C 60 13.24 1.18 -10.69
N SER C 61 14.48 1.10 -10.23
CA SER C 61 14.85 1.67 -8.95
C SER C 61 15.17 3.11 -9.13
N PRO C 62 14.98 3.89 -8.07
CA PRO C 62 15.42 5.32 -8.09
C PRO C 62 16.93 5.46 -8.36
N ALA C 63 17.75 4.53 -7.89
CA ALA C 63 19.20 4.58 -8.28
C ALA C 63 19.42 4.41 -9.81
N GLU C 64 18.70 3.52 -10.46
CA GLU C 64 18.71 3.34 -11.93
C GLU C 64 18.10 4.54 -12.64
N ILE C 65 17.09 5.20 -12.07
CA ILE C 65 16.68 6.49 -12.67
C ILE C 65 17.78 7.57 -12.54
N ALA C 66 18.34 7.72 -11.35
CA ALA C 66 19.35 8.76 -11.09
C ALA C 66 20.58 8.62 -12.01
N ALA C 67 20.98 7.37 -12.28
CA ALA C 67 22.03 7.04 -13.24
C ALA C 67 21.77 7.57 -14.63
N GLN C 68 20.52 7.85 -15.00
CA GLN C 68 20.25 8.50 -16.25
C GLN C 68 20.09 10.03 -16.19
N LEU C 69 20.36 10.63 -15.04
CA LEU C 69 20.30 12.07 -14.86
C LEU C 69 21.71 12.64 -14.85
N PRO C 70 21.87 13.90 -15.29
CA PRO C 70 23.18 14.59 -15.25
C PRO C 70 23.47 15.04 -13.83
N THR C 71 23.91 14.13 -12.98
CA THR C 71 24.14 14.45 -11.59
C THR C 71 25.25 13.62 -11.02
N THR C 72 26.03 14.17 -10.12
CA THR C 72 26.80 13.30 -9.20
C THR C 72 26.37 13.45 -7.73
N ASN C 73 25.19 14.03 -7.49
CA ASN C 73 24.71 14.17 -6.12
C ASN C 73 24.46 12.78 -5.50
N PRO C 74 25.24 12.37 -4.45
CA PRO C 74 24.97 11.02 -3.83
C PRO C 74 23.52 10.81 -3.32
N GLU C 75 22.83 11.89 -3.01
CA GLU C 75 21.50 11.84 -2.43
C GLU C 75 20.41 11.83 -3.51
N ALA C 76 20.79 11.96 -4.79
CA ALA C 76 19.75 11.93 -5.85
C ALA C 76 18.82 10.75 -5.77
N PRO C 77 19.35 9.51 -5.66
CA PRO C 77 18.43 8.37 -5.67
C PRO C 77 17.41 8.41 -4.52
N VAL C 78 17.85 8.77 -3.35
CA VAL C 78 16.92 8.83 -2.19
C VAL C 78 15.95 10.00 -2.35
N MET C 79 16.41 11.10 -2.91
CA MET C 79 15.49 12.21 -3.16
C MET C 79 14.45 11.82 -4.19
N LEU C 80 14.89 11.08 -5.21
CA LEU C 80 13.95 10.59 -6.20
C LEU C 80 12.96 9.59 -5.60
N ASP C 81 13.47 8.75 -4.70
CA ASP C 81 12.66 7.73 -4.00
C ASP C 81 11.53 8.40 -3.25
N ARG C 82 11.88 9.46 -2.53
CA ARG C 82 10.89 10.17 -1.76
C ARG C 82 9.79 10.84 -2.56
N VAL C 83 10.16 11.49 -3.66
CA VAL C 83 9.21 12.01 -4.63
C VAL C 83 8.29 10.93 -5.22
N LEU C 84 8.91 9.85 -5.68
CA LEU C 84 8.15 8.80 -6.35
C LEU C 84 7.24 8.11 -5.34
N ARG C 85 7.63 8.04 -4.07
CA ARG C 85 6.74 7.43 -3.10
C ARG C 85 5.46 8.29 -2.94
N LEU C 86 5.62 9.59 -2.95
CA LEU C 86 4.44 10.46 -2.88
C LEU C 86 3.54 10.24 -4.14
N LEU C 87 4.17 10.16 -5.29
CA LEU C 87 3.42 10.04 -6.50
C LEU C 87 2.72 8.67 -6.47
N ALA C 88 3.41 7.65 -5.99
CA ALA C 88 2.79 6.31 -5.93
C ALA C 88 1.53 6.29 -5.06
N SER C 89 1.55 7.02 -3.95
CA SER C 89 0.40 6.97 -3.05
C SER C 89 -0.84 7.57 -3.71
N TYR C 90 -0.60 8.40 -4.69
CA TYR C 90 -1.72 9.06 -5.43
C TYR C 90 -2.00 8.38 -6.77
N SER C 91 -1.44 7.17 -6.95
CA SER C 91 -1.61 6.39 -8.21
C SER C 91 -1.15 7.11 -9.47
N VAL C 92 -0.16 8.01 -9.33
CA VAL C 92 0.48 8.55 -10.49
C VAL C 92 1.60 7.59 -11.00
N VAL C 93 2.27 6.94 -10.09
CA VAL C 93 3.10 5.83 -10.50
C VAL C 93 2.69 4.60 -9.74
N THR C 94 3.19 3.46 -10.15
CA THR C 94 2.98 2.23 -9.42
C THR C 94 4.30 1.83 -8.75
N TYR C 95 4.26 0.80 -7.89
CA TYR C 95 5.44 0.43 -7.16
C TYR C 95 5.43 -1.09 -6.95
N THR C 96 6.63 -1.65 -6.71
CA THR C 96 6.78 -2.98 -6.12
C THR C 96 7.88 -2.90 -5.11
N LEU C 97 7.86 -3.86 -4.21
CA LEU C 97 8.82 -3.86 -3.10
C LEU C 97 9.79 -5.03 -3.28
N ARG C 98 11.05 -4.78 -3.01
CA ARG C 98 12.07 -5.77 -3.17
C ARG C 98 12.82 -5.79 -1.87
N GLU C 99 13.03 -6.94 -1.30
CA GLU C 99 13.76 -6.90 -0.05
C GLU C 99 15.24 -6.93 -0.40
N LEU C 100 15.96 -6.05 0.21
CA LEU C 100 17.37 -6.02 0.00
C LEU C 100 18.00 -7.23 0.69
N PRO C 101 18.68 -8.05 -0.10
CA PRO C 101 19.38 -9.21 0.42
C PRO C 101 19.83 -8.86 1.81
N SER C 102 20.02 -7.57 2.03
CA SER C 102 20.53 -7.02 3.29
C SER C 102 19.51 -6.50 4.34
N GLY C 103 18.32 -7.09 4.35
CA GLY C 103 17.32 -6.73 5.33
C GLY C 103 16.31 -5.63 5.05
N LYS C 104 16.72 -4.55 4.43
CA LYS C 104 15.84 -3.37 4.30
C LYS C 104 14.94 -3.49 3.05
N VAL C 105 13.82 -2.79 3.05
CA VAL C 105 12.89 -2.80 1.92
C VAL C 105 13.12 -1.63 0.94
N GLU C 106 13.24 -1.96 -0.35
CA GLU C 106 13.47 -0.98 -1.45
C GLU C 106 12.22 -0.91 -2.34
N ARG C 107 11.91 0.26 -2.87
CA ARG C 107 10.79 0.35 -3.76
C ARG C 107 11.34 0.44 -5.19
N LEU C 108 10.72 -0.27 -6.13
CA LEU C 108 10.92 -0.02 -7.59
C LEU C 108 9.63 0.58 -8.13
N TYR C 109 9.69 1.40 -9.18
CA TYR C 109 8.53 2.11 -9.60
C TYR C 109 8.26 1.86 -11.05
N GLY C 110 6.99 1.94 -11.44
CA GLY C 110 6.62 1.81 -12.85
C GLY C 110 5.61 2.90 -13.15
N LEU C 111 5.21 3.02 -14.39
CA LEU C 111 4.28 4.08 -14.79
C LEU C 111 2.86 3.62 -14.54
N ALA C 112 2.00 4.49 -14.08
CA ALA C 112 0.59 4.11 -13.93
C ALA C 112 -0.14 4.55 -15.18
N PRO C 113 -1.41 4.16 -15.32
CA PRO C 113 -2.15 4.50 -16.51
C PRO C 113 -2.20 5.99 -16.83
N VAL C 114 -2.27 6.89 -15.83
CA VAL C 114 -2.25 8.37 -16.12
C VAL C 114 -0.97 8.86 -16.83
N CYS C 115 0.10 8.11 -16.68
CA CYS C 115 1.33 8.54 -17.34
C CYS C 115 1.21 8.44 -18.86
N LYS C 116 0.19 7.80 -19.37
CA LYS C 116 -0.04 7.85 -20.83
C LYS C 116 -0.13 9.32 -21.25
N PHE C 117 -0.72 10.17 -20.39
CA PHE C 117 -0.88 11.59 -20.76
C PHE C 117 0.13 12.55 -20.17
N LEU C 118 1.12 12.03 -19.42
CA LEU C 118 2.18 12.79 -18.82
C LEU C 118 3.53 12.49 -19.47
N THR C 119 3.51 11.66 -20.51
CA THR C 119 4.71 11.32 -21.32
C THR C 119 4.36 11.38 -22.78
N LYS C 120 5.34 11.67 -23.60
CA LYS C 120 5.07 11.91 -25.04
C LYS C 120 4.45 10.69 -25.68
N ASN C 121 3.41 10.89 -26.47
CA ASN C 121 2.78 9.81 -27.18
C ASN C 121 3.45 9.66 -28.59
N GLU C 122 3.08 8.64 -29.35
CA GLU C 122 3.32 8.56 -30.78
C GLU C 122 2.81 9.85 -31.34
N ASP C 123 3.65 10.57 -32.02
CA ASP C 123 3.35 11.96 -32.37
C ASP C 123 3.89 13.08 -31.50
N GLY C 124 4.75 12.74 -30.56
CA GLY C 124 5.34 13.72 -29.67
C GLY C 124 4.52 14.71 -28.88
N VAL C 125 3.47 14.23 -28.21
CA VAL C 125 2.65 15.13 -27.40
C VAL C 125 2.06 14.50 -26.12
N SER C 126 2.06 15.27 -25.03
CA SER C 126 1.40 14.87 -23.78
C SER C 126 0.82 16.09 -23.10
N LEU C 127 0.31 15.90 -21.88
CA LEU C 127 -0.24 16.98 -21.10
C LEU C 127 0.80 17.52 -20.13
N ALA C 128 2.03 17.02 -20.19
CA ALA C 128 3.05 17.48 -19.25
C ALA C 128 3.30 18.99 -19.39
N PRO C 129 3.33 19.51 -20.64
CA PRO C 129 3.56 20.96 -20.67
C PRO C 129 2.39 21.76 -20.11
N PHE C 130 1.20 21.18 -20.13
CA PHE C 130 0.11 21.84 -19.51
C PHE C 130 0.27 21.84 -17.96
N LEU C 131 0.74 20.70 -17.42
CA LEU C 131 1.06 20.67 -16.01
C LEU C 131 2.15 21.68 -15.62
N LEU C 132 3.20 21.86 -16.42
CA LEU C 132 4.23 22.86 -16.13
C LEU C 132 3.71 24.28 -16.17
N LEU C 133 2.70 24.48 -16.99
CA LEU C 133 2.10 25.80 -17.07
C LEU C 133 1.27 25.99 -15.80
N ALA C 134 0.42 25.03 -15.47
CA ALA C 134 -0.53 25.19 -14.34
C ALA C 134 0.21 25.31 -13.00
N THR C 135 1.43 24.80 -12.94
CA THR C 135 2.28 24.89 -11.74
C THR C 135 3.39 25.95 -11.81
N ASP C 136 3.40 26.80 -12.85
CA ASP C 136 4.40 27.82 -12.95
C ASP C 136 4.34 28.86 -11.80
N LYS C 137 5.50 29.35 -11.40
CA LYS C 137 5.63 30.40 -10.40
C LYS C 137 4.71 31.57 -10.70
N VAL C 138 4.63 31.88 -12.00
CA VAL C 138 3.85 33.05 -12.41
C VAL C 138 2.37 32.87 -12.05
N LEU C 139 1.91 31.64 -12.10
CA LEU C 139 0.50 31.38 -11.88
C LEU C 139 0.13 31.02 -10.49
N LEU C 140 1.11 30.79 -9.63
CA LEU C 140 0.82 30.57 -8.24
C LEU C 140 0.67 31.90 -7.50
N GLU C 141 1.47 32.87 -7.93
CA GLU C 141 1.44 34.16 -7.27
C GLU C 141 0.04 34.83 -7.06
N PRO C 142 -0.87 34.83 -8.07
CA PRO C 142 -2.18 35.49 -7.86
C PRO C 142 -2.97 34.91 -6.71
N TRP C 143 -2.74 33.63 -6.39
CA TRP C 143 -3.52 33.02 -5.34
C TRP C 143 -3.36 33.76 -4.02
N PHE C 144 -2.27 34.50 -3.85
CA PHE C 144 -2.09 35.20 -2.60
C PHE C 144 -2.85 36.53 -2.53
N TYR C 145 -3.51 36.87 -3.64
CA TYR C 145 -4.29 38.12 -3.69
C TYR C 145 -5.74 37.79 -3.84
N LEU C 146 -6.11 36.52 -3.69
CA LEU C 146 -7.52 36.16 -3.87
C LEU C 146 -8.39 36.86 -2.80
N LYS C 147 -7.95 36.80 -1.54
CA LYS C 147 -8.66 37.47 -0.47
C LYS C 147 -8.86 38.94 -0.83
N ASP C 148 -7.80 39.62 -1.22
CA ASP C 148 -7.88 41.05 -1.59
C ASP C 148 -8.91 41.31 -2.69
N ALA C 149 -8.97 40.46 -3.74
CA ALA C 149 -9.89 40.68 -4.85
C ALA C 149 -11.35 40.47 -4.38
N ILE C 150 -11.56 39.50 -3.50
CA ILE C 150 -12.92 39.32 -3.01
C ILE C 150 -13.30 40.54 -2.16
N LEU C 151 -12.43 40.97 -1.26
CA LEU C 151 -12.82 42.14 -0.46
C LEU C 151 -12.72 43.50 -1.19
N GLU C 152 -11.75 43.66 -2.06
CA GLU C 152 -11.51 44.99 -2.60
C GLU C 152 -11.94 45.14 -4.04
N GLY C 153 -12.46 44.04 -4.65
CA GLY C 153 -12.78 43.93 -6.07
C GLY C 153 -11.58 43.64 -6.94
N GLY C 154 -11.81 43.37 -8.23
CA GLY C 154 -10.65 43.24 -9.11
C GLY C 154 -10.29 41.81 -9.34
N ILE C 155 -9.07 41.63 -9.83
CA ILE C 155 -8.68 40.30 -10.37
C ILE C 155 -7.37 39.98 -9.70
N PRO C 156 -7.27 38.82 -9.06
CA PRO C 156 -6.05 38.60 -8.27
C PRO C 156 -4.75 38.68 -9.09
N PHE C 157 -4.80 38.19 -10.32
CA PHE C 157 -3.65 38.23 -11.21
C PHE C 157 -3.29 39.71 -11.48
N ASN C 158 -4.29 40.55 -11.74
CA ASN C 158 -3.94 41.99 -12.00
C ASN C 158 -3.36 42.67 -10.77
N LYS C 159 -3.77 42.22 -9.58
CA LYS C 159 -3.16 42.74 -8.35
C LYS C 159 -1.72 42.31 -8.18
N ALA C 160 -1.43 41.08 -8.61
CA ALA C 160 -0.09 40.52 -8.50
C ALA C 160 0.93 41.37 -9.28
N TYR C 161 0.70 41.53 -10.57
CA TYR C 161 1.59 42.31 -11.42
C TYR C 161 1.27 43.63 -12.11
N GLY C 162 0.09 44.17 -11.83
CA GLY C 162 -0.33 45.44 -12.40
C GLY C 162 -0.88 45.34 -13.82
N MET C 163 -1.33 44.19 -14.33
CA MET C 163 -1.87 44.10 -15.70
C MET C 163 -2.57 42.75 -15.84
N ASN C 164 -3.37 42.59 -16.88
CA ASN C 164 -4.01 41.32 -17.11
C ASN C 164 -3.03 40.27 -17.66
N ILE C 165 -3.51 39.04 -17.61
CA ILE C 165 -2.62 37.95 -17.86
C ILE C 165 -2.14 37.99 -19.28
N PHE C 166 -2.99 38.34 -20.23
CA PHE C 166 -2.52 38.41 -21.62
C PHE C 166 -1.50 39.50 -21.88
N ASP C 167 -1.70 40.68 -21.26
CA ASP C 167 -0.64 41.72 -21.34
C ASP C 167 0.62 41.25 -20.66
N TYR C 168 0.47 40.47 -19.59
CA TYR C 168 1.66 40.01 -18.92
C TYR C 168 2.47 39.06 -19.84
N HIS C 169 1.79 38.18 -20.59
CA HIS C 169 2.46 37.24 -21.56
C HIS C 169 3.28 38.05 -22.60
N GLY C 170 2.75 39.21 -22.96
CA GLY C 170 3.46 40.15 -23.88
C GLY C 170 4.69 40.75 -23.24
N THR C 171 4.84 40.73 -21.90
CA THR C 171 6.04 41.26 -21.24
C THR C 171 6.99 40.19 -20.67
N ASP C 172 6.47 38.98 -20.39
CA ASP C 172 7.30 37.90 -19.83
C ASP C 172 7.38 36.81 -20.91
N HIS C 173 8.49 36.81 -21.64
CA HIS C 173 8.63 35.89 -22.73
C HIS C 173 8.76 34.43 -22.30
N ARG C 174 9.32 34.20 -21.10
CA ARG C 174 9.40 32.85 -20.56
C ARG C 174 8.00 32.30 -20.38
N ILE C 175 7.11 33.04 -19.69
CA ILE C 175 5.78 32.52 -19.40
C ILE C 175 4.96 32.47 -20.68
N ASN C 176 5.18 33.39 -21.61
CA ASN C 176 4.46 33.35 -22.87
C ASN C 176 4.72 31.99 -23.56
N LYS C 177 5.96 31.59 -23.63
CA LYS C 177 6.32 30.30 -24.27
C LYS C 177 5.68 29.10 -23.53
N VAL C 178 5.73 29.14 -22.18
CA VAL C 178 5.21 28.08 -21.31
C VAL C 178 3.71 27.93 -21.50
N PHE C 179 3.02 29.09 -21.51
CA PHE C 179 1.62 29.13 -21.71
C PHE C 179 1.27 28.63 -23.12
N ASN C 180 1.99 29.08 -24.15
CA ASN C 180 1.58 28.74 -25.54
C ASN C 180 1.77 27.24 -25.78
N LYS C 181 2.87 26.71 -25.25
CA LYS C 181 3.20 25.25 -25.33
C LYS C 181 2.21 24.42 -24.51
N GLY C 182 1.86 24.89 -23.31
CA GLY C 182 0.84 24.25 -22.49
C GLY C 182 -0.50 24.13 -23.18
N MET C 183 -0.97 25.24 -23.74
CA MET C 183 -2.27 25.24 -24.40
C MET C 183 -2.29 24.38 -25.67
N SER C 184 -1.20 24.46 -26.42
CA SER C 184 -1.02 23.72 -27.68
C SER C 184 -1.05 22.21 -27.43
N SER C 185 -0.31 21.77 -26.42
CA SER C 185 -0.28 20.34 -26.06
C SER C 185 -1.65 19.86 -25.72
N ASN C 186 -2.32 20.59 -24.81
CA ASN C 186 -3.66 20.21 -24.39
C ASN C 186 -4.68 20.16 -25.55
N SER C 187 -4.70 21.22 -26.38
CA SER C 187 -5.64 21.28 -27.52
C SER C 187 -5.33 20.25 -28.56
N THR C 188 -4.05 19.93 -28.71
CA THR C 188 -3.66 18.84 -29.64
C THR C 188 -4.37 17.53 -29.27
N ILE C 189 -4.20 17.15 -28.02
CA ILE C 189 -4.80 15.92 -27.51
C ILE C 189 -6.31 15.88 -27.65
N THR C 190 -6.95 16.99 -27.29
CA THR C 190 -8.40 17.06 -27.38
C THR C 190 -8.90 17.09 -28.84
N MET C 191 -8.24 17.90 -29.65
CA MET C 191 -8.64 18.10 -31.07
C MET C 191 -8.50 16.79 -31.86
N LYS C 192 -7.49 15.97 -31.50
CA LYS C 192 -7.34 14.74 -32.23
C LYS C 192 -8.58 13.89 -32.03
N LYS C 193 -9.13 13.88 -30.82
CA LYS C 193 -10.31 13.09 -30.57
C LYS C 193 -11.55 13.83 -31.10
N ILE C 194 -11.57 15.17 -30.98
CA ILE C 194 -12.66 15.95 -31.56
C ILE C 194 -12.79 15.54 -33.06
N LEU C 195 -11.67 15.54 -33.76
CA LEU C 195 -11.66 15.34 -35.22
C LEU C 195 -12.15 13.97 -35.61
N GLU C 196 -11.99 13.01 -34.71
CA GLU C 196 -12.49 11.67 -34.97
C GLU C 196 -14.01 11.60 -34.98
N MET C 197 -14.68 12.41 -34.16
CA MET C 197 -16.12 12.22 -33.97
C MET C 197 -16.99 13.36 -34.45
N TYR C 198 -16.36 14.50 -34.71
CA TYR C 198 -17.10 15.70 -35.08
C TYR C 198 -16.96 15.96 -36.58
N ASN C 199 -18.10 16.07 -37.24
CA ASN C 199 -18.17 16.23 -38.67
C ASN C 199 -18.39 17.65 -39.17
N GLY C 200 -18.54 18.61 -38.26
CA GLY C 200 -18.87 19.99 -38.59
C GLY C 200 -17.84 20.74 -39.42
N PHE C 201 -16.63 20.22 -39.57
CA PHE C 201 -15.67 20.93 -40.40
C PHE C 201 -15.77 20.55 -41.86
N GLU C 202 -16.28 19.35 -42.14
CA GLU C 202 -16.30 18.90 -43.54
C GLU C 202 -17.16 19.86 -44.39
N GLY C 203 -16.66 20.24 -45.56
CA GLY C 203 -17.41 21.12 -46.45
C GLY C 203 -17.05 22.59 -46.44
N LEU C 204 -16.44 23.07 -45.37
CA LEU C 204 -16.07 24.50 -45.29
C LEU C 204 -14.88 24.88 -46.21
N THR C 205 -14.87 26.10 -46.72
CA THR C 205 -13.72 26.55 -47.50
C THR C 205 -12.70 27.22 -46.59
N THR C 206 -13.16 28.08 -45.66
CA THR C 206 -12.26 28.90 -44.80
C THR C 206 -12.66 28.65 -43.33
N ILE C 207 -11.69 28.58 -42.43
CA ILE C 207 -12.06 28.56 -41.00
C ILE C 207 -11.17 29.49 -40.28
N VAL C 208 -11.72 30.24 -39.33
CA VAL C 208 -10.85 31.07 -38.55
C VAL C 208 -10.82 30.56 -37.11
N ASP C 209 -9.61 30.34 -36.62
CA ASP C 209 -9.36 30.00 -35.19
C ASP C 209 -9.08 31.26 -34.34
N VAL C 210 -10.11 31.69 -33.66
CA VAL C 210 -10.04 32.92 -32.87
C VAL C 210 -9.45 32.60 -31.49
N GLY C 211 -8.39 33.32 -31.13
CA GLY C 211 -7.53 32.90 -30.04
C GLY C 211 -6.95 31.52 -30.25
N GLY C 212 -6.47 31.25 -31.47
CA GLY C 212 -5.90 29.94 -31.81
C GLY C 212 -4.54 29.66 -31.27
N GLY C 213 -3.99 30.59 -30.49
CA GLY C 213 -2.65 30.39 -29.92
C GLY C 213 -1.60 30.23 -31.01
N THR C 214 -0.70 29.27 -30.85
CA THR C 214 0.37 29.11 -31.84
C THR C 214 -0.07 28.25 -33.02
N GLY C 215 -1.36 27.93 -33.12
CA GLY C 215 -1.94 27.38 -34.37
C GLY C 215 -2.07 25.86 -34.49
N ALA C 216 -1.94 25.16 -33.34
CA ALA C 216 -2.00 23.71 -33.34
C ALA C 216 -3.31 23.19 -33.87
N VAL C 217 -4.41 23.82 -33.47
CA VAL C 217 -5.70 23.38 -33.89
C VAL C 217 -5.99 23.68 -35.35
N ALA C 218 -5.66 24.90 -35.77
CA ALA C 218 -5.76 25.28 -37.18
C ALA C 218 -4.97 24.25 -38.03
N SER C 219 -3.72 23.96 -37.64
CA SER C 219 -2.90 23.05 -38.44
C SER C 219 -3.46 21.61 -38.50
N MET C 220 -4.08 21.13 -37.42
CA MET C 220 -4.68 19.80 -37.43
C MET C 220 -5.90 19.76 -38.30
N ILE C 221 -6.63 20.87 -38.36
CA ILE C 221 -7.88 20.84 -39.10
C ILE C 221 -7.49 20.79 -40.59
N VAL C 222 -6.50 21.61 -40.95
CA VAL C 222 -6.00 21.66 -42.34
C VAL C 222 -5.36 20.31 -42.75
N ALA C 223 -4.65 19.63 -41.84
CA ALA C 223 -4.15 18.25 -42.10
C ALA C 223 -5.27 17.23 -42.46
N LYS C 224 -6.34 17.22 -41.67
CA LYS C 224 -7.50 16.37 -41.93
C LYS C 224 -8.29 16.76 -43.19
N TYR C 225 -8.37 18.06 -43.46
CA TYR C 225 -9.24 18.54 -44.52
C TYR C 225 -8.44 19.39 -45.44
N PRO C 226 -7.69 18.77 -46.40
CA PRO C 226 -6.73 19.65 -47.08
C PRO C 226 -7.35 20.69 -48.07
N SER C 227 -8.66 20.64 -48.34
CA SER C 227 -9.33 21.68 -49.14
C SER C 227 -9.77 22.92 -48.30
N ILE C 228 -9.55 22.86 -46.99
CA ILE C 228 -9.81 24.02 -46.08
C ILE C 228 -8.59 24.96 -46.00
N ASN C 229 -8.87 26.25 -45.99
CA ASN C 229 -7.92 27.31 -45.76
C ASN C 229 -8.20 27.80 -44.32
N ALA C 230 -7.16 27.95 -43.51
CA ALA C 230 -7.38 28.32 -42.10
C ALA C 230 -6.66 29.59 -41.76
N ILE C 231 -7.27 30.38 -40.88
CA ILE C 231 -6.65 31.56 -40.39
C ILE C 231 -6.52 31.33 -38.87
N ASN C 232 -5.31 31.35 -38.39
CA ASN C 232 -5.02 31.36 -36.97
C ASN C 232 -4.88 32.78 -36.46
N PHE C 233 -5.89 33.21 -35.71
CA PHE C 233 -5.97 34.57 -35.24
C PHE C 233 -5.68 34.64 -33.73
N ASP C 234 -4.73 35.47 -33.33
CA ASP C 234 -4.45 35.64 -31.88
C ASP C 234 -3.73 36.99 -31.69
N LEU C 235 -3.26 37.22 -30.47
CA LEU C 235 -2.50 38.42 -30.17
C LEU C 235 -1.14 38.41 -30.82
N PRO C 236 -0.64 39.62 -31.15
CA PRO C 236 0.68 39.68 -31.79
C PRO C 236 1.88 38.94 -31.11
N HIS C 237 2.07 39.13 -29.79
CA HIS C 237 3.07 38.36 -29.07
C HIS C 237 2.87 36.83 -29.11
N VAL C 238 1.69 36.32 -29.41
CA VAL C 238 1.49 34.87 -29.60
C VAL C 238 1.84 34.51 -31.05
N ILE C 239 1.34 35.32 -31.98
CA ILE C 239 1.49 35.04 -33.41
C ILE C 239 2.94 35.08 -33.85
N GLN C 240 3.69 36.02 -33.30
CA GLN C 240 5.14 36.10 -33.57
C GLN C 240 5.84 34.75 -33.42
N ASP C 241 5.31 33.87 -32.58
CA ASP C 241 5.92 32.56 -32.31
C ASP C 241 5.18 31.36 -32.94
N ALA C 242 4.18 31.63 -33.76
CA ALA C 242 3.44 30.55 -34.42
C ALA C 242 4.29 29.92 -35.55
N PRO C 243 4.59 28.61 -35.48
CA PRO C 243 5.29 27.92 -36.59
C PRO C 243 4.51 28.04 -37.91
N ALA C 244 5.21 28.21 -39.01
CA ALA C 244 4.57 28.23 -40.32
C ALA C 244 3.98 26.83 -40.60
N PHE C 245 2.83 26.77 -41.26
CA PHE C 245 2.19 25.49 -41.58
C PHE C 245 1.36 25.71 -42.83
N SER C 246 1.50 24.79 -43.78
CA SER C 246 0.84 24.96 -45.07
C SER C 246 -0.66 24.90 -44.99
N GLY C 247 -1.31 25.90 -45.56
CA GLY C 247 -2.76 26.01 -45.40
C GLY C 247 -3.18 26.93 -44.24
N VAL C 248 -2.22 27.38 -43.43
CA VAL C 248 -2.56 28.21 -42.27
C VAL C 248 -2.03 29.62 -42.41
N GLU C 249 -2.92 30.60 -42.32
CA GLU C 249 -2.48 31.98 -42.27
C GLU C 249 -2.54 32.48 -40.84
N HIS C 250 -1.39 32.95 -40.34
CA HIS C 250 -1.27 33.51 -38.96
C HIS C 250 -1.40 35.01 -38.97
N LEU C 251 -2.36 35.53 -38.19
CA LEU C 251 -2.72 36.93 -38.23
C LEU C 251 -2.80 37.43 -36.79
N GLY C 252 -2.25 38.58 -36.51
CA GLY C 252 -2.24 39.15 -35.18
C GLY C 252 -3.27 40.26 -35.11
N GLY C 253 -3.99 40.31 -34.00
CA GLY C 253 -4.98 41.38 -33.79
C GLY C 253 -5.58 41.24 -32.40
N ASP C 254 -6.73 41.86 -32.21
CA ASP C 254 -7.41 41.77 -30.93
C ASP C 254 -8.80 41.47 -31.38
N MET C 255 -9.32 40.31 -30.95
CA MET C 255 -10.61 39.84 -31.34
C MET C 255 -11.79 40.74 -30.94
N PHE C 256 -11.61 41.56 -29.91
CA PHE C 256 -12.72 42.46 -29.45
C PHE C 256 -12.88 43.65 -30.38
N ASP C 257 -11.86 43.89 -31.17
CA ASP C 257 -11.87 44.89 -32.21
C ASP C 257 -12.38 44.39 -33.54
N GLY C 258 -12.61 43.08 -33.63
CA GLY C 258 -12.96 42.43 -34.91
C GLY C 258 -12.24 41.08 -35.06
N VAL C 259 -12.88 40.18 -35.78
CA VAL C 259 -12.25 38.93 -36.20
C VAL C 259 -12.30 38.75 -37.73
N PRO C 260 -11.29 38.03 -38.28
CA PRO C 260 -11.16 37.78 -39.71
C PRO C 260 -12.40 37.10 -40.26
N LYS C 261 -12.73 37.35 -41.53
CA LYS C 261 -13.86 36.67 -42.12
C LYS C 261 -13.50 35.22 -42.47
N GLY C 262 -14.48 34.34 -42.38
CA GLY C 262 -14.33 32.96 -42.86
C GLY C 262 -15.70 32.34 -42.91
N ASP C 263 -15.80 31.10 -43.37
CA ASP C 263 -17.09 30.38 -43.36
C ASP C 263 -17.57 29.88 -42.01
N ALA C 264 -16.61 29.55 -41.14
CA ALA C 264 -16.93 29.24 -39.77
C ALA C 264 -15.83 29.79 -38.89
N ILE C 265 -16.17 30.02 -37.63
CA ILE C 265 -15.19 30.49 -36.69
C ILE C 265 -15.14 29.42 -35.58
N PHE C 266 -13.93 29.08 -35.17
CA PHE C 266 -13.74 28.10 -34.11
C PHE C 266 -13.12 28.78 -32.92
N ILE C 267 -13.73 28.63 -31.74
CA ILE C 267 -13.16 29.29 -30.53
C ILE C 267 -13.01 28.18 -29.49
N LYS C 268 -11.80 27.88 -29.07
CA LYS C 268 -11.67 26.82 -28.08
C LYS C 268 -11.10 27.43 -26.82
N TRP C 269 -11.73 27.20 -25.68
CA TRP C 269 -11.28 27.72 -24.42
C TRP C 269 -11.18 29.24 -24.43
N ILE C 270 -12.10 29.89 -25.14
CA ILE C 270 -12.00 31.33 -25.24
C ILE C 270 -13.11 31.88 -24.35
N CYS C 271 -14.34 31.46 -24.56
CA CYS C 271 -15.46 31.99 -23.78
C CYS C 271 -15.21 31.97 -22.27
N HIS C 272 -14.61 30.89 -21.76
CA HIS C 272 -14.44 30.82 -20.29
C HIS C 272 -13.43 31.79 -19.72
N ASP C 273 -12.61 32.46 -20.54
CA ASP C 273 -11.69 33.48 -20.08
C ASP C 273 -12.35 34.88 -19.75
N TRP C 274 -13.59 35.07 -20.16
CA TRP C 274 -14.20 36.42 -20.30
C TRP C 274 -15.58 36.47 -19.72
N SER C 275 -15.99 37.62 -19.17
CA SER C 275 -17.37 37.84 -18.69
C SER C 275 -18.36 37.71 -19.81
N ASP C 276 -19.63 37.54 -19.43
CA ASP C 276 -20.72 37.46 -20.40
C ASP C 276 -20.73 38.68 -21.40
N GLU C 277 -20.42 39.89 -20.91
CA GLU C 277 -20.40 41.10 -21.76
C GLU C 277 -19.26 41.08 -22.78
N HIS C 278 -18.13 40.53 -22.36
CA HIS C 278 -16.98 40.43 -23.24
C HIS C 278 -17.30 39.35 -24.26
N CYS C 279 -17.97 38.28 -23.79
CA CYS C 279 -18.40 37.18 -24.68
C CYS C 279 -19.38 37.63 -25.72
N LEU C 280 -20.43 38.32 -25.27
CA LEU C 280 -21.46 38.84 -26.19
C LEU C 280 -20.78 39.68 -27.33
N LYS C 281 -19.82 40.51 -26.96
CA LYS C 281 -19.07 41.38 -27.85
C LYS C 281 -18.23 40.60 -28.87
N LEU C 282 -17.45 39.63 -28.38
CA LEU C 282 -16.77 38.70 -29.29
C LEU C 282 -17.73 37.95 -30.22
N LEU C 283 -18.85 37.45 -29.71
CA LEU C 283 -19.80 36.69 -30.52
C LEU C 283 -20.52 37.57 -31.58
N LYS C 284 -20.76 38.83 -31.24
CA LYS C 284 -21.26 39.77 -32.26
C LYS C 284 -20.21 40.01 -33.33
N ASN C 285 -18.96 40.14 -32.91
CA ASN C 285 -17.87 40.25 -33.85
C ASN C 285 -17.77 39.04 -34.78
N CYS C 286 -18.00 37.86 -34.20
CA CYS C 286 -18.08 36.63 -34.95
C CYS C 286 -19.26 36.61 -35.91
N TYR C 287 -20.43 36.97 -35.41
CA TYR C 287 -21.65 37.07 -36.24
C TYR C 287 -21.40 37.91 -37.50
N ALA C 288 -20.69 39.02 -37.33
CA ALA C 288 -20.43 39.99 -38.41
C ALA C 288 -19.34 39.51 -39.40
N ALA C 289 -18.44 38.65 -38.95
CA ALA C 289 -17.45 38.14 -39.86
C ALA C 289 -17.92 36.89 -40.62
N LEU C 290 -19.15 36.42 -40.40
CA LEU C 290 -19.57 35.16 -41.05
C LEU C 290 -20.63 35.40 -42.14
N PRO C 291 -20.71 34.49 -43.12
CA PRO C 291 -21.77 34.64 -44.11
C PRO C 291 -23.09 34.35 -43.50
N ASP C 292 -24.15 34.46 -44.30
CA ASP C 292 -25.51 34.26 -43.78
C ASP C 292 -25.79 32.90 -43.12
N HIS C 293 -25.14 31.84 -43.58
CA HIS C 293 -25.29 30.53 -42.90
C HIS C 293 -24.02 30.06 -42.19
N GLY C 294 -23.18 30.99 -41.78
CA GLY C 294 -21.99 30.64 -41.01
C GLY C 294 -22.32 30.15 -39.60
N LYS C 295 -21.30 29.65 -38.92
CA LYS C 295 -21.49 29.09 -37.58
C LYS C 295 -20.26 29.39 -36.78
N VAL C 296 -20.48 29.47 -35.48
CA VAL C 296 -19.36 29.52 -34.57
C VAL C 296 -19.28 28.10 -33.96
N ILE C 297 -18.09 27.52 -33.98
CA ILE C 297 -17.90 26.23 -33.32
C ILE C 297 -17.21 26.58 -31.99
N VAL C 298 -17.87 26.29 -30.88
CA VAL C 298 -17.39 26.70 -29.54
C VAL C 298 -17.03 25.42 -28.77
N ALA C 299 -15.78 25.33 -28.33
CA ALA C 299 -15.31 24.12 -27.63
C ALA C 299 -14.96 24.55 -26.22
N GLU C 300 -15.74 24.05 -25.29
CA GLU C 300 -15.64 24.47 -23.90
C GLU C 300 -16.13 23.36 -22.98
N TYR C 301 -15.77 23.51 -21.71
CA TYR C 301 -16.36 22.70 -20.69
C TYR C 301 -17.81 23.21 -20.46
N ILE C 302 -18.65 22.37 -19.88
CA ILE C 302 -20.01 22.75 -19.46
C ILE C 302 -20.13 22.43 -17.97
N LEU C 303 -20.43 23.45 -17.17
CA LEU C 303 -20.65 23.23 -15.78
C LEU C 303 -21.63 22.06 -15.56
N PRO C 304 -21.27 21.10 -14.67
CA PRO C 304 -22.23 20.11 -14.21
C PRO C 304 -23.33 20.68 -13.28
N PRO C 305 -24.45 19.93 -13.10
CA PRO C 305 -25.62 20.25 -12.27
C PRO C 305 -25.31 20.62 -10.79
N SER C 306 -24.36 19.90 -10.19
CA SER C 306 -24.01 20.01 -8.78
C SER C 306 -22.49 19.87 -8.64
N PRO C 307 -21.88 20.32 -7.51
CA PRO C 307 -20.42 20.05 -7.33
C PRO C 307 -20.20 18.62 -6.79
N ASP C 308 -20.47 17.62 -7.59
CA ASP C 308 -20.36 16.25 -7.14
C ASP C 308 -18.86 15.88 -7.06
N PRO C 309 -18.51 14.70 -6.46
CA PRO C 309 -17.05 14.48 -6.30
C PRO C 309 -16.35 13.79 -7.50
N SER C 310 -17.05 13.55 -8.61
CA SER C 310 -16.41 12.86 -9.74
C SER C 310 -15.19 13.66 -10.29
N ILE C 311 -14.26 12.97 -10.94
CA ILE C 311 -13.08 13.65 -11.43
C ILE C 311 -13.47 14.62 -12.59
N ALA C 312 -14.31 14.17 -13.53
CA ALA C 312 -14.82 15.04 -14.61
C ALA C 312 -15.42 16.34 -14.08
N THR C 313 -16.24 16.26 -13.05
CA THR C 313 -16.77 17.50 -12.43
C THR C 313 -15.72 18.34 -11.76
N LYS C 314 -14.89 17.69 -10.93
CA LYS C 314 -13.74 18.37 -10.40
C LYS C 314 -12.91 19.12 -11.43
N VAL C 315 -12.63 18.53 -12.60
CA VAL C 315 -11.79 19.24 -13.57
C VAL C 315 -12.47 20.58 -14.01
N VAL C 316 -13.78 20.52 -14.22
CA VAL C 316 -14.53 21.73 -14.61
C VAL C 316 -14.56 22.74 -13.44
N ILE C 317 -14.70 22.28 -12.21
CA ILE C 317 -14.77 23.27 -11.08
C ILE C 317 -13.38 23.82 -10.78
N HIS C 318 -12.35 22.96 -10.86
CA HIS C 318 -11.00 23.50 -10.82
C HIS C 318 -10.80 24.65 -11.84
N THR C 319 -11.20 24.43 -13.08
CA THR C 319 -10.90 25.43 -14.08
C THR C 319 -11.72 26.70 -13.82
N ASP C 320 -12.95 26.54 -13.36
CA ASP C 320 -13.76 27.72 -12.91
C ASP C 320 -13.00 28.55 -11.84
N ALA C 321 -12.50 27.87 -10.83
CA ALA C 321 -11.64 28.57 -9.83
C ALA C 321 -10.39 29.23 -10.37
N LEU C 322 -9.68 28.58 -11.29
CA LEU C 322 -8.58 29.20 -11.99
C LEU C 322 -8.97 30.46 -12.78
N MET C 323 -10.11 30.42 -13.48
CA MET C 323 -10.70 31.62 -14.05
C MET C 323 -11.41 32.33 -12.90
N LEU C 324 -10.82 32.54 -11.79
CA LEU C 324 -11.35 33.48 -10.87
C LEU C 324 -10.10 34.26 -10.53
N ALA C 325 -8.99 33.55 -10.48
CA ALA C 325 -7.72 34.09 -10.12
C ALA C 325 -7.08 34.84 -11.22
N TYR C 326 -7.19 34.35 -12.41
CA TYR C 326 -6.33 34.74 -13.46
C TYR C 326 -6.97 35.66 -14.42
N ASN C 327 -8.25 35.56 -14.59
CA ASN C 327 -8.80 36.12 -15.77
C ASN C 327 -9.80 37.20 -15.54
N PRO C 328 -10.01 37.99 -16.57
CA PRO C 328 -10.93 39.11 -16.50
C PRO C 328 -12.33 38.58 -16.60
N GLY C 329 -12.96 38.27 -15.49
CA GLY C 329 -14.34 37.80 -15.45
C GLY C 329 -14.71 36.41 -15.93
N GLY C 330 -13.72 35.65 -16.34
CA GLY C 330 -13.97 34.33 -16.83
C GLY C 330 -14.65 33.42 -15.84
N LYS C 331 -15.37 32.46 -16.36
CA LYS C 331 -16.02 31.43 -15.58
C LYS C 331 -16.50 30.32 -16.47
N GLU C 332 -16.79 29.18 -15.86
CA GLU C 332 -17.42 28.09 -16.58
C GLU C 332 -18.93 28.30 -16.58
N ARG C 333 -19.57 27.76 -17.60
CA ARG C 333 -21.01 28.03 -17.90
C ARG C 333 -21.83 26.77 -18.16
N THR C 334 -23.16 26.81 -17.99
CA THR C 334 -23.97 25.66 -18.26
C THR C 334 -24.40 25.73 -19.69
N GLU C 335 -25.06 24.67 -20.13
CA GLU C 335 -25.54 24.55 -21.52
C GLU C 335 -26.59 25.65 -21.81
N LYS C 336 -27.46 25.94 -20.82
CA LYS C 336 -28.41 27.05 -20.95
C LYS C 336 -27.73 28.38 -21.06
N GLU C 337 -26.67 28.63 -20.28
CA GLU C 337 -25.98 29.89 -20.40
C GLU C 337 -25.32 30.07 -21.76
N PHE C 338 -24.65 29.04 -22.29
CA PHE C 338 -24.17 29.10 -23.68
C PHE C 338 -25.29 29.36 -24.71
N GLN C 339 -26.40 28.63 -24.66
CA GLN C 339 -27.50 28.96 -25.56
C GLN C 339 -27.94 30.42 -25.41
N ALA C 340 -28.08 30.90 -24.15
CA ALA C 340 -28.41 32.32 -23.88
C ALA C 340 -27.48 33.30 -24.60
N LEU C 341 -26.17 33.08 -24.49
CA LEU C 341 -25.18 33.93 -25.14
C LEU C 341 -25.26 33.93 -26.67
N ALA C 342 -25.52 32.75 -27.22
CA ALA C 342 -25.71 32.52 -28.64
C ALA C 342 -26.95 33.31 -29.16
N MET C 343 -28.14 33.07 -28.58
CA MET C 343 -29.38 33.81 -28.92
C MET C 343 -29.21 35.29 -28.76
N ALA C 344 -28.59 35.73 -27.67
CA ALA C 344 -28.33 37.16 -27.46
C ALA C 344 -27.37 37.84 -28.44
N SER C 345 -26.50 37.08 -29.10
CA SER C 345 -25.59 37.69 -30.07
C SER C 345 -26.01 37.43 -31.53
N GLY C 346 -27.24 36.98 -31.74
CA GLY C 346 -27.85 36.87 -33.08
C GLY C 346 -28.03 35.49 -33.67
N PHE C 347 -27.38 34.48 -33.09
CA PHE C 347 -27.52 33.13 -33.63
C PHE C 347 -28.86 32.52 -33.28
N ARG C 348 -29.52 31.91 -34.26
CA ARG C 348 -30.83 31.30 -34.05
C ARG C 348 -30.76 29.80 -33.75
N GLY C 349 -29.67 29.16 -34.16
CA GLY C 349 -29.54 27.72 -33.95
C GLY C 349 -28.56 27.51 -32.82
N PHE C 350 -28.81 26.46 -32.04
CA PHE C 350 -27.85 26.01 -30.98
C PHE C 350 -27.85 24.53 -30.97
N LYS C 351 -26.67 23.91 -31.01
CA LYS C 351 -26.52 22.44 -31.06
C LYS C 351 -25.35 22.04 -30.15
N VAL C 352 -25.52 21.02 -29.30
CA VAL C 352 -24.35 20.43 -28.66
C VAL C 352 -23.99 19.29 -29.59
N ALA C 353 -22.82 19.37 -30.22
CA ALA C 353 -22.48 18.51 -31.30
C ALA C 353 -21.73 17.29 -30.84
N SER C 354 -20.65 17.48 -30.06
CA SER C 354 -19.86 16.34 -29.58
C SER C 354 -19.23 16.64 -28.24
N CYS C 355 -18.46 15.67 -27.75
CA CYS C 355 -17.74 15.80 -26.49
C CYS C 355 -16.50 14.95 -26.61
N ALA C 356 -15.33 15.51 -26.28
CA ALA C 356 -14.13 14.72 -26.02
C ALA C 356 -13.39 15.21 -24.76
N PHE C 357 -12.94 14.28 -23.90
CA PHE C 357 -12.18 14.66 -22.71
C PHE C 357 -12.83 15.83 -21.96
N ASN C 358 -14.13 15.72 -21.72
CA ASN C 358 -14.83 16.77 -21.01
C ASN C 358 -15.05 18.07 -21.82
N THR C 359 -14.47 18.20 -23.02
CA THR C 359 -14.67 19.42 -23.80
C THR C 359 -15.82 19.17 -24.78
N TYR C 360 -16.86 19.99 -24.71
CA TYR C 360 -18.05 19.83 -25.54
C TYR C 360 -17.86 20.73 -26.73
N VAL C 361 -18.33 20.25 -27.88
CA VAL C 361 -18.34 21.05 -29.07
C VAL C 361 -19.78 21.52 -29.30
N MET C 362 -19.96 22.82 -29.31
CA MET C 362 -21.28 23.37 -29.57
C MET C 362 -21.18 24.17 -30.87
N GLU C 363 -22.29 24.24 -31.59
CA GLU C 363 -22.39 25.08 -32.77
C GLU C 363 -23.39 26.20 -32.46
N PHE C 364 -22.99 27.44 -32.73
CA PHE C 364 -23.93 28.57 -32.69
C PHE C 364 -24.21 28.84 -34.16
N LEU C 365 -25.45 28.59 -34.57
CA LEU C 365 -25.82 28.71 -35.97
C LEU C 365 -26.59 30.02 -36.19
N LYS C 366 -26.10 30.84 -37.14
CA LYS C 366 -26.93 31.96 -37.57
C LYS C 366 -27.80 31.41 -38.70
N THR C 367 -29.03 31.05 -38.32
CA THR C 367 -29.97 30.26 -39.13
C THR C 367 -31.18 29.91 -38.25
N ILE D 9 18.09 -1.31 21.52
CA ILE D 9 18.22 -2.81 21.51
C ILE D 9 16.97 -3.43 22.14
N GLN D 10 16.68 -3.13 23.42
CA GLN D 10 15.58 -3.85 24.10
C GLN D 10 14.18 -3.23 23.89
N ILE D 11 13.28 -4.01 23.33
CA ILE D 11 11.94 -3.50 23.11
C ILE D 11 11.05 -3.76 24.32
N ILE D 12 10.44 -2.73 24.84
CA ILE D 12 9.64 -2.90 26.03
C ILE D 12 8.23 -3.23 25.58
N PRO D 13 7.65 -4.33 26.12
CA PRO D 13 6.30 -4.73 25.73
C PRO D 13 5.27 -3.64 25.95
N THR D 14 4.44 -3.34 24.95
CA THR D 14 3.35 -2.38 25.13
C THR D 14 2.11 -2.85 24.40
N HIS D 15 1.05 -2.05 24.44
CA HIS D 15 -0.13 -2.38 23.66
C HIS D 15 0.20 -2.45 22.20
N SER D 16 1.09 -1.58 21.74
CA SER D 16 1.40 -1.53 20.34
C SER D 16 2.18 -2.78 19.93
N SER D 17 3.08 -3.22 20.80
CA SER D 17 3.93 -4.32 20.43
C SER D 17 3.11 -5.62 20.53
N ASP D 18 2.23 -5.68 21.51
CA ASP D 18 1.25 -6.80 21.66
C ASP D 18 0.36 -6.94 20.50
N GLU D 19 -0.11 -5.84 19.94
CA GLU D 19 -0.96 -5.91 18.78
C GLU D 19 -0.12 -6.53 17.65
N GLU D 20 1.11 -6.09 17.44
CA GLU D 20 1.92 -6.66 16.31
C GLU D 20 2.15 -8.16 16.49
N ALA D 21 2.44 -8.60 17.69
CA ALA D 21 2.71 -10.02 18.01
C ALA D 21 1.44 -10.81 17.78
N ASN D 22 0.29 -10.27 18.23
CA ASN D 22 -0.98 -11.01 18.07
C ASN D 22 -1.29 -11.18 16.56
N LEU D 23 -1.19 -10.12 15.79
CA LEU D 23 -1.45 -10.19 14.35
C LEU D 23 -0.43 -11.05 13.62
N PHE D 24 0.83 -11.02 14.04
CA PHE D 24 1.79 -12.01 13.45
C PHE D 24 1.37 -13.44 13.70
N ALA D 25 0.91 -13.79 14.92
CA ALA D 25 0.38 -15.18 15.16
C ALA D 25 -0.78 -15.47 14.25
N MET D 26 -1.65 -14.48 14.04
CA MET D 26 -2.81 -14.72 13.13
C MET D 26 -2.30 -14.93 11.70
N GLN D 27 -1.31 -14.13 11.25
CA GLN D 27 -0.78 -14.29 9.88
C GLN D 27 -0.12 -15.68 9.71
N LEU D 28 0.56 -16.16 10.77
CA LEU D 28 1.22 -17.46 10.69
C LEU D 28 0.20 -18.58 10.59
N ALA D 29 -0.89 -18.42 11.32
CA ALA D 29 -1.92 -19.43 11.44
C ALA D 29 -2.48 -19.72 10.04
N SER D 30 -2.64 -18.68 9.24
CA SER D 30 -3.26 -18.84 7.93
C SER D 30 -2.28 -18.66 6.77
N ALA D 31 -0.99 -18.82 7.05
CA ALA D 31 0.08 -18.58 6.07
C ALA D 31 -0.03 -19.45 4.83
N ALA D 32 -0.58 -20.64 4.99
CA ALA D 32 -0.78 -21.53 3.81
C ALA D 32 -1.77 -21.01 2.69
N VAL D 33 -2.56 -19.95 2.95
CA VAL D 33 -3.46 -19.41 1.91
C VAL D 33 -2.58 -18.93 0.74
N LEU D 34 -1.46 -18.33 1.05
CA LEU D 34 -0.57 -17.78 0.03
C LEU D 34 -0.16 -18.83 -1.05
N PRO D 35 0.56 -19.89 -0.63
CA PRO D 35 0.96 -20.82 -1.70
C PRO D 35 -0.26 -21.56 -2.31
N MET D 36 -1.34 -21.71 -1.57
CA MET D 36 -2.47 -22.41 -2.13
C MET D 36 -3.21 -21.49 -3.11
N ALA D 37 -3.35 -20.19 -2.76
CA ALA D 37 -3.87 -19.19 -3.71
C ALA D 37 -2.98 -19.11 -4.98
N LEU D 38 -1.67 -19.11 -4.80
CA LEU D 38 -0.81 -18.99 -5.92
C LEU D 38 -0.88 -20.22 -6.81
N LYS D 39 -1.00 -21.38 -6.16
CA LYS D 39 -1.15 -22.65 -6.92
C LYS D 39 -2.40 -22.56 -7.84
N ALA D 40 -3.50 -22.06 -7.28
CA ALA D 40 -4.67 -21.83 -8.11
C ALA D 40 -4.47 -20.84 -9.26
N ALA D 41 -3.82 -19.71 -8.97
CA ALA D 41 -3.51 -18.75 -10.00
C ALA D 41 -2.72 -19.40 -11.15
N ILE D 42 -1.75 -20.24 -10.81
CA ILE D 42 -0.94 -20.91 -11.81
C ILE D 42 -1.73 -21.96 -12.60
N GLU D 43 -2.50 -22.79 -11.88
CA GLU D 43 -3.33 -23.85 -12.46
C GLU D 43 -4.35 -23.33 -13.48
N LEU D 44 -4.91 -22.16 -13.17
CA LEU D 44 -5.81 -21.39 -14.04
C LEU D 44 -5.13 -20.65 -15.16
N ASP D 45 -3.81 -20.63 -15.19
CA ASP D 45 -3.08 -19.87 -16.18
C ASP D 45 -3.17 -18.33 -16.06
N VAL D 46 -3.48 -17.82 -14.87
CA VAL D 46 -3.65 -16.37 -14.65
C VAL D 46 -2.38 -15.56 -14.90
N LEU D 47 -1.24 -16.06 -14.39
CA LEU D 47 0.02 -15.35 -14.66
C LEU D 47 0.35 -15.36 -16.19
N GLU D 48 0.08 -16.48 -16.85
CA GLU D 48 0.38 -16.54 -18.32
C GLU D 48 -0.55 -15.58 -19.08
N ILE D 49 -1.84 -15.60 -18.74
CA ILE D 49 -2.81 -14.66 -19.33
C ILE D 49 -2.36 -13.24 -19.13
N MET D 50 -1.98 -12.88 -17.88
CA MET D 50 -1.43 -11.57 -17.63
C MET D 50 -0.16 -11.29 -18.41
N ALA D 51 0.72 -12.27 -18.57
CA ALA D 51 1.94 -12.03 -19.35
C ALA D 51 1.60 -11.70 -20.82
N LYS D 52 0.55 -12.31 -21.34
CA LYS D 52 0.23 -12.23 -22.76
C LYS D 52 -0.67 -11.03 -23.07
N SER D 53 -1.45 -10.59 -22.09
CA SER D 53 -2.46 -9.53 -22.30
C SER D 53 -2.18 -8.15 -21.72
N VAL D 54 -0.92 -7.72 -21.58
CA VAL D 54 -0.63 -6.49 -20.82
C VAL D 54 -0.13 -5.28 -21.65
N GLY D 58 0.27 -2.20 -19.28
CA GLY D 58 0.71 -2.54 -17.94
C GLY D 58 -0.26 -3.34 -17.05
N TYR D 59 -1.52 -2.87 -16.91
CA TYR D 59 -2.41 -3.38 -15.84
C TYR D 59 -3.70 -3.87 -16.38
N ILE D 60 -4.17 -5.01 -15.86
CA ILE D 60 -5.38 -5.70 -16.39
C ILE D 60 -6.41 -5.88 -15.30
N SER D 61 -7.70 -5.80 -15.59
CA SER D 61 -8.68 -5.96 -14.52
C SER D 61 -8.93 -7.46 -14.37
N PRO D 62 -9.43 -7.88 -13.22
CA PRO D 62 -9.85 -9.26 -13.05
C PRO D 62 -10.96 -9.66 -14.05
N ALA D 63 -11.92 -8.77 -14.33
CA ALA D 63 -12.89 -9.08 -15.39
C ALA D 63 -12.20 -9.43 -16.71
N GLU D 64 -11.20 -8.65 -17.13
CA GLU D 64 -10.45 -8.92 -18.36
C GLU D 64 -9.63 -10.21 -18.31
N ILE D 65 -9.14 -10.57 -17.12
CA ILE D 65 -8.52 -11.89 -16.98
C ILE D 65 -9.55 -13.00 -17.08
N ALA D 66 -10.65 -12.89 -16.34
CA ALA D 66 -11.66 -13.97 -16.34
C ALA D 66 -12.27 -14.14 -17.75
N ALA D 67 -12.25 -13.09 -18.56
CA ALA D 67 -12.84 -13.14 -19.92
C ALA D 67 -11.99 -14.11 -20.77
N GLN D 68 -10.72 -14.26 -20.39
CA GLN D 68 -9.83 -15.21 -21.03
C GLN D 68 -9.77 -16.60 -20.45
N LEU D 69 -10.53 -16.89 -19.39
CA LEU D 69 -10.61 -18.24 -18.84
C LEU D 69 -11.78 -18.99 -19.44
N PRO D 70 -11.66 -20.33 -19.55
CA PRO D 70 -12.75 -21.19 -19.96
C PRO D 70 -13.84 -21.26 -18.90
N THR D 71 -14.62 -20.19 -18.78
CA THR D 71 -15.60 -20.08 -17.77
C THR D 71 -16.73 -19.26 -18.28
N THR D 72 -17.90 -19.64 -17.80
CA THR D 72 -19.08 -18.82 -17.86
C THR D 72 -19.50 -18.29 -16.44
N ASN D 73 -18.70 -18.61 -15.40
CA ASN D 73 -19.05 -18.29 -14.01
C ASN D 73 -19.03 -16.77 -13.76
N PRO D 74 -20.19 -16.14 -13.48
CA PRO D 74 -20.21 -14.68 -13.38
C PRO D 74 -19.46 -14.14 -12.15
N GLU D 75 -19.21 -14.99 -11.16
CA GLU D 75 -18.48 -14.60 -9.96
C GLU D 75 -16.94 -14.73 -10.17
N ALA D 76 -16.50 -15.28 -11.30
CA ALA D 76 -15.05 -15.46 -11.56
C ALA D 76 -14.22 -14.14 -11.39
N PRO D 77 -14.73 -13.00 -11.94
CA PRO D 77 -13.90 -11.83 -11.77
C PRO D 77 -13.77 -11.45 -10.33
N VAL D 78 -14.82 -11.56 -9.50
CA VAL D 78 -14.59 -11.12 -8.11
C VAL D 78 -13.73 -12.09 -7.33
N MET D 79 -13.93 -13.36 -7.59
CA MET D 79 -13.09 -14.42 -7.02
C MET D 79 -11.61 -14.21 -7.38
N LEU D 80 -11.34 -13.90 -8.66
CA LEU D 80 -9.96 -13.60 -9.11
C LEU D 80 -9.40 -12.36 -8.44
N ASP D 81 -10.23 -11.29 -8.31
CA ASP D 81 -9.76 -10.08 -7.63
C ASP D 81 -9.28 -10.38 -6.24
N ARG D 82 -10.05 -11.19 -5.48
CA ARG D 82 -9.69 -11.48 -4.09
C ARG D 82 -8.40 -12.31 -4.01
N VAL D 83 -8.20 -13.22 -4.94
CA VAL D 83 -6.93 -13.98 -4.99
C VAL D 83 -5.82 -13.04 -5.31
N LEU D 84 -6.05 -12.19 -6.34
CA LEU D 84 -5.00 -11.24 -6.78
C LEU D 84 -4.58 -10.25 -5.70
N ARG D 85 -5.56 -9.76 -4.94
CA ARG D 85 -5.30 -8.87 -3.90
C ARG D 85 -4.38 -9.53 -2.81
N LEU D 86 -4.62 -10.78 -2.51
CA LEU D 86 -3.68 -11.54 -1.62
C LEU D 86 -2.28 -11.62 -2.26
N LEU D 87 -2.22 -11.96 -3.54
CA LEU D 87 -0.89 -12.05 -4.17
C LEU D 87 -0.19 -10.69 -4.19
N ALA D 88 -0.94 -9.59 -4.38
CA ALA D 88 -0.32 -8.27 -4.46
C ALA D 88 0.23 -7.87 -3.12
N SER D 89 -0.44 -8.28 -2.04
CA SER D 89 0.08 -7.85 -0.74
C SER D 89 1.43 -8.52 -0.40
N TYR D 90 1.67 -9.69 -1.00
CA TYR D 90 2.96 -10.34 -0.96
C TYR D 90 3.93 -10.05 -2.13
N SER D 91 3.66 -8.99 -2.95
CA SER D 91 4.53 -8.61 -4.12
C SER D 91 4.67 -9.69 -5.14
N VAL D 92 3.70 -10.58 -5.25
CA VAL D 92 3.77 -11.54 -6.31
C VAL D 92 3.22 -10.88 -7.62
N VAL D 93 2.23 -10.03 -7.46
CA VAL D 93 1.72 -9.21 -8.57
C VAL D 93 1.72 -7.77 -8.10
N THR D 94 1.69 -6.82 -9.05
CA THR D 94 1.56 -5.42 -8.70
C THR D 94 0.10 -4.99 -8.90
N TYR D 95 -0.25 -3.82 -8.39
CA TYR D 95 -1.61 -3.31 -8.54
C TYR D 95 -1.56 -1.79 -8.88
N THR D 96 -2.60 -1.30 -9.50
CA THR D 96 -2.91 0.13 -9.48
C THR D 96 -4.39 0.30 -9.14
N LEU D 97 -4.79 1.45 -8.62
CA LEU D 97 -6.16 1.66 -8.21
C LEU D 97 -6.80 2.64 -9.18
N ARG D 98 -8.08 2.45 -9.45
CA ARG D 98 -8.83 3.17 -10.48
C ARG D 98 -10.11 3.57 -9.79
N GLU D 99 -10.43 4.87 -9.77
CA GLU D 99 -11.69 5.28 -9.18
C GLU D 99 -12.71 5.10 -10.30
N LEU D 100 -13.80 4.43 -10.01
CA LEU D 100 -14.88 4.32 -11.00
C LEU D 100 -15.68 5.65 -11.07
N PRO D 101 -16.07 6.09 -12.30
CA PRO D 101 -17.11 7.11 -12.55
C PRO D 101 -18.29 7.12 -11.53
N SER D 102 -18.61 5.95 -10.97
CA SER D 102 -19.67 5.75 -9.95
C SER D 102 -19.29 5.96 -8.46
N GLY D 103 -18.04 6.26 -8.15
CA GLY D 103 -17.62 6.51 -6.75
C GLY D 103 -17.17 5.31 -5.92
N LYS D 104 -16.28 4.49 -6.50
CA LYS D 104 -15.81 3.17 -5.94
C LYS D 104 -14.42 2.80 -6.49
N VAL D 105 -13.64 2.01 -5.73
CA VAL D 105 -12.22 1.73 -6.11
C VAL D 105 -12.04 0.35 -6.76
N GLU D 106 -11.52 0.33 -7.98
CA GLU D 106 -11.23 -0.91 -8.73
C GLU D 106 -9.73 -1.17 -8.62
N ARG D 107 -9.28 -2.43 -8.55
CA ARG D 107 -7.83 -2.67 -8.69
C ARG D 107 -7.54 -3.25 -10.08
N LEU D 108 -6.44 -2.84 -10.70
CA LEU D 108 -5.94 -3.48 -11.91
C LEU D 108 -4.63 -4.13 -11.49
N TYR D 109 -4.25 -5.22 -12.14
CA TYR D 109 -3.04 -5.89 -11.68
C TYR D 109 -2.08 -6.05 -12.79
N GLY D 110 -0.80 -6.13 -12.41
CA GLY D 110 0.30 -6.41 -13.33
C GLY D 110 1.24 -7.43 -12.75
N LEU D 111 2.25 -7.83 -13.52
CA LEU D 111 3.18 -8.90 -13.05
C LEU D 111 4.35 -8.30 -12.28
N ALA D 112 4.74 -8.87 -11.17
CA ALA D 112 5.86 -8.32 -10.46
C ALA D 112 7.11 -9.04 -10.96
N PRO D 113 8.29 -8.61 -10.55
CA PRO D 113 9.51 -9.26 -11.01
C PRO D 113 9.57 -10.77 -10.85
N VAL D 114 9.00 -11.29 -9.74
CA VAL D 114 9.07 -12.72 -9.45
C VAL D 114 8.35 -13.55 -10.54
N CYS D 115 7.35 -12.95 -11.21
CA CYS D 115 6.67 -13.65 -12.26
C CYS D 115 7.58 -14.05 -13.45
N LYS D 116 8.75 -13.47 -13.57
CA LYS D 116 9.66 -13.95 -14.63
C LYS D 116 9.85 -15.46 -14.41
N PHE D 117 9.82 -15.92 -13.14
CA PHE D 117 10.12 -17.34 -12.87
C PHE D 117 8.88 -18.15 -12.56
N LEU D 118 7.74 -17.52 -12.69
CA LEU D 118 6.49 -18.17 -12.50
C LEU D 118 5.76 -18.34 -13.80
N THR D 119 6.35 -17.86 -14.91
CA THR D 119 5.75 -18.03 -16.23
C THR D 119 6.83 -18.50 -17.18
N LYS D 120 6.42 -19.05 -18.32
CA LYS D 120 7.38 -19.67 -19.24
C LYS D 120 8.34 -18.63 -19.80
N ASN D 121 9.62 -18.95 -19.79
CA ASN D 121 10.61 -18.09 -20.43
C ASN D 121 10.77 -18.49 -21.94
N GLU D 122 11.73 -17.86 -22.65
CA GLU D 122 12.29 -18.32 -23.96
C GLU D 122 12.68 -19.74 -23.53
N ASP D 123 12.61 -20.75 -24.39
CA ASP D 123 12.80 -22.15 -23.88
C ASP D 123 11.64 -22.81 -23.15
N GLY D 124 10.57 -22.05 -22.89
CA GLY D 124 9.35 -22.60 -22.26
C GLY D 124 9.50 -23.24 -20.86
N VAL D 125 10.49 -22.80 -20.08
CA VAL D 125 10.72 -23.37 -18.75
C VAL D 125 10.37 -22.31 -17.68
N SER D 126 10.05 -22.77 -16.49
CA SER D 126 9.61 -21.89 -15.41
C SER D 126 9.76 -22.64 -14.10
N LEU D 127 9.65 -21.98 -12.95
CA LEU D 127 9.55 -22.73 -11.67
C LEU D 127 8.10 -23.04 -11.32
N ALA D 128 7.15 -22.65 -12.17
CA ALA D 128 5.72 -23.00 -11.88
C ALA D 128 5.51 -24.53 -11.60
N PRO D 129 6.11 -25.43 -12.39
CA PRO D 129 5.96 -26.85 -12.10
C PRO D 129 6.53 -27.28 -10.74
N PHE D 130 7.57 -26.60 -10.28
CA PHE D 130 8.10 -26.85 -8.94
C PHE D 130 7.08 -26.43 -7.84
N LEU D 131 6.48 -25.26 -7.99
CA LEU D 131 5.44 -24.90 -7.07
C LEU D 131 4.31 -25.91 -7.12
N LEU D 132 3.95 -26.39 -8.32
CA LEU D 132 2.85 -27.37 -8.37
C LEU D 132 3.20 -28.67 -7.68
N LEU D 133 4.47 -29.04 -7.68
CA LEU D 133 4.86 -30.23 -6.94
C LEU D 133 4.79 -30.00 -5.47
N ALA D 134 5.35 -28.88 -5.03
CA ALA D 134 5.40 -28.55 -3.60
C ALA D 134 3.99 -28.45 -3.04
N THR D 135 3.02 -28.03 -3.86
CA THR D 135 1.66 -27.81 -3.32
C THR D 135 0.69 -28.93 -3.65
N ASP D 136 1.25 -30.04 -4.11
CA ASP D 136 0.44 -31.18 -4.60
C ASP D 136 -0.19 -31.81 -3.40
N LYS D 137 -1.40 -32.33 -3.57
CA LYS D 137 -2.13 -32.91 -2.45
C LYS D 137 -1.26 -34.00 -1.79
N VAL D 138 -0.58 -34.74 -2.64
CA VAL D 138 0.19 -35.88 -2.11
C VAL D 138 1.34 -35.43 -1.18
N LEU D 139 1.96 -34.29 -1.51
CA LEU D 139 3.06 -33.75 -0.73
C LEU D 139 2.60 -32.92 0.45
N LEU D 140 1.32 -32.58 0.51
CA LEU D 140 0.83 -31.92 1.74
C LEU D 140 0.57 -32.89 2.90
N GLU D 141 0.07 -34.10 2.63
CA GLU D 141 -0.17 -35.16 3.64
C GLU D 141 0.93 -35.44 4.73
N PRO D 142 2.20 -35.60 4.31
CA PRO D 142 3.23 -35.92 5.29
C PRO D 142 3.33 -34.91 6.41
N TRP D 143 2.98 -33.65 6.14
CA TRP D 143 3.09 -32.65 7.14
C TRP D 143 2.25 -32.95 8.38
N PHE D 144 1.18 -33.74 8.23
CA PHE D 144 0.36 -34.15 9.35
C PHE D 144 1.04 -35.19 10.23
N TYR D 145 2.21 -35.69 9.81
CA TYR D 145 2.92 -36.75 10.51
C TYR D 145 4.29 -36.28 11.01
N LEU D 146 4.52 -35.00 10.92
CA LEU D 146 5.83 -34.48 11.35
C LEU D 146 6.03 -34.69 12.85
N LYS D 147 5.02 -34.30 13.64
CA LYS D 147 5.06 -34.50 15.08
C LYS D 147 5.39 -35.97 15.37
N ASP D 148 4.76 -36.89 14.65
CA ASP D 148 4.95 -38.33 14.79
C ASP D 148 6.39 -38.73 14.52
N ALA D 149 6.99 -38.15 13.49
CA ALA D 149 8.35 -38.52 13.15
C ALA D 149 9.34 -37.99 14.20
N ILE D 150 9.09 -36.81 14.77
CA ILE D 150 9.92 -36.33 15.83
C ILE D 150 9.76 -37.23 17.11
N LEU D 151 8.55 -37.62 17.43
CA LEU D 151 8.37 -38.47 18.65
C LEU D 151 8.81 -39.92 18.39
N GLU D 152 8.47 -40.46 17.23
CA GLU D 152 8.67 -41.88 17.01
C GLU D 152 9.98 -42.17 16.31
N GLY D 153 10.56 -41.21 15.64
CA GLY D 153 11.63 -41.54 14.71
C GLY D 153 11.01 -41.80 13.33
N GLY D 154 11.83 -41.92 12.31
CA GLY D 154 11.31 -42.19 10.99
C GLY D 154 10.95 -40.94 10.20
N ILE D 155 10.14 -41.13 9.17
CA ILE D 155 10.02 -40.12 8.06
C ILE D 155 8.55 -39.82 7.84
N PRO D 156 8.12 -38.54 7.93
CA PRO D 156 6.71 -38.24 7.85
C PRO D 156 6.05 -38.84 6.61
N PHE D 157 6.79 -38.81 5.49
CA PHE D 157 6.23 -39.29 4.27
C PHE D 157 5.93 -40.80 4.36
N ASN D 158 6.92 -41.55 4.87
CA ASN D 158 6.74 -42.98 5.06
C ASN D 158 5.55 -43.26 5.96
N LYS D 159 5.39 -42.49 7.04
CA LYS D 159 4.23 -42.70 7.86
C LYS D 159 2.87 -42.53 7.12
N ALA D 160 2.81 -41.58 6.21
CA ALA D 160 1.59 -41.35 5.45
C ALA D 160 1.34 -42.39 4.37
N TYR D 161 2.39 -42.89 3.77
CA TYR D 161 2.24 -43.76 2.66
C TYR D 161 2.92 -45.09 2.91
N GLY D 162 2.87 -46.02 2.03
CA GLY D 162 3.53 -47.23 2.46
C GLY D 162 5.03 -47.32 2.71
N MET D 163 5.76 -46.33 2.30
CA MET D 163 7.06 -46.54 1.72
C MET D 163 7.83 -45.26 1.55
N ASN D 164 9.07 -45.32 1.11
CA ASN D 164 9.72 -44.05 0.89
C ASN D 164 9.23 -43.32 -0.35
N ILE D 165 9.55 -42.06 -0.42
CA ILE D 165 9.03 -41.27 -1.48
C ILE D 165 9.37 -41.77 -2.89
N PHE D 166 10.57 -42.29 -3.09
CA PHE D 166 10.94 -42.63 -4.45
C PHE D 166 10.16 -43.91 -4.85
N ASP D 167 10.02 -44.84 -3.92
CA ASP D 167 9.27 -46.04 -4.18
C ASP D 167 7.81 -45.67 -4.47
N TYR D 168 7.26 -44.73 -3.71
CA TYR D 168 5.92 -44.22 -3.99
C TYR D 168 5.75 -43.67 -5.40
N HIS D 169 6.72 -42.89 -5.88
CA HIS D 169 6.67 -42.40 -7.26
C HIS D 169 6.61 -43.55 -8.26
N GLY D 170 7.18 -44.70 -7.86
CA GLY D 170 7.14 -45.94 -8.65
C GLY D 170 5.77 -46.58 -8.69
N THR D 171 4.89 -46.23 -7.73
CA THR D 171 3.50 -46.74 -7.77
C THR D 171 2.46 -45.73 -8.23
N ASP D 172 2.82 -44.45 -8.24
CA ASP D 172 1.84 -43.40 -8.54
C ASP D 172 2.33 -42.61 -9.77
N HIS D 173 1.80 -42.99 -10.94
CA HIS D 173 2.15 -42.40 -12.25
C HIS D 173 2.06 -40.86 -12.32
N ARG D 174 0.96 -40.32 -11.81
CA ARG D 174 0.74 -38.89 -11.84
C ARG D 174 1.82 -38.14 -11.08
N ILE D 175 2.08 -38.56 -9.85
CA ILE D 175 3.00 -37.80 -9.02
C ILE D 175 4.44 -38.00 -9.52
N ASN D 176 4.71 -39.18 -10.07
CA ASN D 176 6.01 -39.43 -10.67
C ASN D 176 6.27 -38.36 -11.75
N LYS D 177 5.26 -38.13 -12.60
CA LYS D 177 5.30 -37.08 -13.61
C LYS D 177 5.46 -35.64 -13.05
N VAL D 178 4.63 -35.28 -12.07
CA VAL D 178 4.66 -33.95 -11.48
C VAL D 178 6.03 -33.76 -10.82
N PHE D 179 6.50 -34.79 -10.11
CA PHE D 179 7.81 -34.70 -9.48
C PHE D 179 8.94 -34.43 -10.51
N ASN D 180 9.00 -35.28 -11.54
CA ASN D 180 10.10 -35.26 -12.50
C ASN D 180 10.12 -33.93 -13.28
N LYS D 181 8.92 -33.46 -13.67
CA LYS D 181 8.74 -32.17 -14.25
C LYS D 181 9.12 -30.99 -13.35
N GLY D 182 8.74 -31.00 -12.08
CA GLY D 182 9.17 -29.96 -11.17
C GLY D 182 10.69 -29.93 -11.08
N MET D 183 11.30 -31.11 -10.93
CA MET D 183 12.72 -31.21 -10.77
C MET D 183 13.40 -30.79 -12.06
N SER D 184 12.93 -31.31 -13.18
CA SER D 184 13.51 -30.98 -14.49
C SER D 184 13.48 -29.44 -14.79
N SER D 185 12.32 -28.82 -14.56
CA SER D 185 12.15 -27.35 -14.72
C SER D 185 13.14 -26.60 -13.87
N ASN D 186 13.16 -26.88 -12.58
CA ASN D 186 14.08 -26.20 -11.70
C ASN D 186 15.57 -26.43 -12.07
N SER D 187 15.92 -27.69 -12.33
CA SER D 187 17.29 -28.04 -12.78
C SER D 187 17.74 -27.40 -14.09
N THR D 188 16.85 -27.28 -15.07
CA THR D 188 17.15 -26.62 -16.31
C THR D 188 17.47 -25.20 -16.09
N ILE D 189 16.64 -24.51 -15.32
CA ILE D 189 16.94 -23.14 -14.98
C ILE D 189 18.30 -22.94 -14.27
N THR D 190 18.61 -23.75 -13.28
CA THR D 190 19.85 -23.59 -12.57
C THR D 190 21.09 -24.03 -13.42
N MET D 191 20.98 -25.12 -14.15
CA MET D 191 22.14 -25.61 -14.94
C MET D 191 22.50 -24.70 -16.11
N LYS D 192 21.50 -24.02 -16.67
CA LYS D 192 21.79 -23.08 -17.69
C LYS D 192 22.80 -22.06 -17.14
N LYS D 193 22.57 -21.63 -15.90
CA LYS D 193 23.48 -20.65 -15.28
C LYS D 193 24.78 -21.34 -14.83
N ILE D 194 24.66 -22.54 -14.31
CA ILE D 194 25.90 -23.25 -13.95
C ILE D 194 26.84 -23.36 -15.16
N LEU D 195 26.28 -23.67 -16.33
CA LEU D 195 27.14 -23.92 -17.51
C LEU D 195 27.77 -22.67 -18.11
N GLU D 196 27.13 -21.52 -17.90
CA GLU D 196 27.68 -20.24 -18.28
C GLU D 196 28.88 -19.86 -17.42
N MET D 197 29.06 -20.47 -16.24
CA MET D 197 30.12 -20.02 -15.30
C MET D 197 31.14 -21.06 -14.84
N TYR D 198 30.70 -22.31 -14.78
CA TYR D 198 31.50 -23.40 -14.29
C TYR D 198 32.17 -24.11 -15.48
N ASN D 199 33.48 -24.28 -15.43
CA ASN D 199 34.13 -24.98 -16.55
C ASN D 199 34.70 -26.35 -16.21
N GLY D 200 34.18 -26.95 -15.15
CA GLY D 200 34.64 -28.24 -14.69
C GLY D 200 34.21 -29.41 -15.57
N PHE D 201 33.27 -29.20 -16.51
CA PHE D 201 32.93 -30.30 -17.47
C PHE D 201 33.90 -30.38 -18.66
N GLU D 202 34.70 -29.33 -18.90
CA GLU D 202 35.60 -29.29 -20.08
C GLU D 202 36.72 -30.30 -19.94
N GLY D 203 37.06 -30.94 -21.07
CA GLY D 203 38.11 -31.96 -21.12
C GLY D 203 37.76 -33.36 -20.61
N LEU D 204 36.53 -33.57 -20.12
CA LEU D 204 36.14 -34.91 -19.66
C LEU D 204 35.77 -35.80 -20.85
N THR D 205 35.95 -37.11 -20.72
CA THR D 205 35.55 -37.97 -21.84
C THR D 205 34.13 -38.52 -21.57
N THR D 206 33.85 -38.77 -20.29
CA THR D 206 32.59 -39.34 -19.83
C THR D 206 32.13 -38.67 -18.52
N ILE D 207 30.87 -38.28 -18.48
CA ILE D 207 30.25 -37.76 -17.28
C ILE D 207 28.99 -38.56 -16.97
N VAL D 208 28.83 -39.00 -15.74
CA VAL D 208 27.62 -39.67 -15.37
C VAL D 208 26.78 -38.86 -14.41
N ASP D 209 25.57 -38.52 -14.81
CA ASP D 209 24.67 -37.80 -13.88
C ASP D 209 23.96 -38.81 -12.95
N VAL D 210 24.26 -38.88 -11.65
CA VAL D 210 23.73 -39.90 -10.73
C VAL D 210 22.45 -39.29 -10.09
N GLY D 211 21.35 -40.02 -10.13
CA GLY D 211 20.06 -39.45 -9.75
C GLY D 211 19.71 -38.33 -10.71
N GLY D 212 19.98 -38.53 -12.01
CA GLY D 212 19.83 -37.42 -12.99
C GLY D 212 18.40 -37.16 -13.45
N GLY D 213 17.45 -37.84 -12.85
CA GLY D 213 16.01 -37.57 -13.14
C GLY D 213 15.74 -38.01 -14.57
N THR D 214 14.98 -37.20 -15.25
CA THR D 214 14.60 -37.52 -16.65
C THR D 214 15.73 -37.23 -17.68
N GLY D 215 16.83 -36.66 -17.21
CA GLY D 215 18.05 -36.56 -18.01
C GLY D 215 18.27 -35.17 -18.54
N ALA D 216 17.43 -34.23 -18.12
CA ALA D 216 17.53 -32.88 -18.66
C ALA D 216 18.95 -32.27 -18.45
N VAL D 217 19.54 -32.45 -17.26
CA VAL D 217 20.89 -31.90 -17.05
C VAL D 217 21.92 -32.57 -17.97
N ALA D 218 21.86 -33.88 -18.06
CA ALA D 218 22.82 -34.64 -18.85
C ALA D 218 22.66 -34.22 -20.33
N SER D 219 21.42 -33.91 -20.78
CA SER D 219 21.28 -33.35 -22.15
C SER D 219 21.85 -31.97 -22.34
N MET D 220 21.76 -31.08 -21.34
CA MET D 220 22.41 -29.76 -21.46
C MET D 220 23.91 -29.86 -21.49
N ILE D 221 24.48 -30.81 -20.76
CA ILE D 221 25.93 -30.97 -20.66
C ILE D 221 26.41 -31.40 -22.09
N VAL D 222 25.77 -32.42 -22.66
CA VAL D 222 26.12 -32.88 -24.03
C VAL D 222 25.90 -31.84 -25.11
N ALA D 223 24.88 -31.00 -24.93
CA ALA D 223 24.57 -29.98 -25.90
C ALA D 223 25.69 -28.95 -25.90
N LYS D 224 26.30 -28.75 -24.71
CA LYS D 224 27.40 -27.79 -24.61
C LYS D 224 28.72 -28.46 -25.03
N TYR D 225 28.88 -29.76 -24.75
CA TYR D 225 30.12 -30.50 -25.07
C TYR D 225 29.81 -31.78 -25.84
N PRO D 226 29.56 -31.63 -27.14
CA PRO D 226 29.09 -32.78 -27.90
C PRO D 226 30.12 -33.89 -28.08
N SER D 227 31.33 -33.71 -27.56
CA SER D 227 32.28 -34.84 -27.57
C SER D 227 32.23 -35.66 -26.27
N ILE D 228 31.38 -35.26 -25.33
CA ILE D 228 31.39 -35.97 -24.05
C ILE D 228 30.45 -37.20 -24.14
N ASN D 229 30.81 -38.31 -23.53
CA ASN D 229 29.92 -39.46 -23.31
C ASN D 229 29.09 -39.16 -22.05
N ALA D 230 27.77 -39.10 -22.19
CA ALA D 230 26.89 -38.66 -21.06
C ALA D 230 25.96 -39.80 -20.63
N ILE D 231 26.02 -40.18 -19.35
CA ILE D 231 25.23 -41.29 -18.82
C ILE D 231 24.25 -40.70 -17.83
N ASN D 232 22.96 -40.92 -18.03
CA ASN D 232 21.96 -40.44 -17.06
C ASN D 232 21.50 -41.64 -16.21
N PHE D 233 21.74 -41.59 -14.90
CA PHE D 233 21.58 -42.78 -14.09
C PHE D 233 20.51 -42.47 -13.03
N ASP D 234 19.47 -43.27 -12.95
CA ASP D 234 18.42 -43.06 -11.99
C ASP D 234 17.60 -44.35 -11.85
N LEU D 235 16.51 -44.29 -11.11
CA LEU D 235 15.73 -45.52 -10.85
C LEU D 235 14.96 -45.89 -12.13
N PRO D 236 14.73 -47.20 -12.36
CA PRO D 236 13.89 -47.65 -13.55
C PRO D 236 12.59 -46.83 -13.80
N HIS D 237 11.80 -46.52 -12.79
CA HIS D 237 10.55 -45.81 -13.07
C HIS D 237 10.74 -44.33 -13.53
N VAL D 238 11.92 -43.77 -13.29
CA VAL D 238 12.21 -42.41 -13.75
C VAL D 238 12.69 -42.52 -15.20
N ILE D 239 13.53 -43.49 -15.44
CA ILE D 239 14.16 -43.70 -16.75
C ILE D 239 13.11 -44.09 -17.83
N GLN D 240 12.19 -44.97 -17.45
CA GLN D 240 11.04 -45.34 -18.29
C GLN D 240 10.39 -44.12 -18.92
N ASP D 241 10.09 -43.14 -18.08
CA ASP D 241 9.53 -41.84 -18.43
C ASP D 241 10.48 -40.83 -19.12
N ALA D 242 11.68 -41.23 -19.54
CA ALA D 242 12.64 -40.19 -19.90
C ALA D 242 12.76 -39.94 -21.40
N PRO D 243 12.69 -38.66 -21.82
CA PRO D 243 12.94 -38.34 -23.24
C PRO D 243 14.27 -38.98 -23.76
N ALA D 244 14.25 -39.60 -24.94
CA ALA D 244 15.47 -40.16 -25.54
C ALA D 244 16.35 -38.99 -26.04
N PHE D 245 16.93 -38.23 -25.11
CA PHE D 245 17.80 -37.10 -25.45
C PHE D 245 19.01 -37.58 -26.30
N SER D 246 19.37 -36.78 -27.30
CA SER D 246 20.55 -37.07 -28.13
C SER D 246 21.85 -37.05 -27.26
N GLY D 247 22.73 -38.03 -27.46
CA GLY D 247 24.02 -38.07 -26.72
C GLY D 247 23.88 -38.48 -25.26
N VAL D 248 22.68 -38.88 -24.84
CA VAL D 248 22.52 -39.32 -23.47
C VAL D 248 22.15 -40.80 -23.42
N GLU D 249 22.90 -41.57 -22.67
CA GLU D 249 22.61 -42.95 -22.42
C GLU D 249 21.96 -43.06 -21.06
N HIS D 250 20.69 -43.45 -21.08
CA HIS D 250 19.89 -43.75 -19.86
C HIS D 250 20.17 -45.08 -19.18
N LEU D 251 20.47 -45.06 -17.89
CA LEU D 251 20.76 -46.29 -17.24
C LEU D 251 20.02 -46.39 -15.90
N GLY D 252 19.21 -47.44 -15.76
CA GLY D 252 18.44 -47.68 -14.56
C GLY D 252 19.20 -48.48 -13.51
N GLY D 253 19.13 -48.07 -12.25
CA GLY D 253 19.84 -48.78 -11.21
C GLY D 253 19.56 -48.14 -9.86
N ASP D 254 20.29 -48.60 -8.87
CA ASP D 254 20.14 -48.12 -7.50
C ASP D 254 21.54 -47.69 -7.21
N MET D 255 21.70 -46.40 -6.91
CA MET D 255 23.04 -45.84 -6.69
C MET D 255 23.72 -46.31 -5.42
N PHE D 256 22.96 -46.88 -4.50
CA PHE D 256 23.61 -47.42 -3.33
C PHE D 256 24.25 -48.79 -3.63
N ASP D 257 23.84 -49.41 -4.72
CA ASP D 257 24.46 -50.67 -5.26
C ASP D 257 25.60 -50.37 -6.22
N GLY D 258 26.01 -49.13 -6.34
CA GLY D 258 27.08 -48.79 -7.25
C GLY D 258 26.57 -47.90 -8.35
N VAL D 259 27.53 -47.32 -9.02
CA VAL D 259 27.33 -46.24 -9.92
C VAL D 259 28.14 -46.56 -11.18
N PRO D 260 27.66 -46.16 -12.37
CA PRO D 260 28.41 -46.32 -13.61
C PRO D 260 29.75 -45.61 -13.64
N LYS D 261 30.73 -46.22 -14.28
CA LYS D 261 32.06 -45.63 -14.34
C LYS D 261 32.07 -44.42 -15.23
N GLY D 262 32.85 -43.42 -14.86
CA GLY D 262 33.04 -42.25 -15.66
C GLY D 262 34.27 -41.49 -15.18
N ASP D 263 34.66 -40.46 -15.93
CA ASP D 263 35.71 -39.52 -15.55
C ASP D 263 35.28 -38.57 -14.40
N ALA D 264 33.99 -38.25 -14.38
CA ALA D 264 33.40 -37.38 -13.34
C ALA D 264 32.00 -37.83 -13.12
N ILE D 265 31.56 -37.68 -11.89
CA ILE D 265 30.21 -38.05 -11.52
C ILE D 265 29.58 -36.76 -11.09
N PHE D 266 28.38 -36.49 -11.54
CA PHE D 266 27.68 -35.22 -11.21
C PHE D 266 26.44 -35.56 -10.38
N ILE D 267 26.33 -34.98 -9.19
CA ILE D 267 25.14 -35.25 -8.35
C ILE D 267 24.53 -33.93 -7.96
N LYS D 268 23.35 -33.66 -8.45
CA LYS D 268 22.72 -32.35 -8.16
C LYS D 268 21.55 -32.70 -7.27
N TRP D 269 21.55 -32.10 -6.06
CA TRP D 269 20.39 -32.23 -5.19
C TRP D 269 20.13 -33.70 -4.86
N ILE D 270 21.20 -34.46 -4.68
CA ILE D 270 21.09 -35.84 -4.28
C ILE D 270 21.48 -35.94 -2.82
N CYS D 271 22.56 -35.31 -2.47
CA CYS D 271 23.10 -35.46 -1.12
C CYS D 271 22.05 -35.02 -0.11
N HIS D 272 21.35 -33.93 -0.41
CA HIS D 272 20.41 -33.42 0.58
C HIS D 272 19.20 -34.34 0.77
N ASP D 273 19.00 -35.36 -0.09
CA ASP D 273 17.89 -36.33 0.09
C ASP D 273 18.19 -37.42 1.13
N TRP D 274 19.43 -37.50 1.55
CA TRP D 274 19.94 -38.68 2.28
C TRP D 274 20.70 -38.38 3.57
N SER D 275 20.59 -39.30 4.53
CA SER D 275 21.38 -39.25 5.78
C SER D 275 22.89 -39.25 5.52
N ASP D 276 23.68 -38.84 6.51
CA ASP D 276 25.14 -38.93 6.42
C ASP D 276 25.62 -40.36 6.02
N GLU D 277 25.03 -41.35 6.67
CA GLU D 277 25.43 -42.76 6.44
C GLU D 277 25.14 -43.13 4.96
N HIS D 278 24.00 -42.70 4.44
CA HIS D 278 23.59 -43.01 3.07
C HIS D 278 24.55 -42.26 2.14
N CYS D 279 24.76 -40.97 2.37
CA CYS D 279 25.69 -40.21 1.51
C CYS D 279 27.07 -40.84 1.47
N LEU D 280 27.50 -41.32 2.62
CA LEU D 280 28.84 -41.87 2.71
C LEU D 280 28.89 -43.08 1.80
N LYS D 281 27.86 -43.94 1.88
CA LYS D 281 27.82 -45.13 1.00
C LYS D 281 27.86 -44.74 -0.49
N LEU D 282 27.04 -43.75 -0.83
CA LEU D 282 26.97 -43.28 -2.18
C LEU D 282 28.30 -42.68 -2.62
N LEU D 283 28.91 -41.88 -1.75
CA LEU D 283 30.16 -41.22 -2.20
C LEU D 283 31.34 -42.17 -2.30
N LYS D 284 31.31 -43.21 -1.48
CA LYS D 284 32.34 -44.28 -1.65
C LYS D 284 32.08 -45.03 -2.97
N ASN D 285 30.82 -45.23 -3.34
CA ASN D 285 30.53 -45.83 -4.63
C ASN D 285 31.06 -44.98 -5.80
N CYS D 286 31.02 -43.66 -5.65
CA CYS D 286 31.49 -42.71 -6.66
C CYS D 286 33.01 -42.79 -6.76
N TYR D 287 33.65 -42.74 -5.61
CA TYR D 287 35.08 -42.87 -5.53
C TYR D 287 35.53 -44.10 -6.33
N ALA D 288 34.87 -45.22 -6.11
CA ALA D 288 35.19 -46.50 -6.77
C ALA D 288 34.89 -46.49 -8.26
N ALA D 289 33.89 -45.74 -8.70
CA ALA D 289 33.56 -45.63 -10.14
C ALA D 289 34.50 -44.73 -10.90
N LEU D 290 35.40 -44.04 -10.22
CA LEU D 290 36.17 -42.99 -10.90
C LEU D 290 37.66 -43.39 -11.10
N PRO D 291 38.30 -42.89 -12.16
CA PRO D 291 39.74 -43.06 -12.26
C PRO D 291 40.46 -42.19 -11.20
N ASP D 292 41.76 -42.44 -11.04
CA ASP D 292 42.62 -41.80 -10.04
C ASP D 292 42.59 -40.30 -10.03
N HIS D 293 42.33 -39.70 -11.18
CA HIS D 293 42.29 -38.25 -11.27
C HIS D 293 40.86 -37.69 -11.42
N GLY D 294 39.88 -38.53 -11.18
CA GLY D 294 38.47 -38.15 -11.38
C GLY D 294 37.94 -37.35 -10.18
N LYS D 295 36.74 -36.81 -10.34
CA LYS D 295 36.11 -36.09 -9.24
C LYS D 295 34.60 -36.26 -9.26
N VAL D 296 33.99 -35.96 -8.11
CA VAL D 296 32.53 -35.88 -7.95
C VAL D 296 32.23 -34.38 -7.93
N ILE D 297 31.31 -33.96 -8.82
CA ILE D 297 30.84 -32.60 -8.89
C ILE D 297 29.49 -32.59 -8.16
N VAL D 298 29.41 -31.86 -7.07
CA VAL D 298 28.26 -31.93 -6.22
C VAL D 298 27.53 -30.56 -6.30
N ALA D 299 26.24 -30.57 -6.59
CA ALA D 299 25.58 -29.26 -6.71
C ALA D 299 24.48 -29.19 -5.70
N GLU D 300 24.64 -28.35 -4.67
CA GLU D 300 23.74 -28.38 -3.53
C GLU D 300 23.67 -27.02 -2.97
N TYR D 301 22.60 -26.79 -2.22
CA TYR D 301 22.59 -25.62 -1.39
C TYR D 301 23.65 -25.81 -0.29
N ILE D 302 24.13 -24.71 0.29
CA ILE D 302 24.93 -24.75 1.50
C ILE D 302 24.23 -23.96 2.61
N LEU D 303 24.03 -24.61 3.74
CA LEU D 303 23.59 -23.97 4.97
C LEU D 303 24.49 -22.80 5.39
N PRO D 304 23.87 -21.63 5.64
CA PRO D 304 24.48 -20.44 6.20
C PRO D 304 24.79 -20.65 7.69
N PRO D 305 25.73 -19.83 8.22
CA PRO D 305 26.22 -19.84 9.62
C PRO D 305 25.10 -19.73 10.69
N SER D 306 23.96 -19.17 10.32
CA SER D 306 22.91 -18.80 11.29
C SER D 306 21.52 -18.69 10.60
N PRO D 307 20.41 -18.85 11.35
CA PRO D 307 19.09 -18.67 10.71
C PRO D 307 18.69 -17.23 10.52
N ASP D 308 19.36 -16.52 9.63
CA ASP D 308 19.04 -15.10 9.43
C ASP D 308 17.75 -14.97 8.58
N PRO D 309 17.20 -13.72 8.50
CA PRO D 309 15.93 -13.48 7.80
C PRO D 309 16.06 -13.29 6.26
N SER D 310 17.26 -13.39 5.66
CA SER D 310 17.39 -13.17 4.20
C SER D 310 16.69 -14.22 3.37
N ILE D 311 16.29 -13.86 2.15
CA ILE D 311 15.47 -14.79 1.36
C ILE D 311 16.32 -15.97 0.99
N ALA D 312 17.60 -15.71 0.69
CA ALA D 312 18.50 -16.77 0.25
C ALA D 312 18.65 -17.84 1.35
N THR D 313 18.77 -17.40 2.60
CA THR D 313 18.85 -18.31 3.72
C THR D 313 17.57 -19.01 3.96
N LYS D 314 16.45 -18.29 3.85
CA LYS D 314 15.18 -18.94 4.08
C LYS D 314 14.92 -20.02 3.06
N VAL D 315 15.28 -19.80 1.80
CA VAL D 315 15.08 -20.90 0.85
C VAL D 315 15.82 -22.18 1.30
N VAL D 316 17.05 -22.04 1.78
CA VAL D 316 17.87 -23.23 2.19
C VAL D 316 17.20 -23.92 3.40
N ILE D 317 16.79 -23.09 4.37
CA ILE D 317 16.05 -23.61 5.49
C ILE D 317 14.75 -24.20 5.11
N HIS D 318 13.98 -23.56 4.24
CA HIS D 318 12.79 -24.24 3.78
C HIS D 318 13.12 -25.63 3.22
N THR D 319 14.11 -25.68 2.35
CA THR D 319 14.42 -26.96 1.77
C THR D 319 14.86 -27.98 2.81
N ASP D 320 15.57 -27.56 3.84
CA ASP D 320 15.95 -28.48 4.91
C ASP D 320 14.67 -29.06 5.57
N ALA D 321 13.68 -28.22 5.73
CA ALA D 321 12.44 -28.67 6.34
C ALA D 321 11.66 -29.56 5.37
N LEU D 322 11.66 -29.24 4.08
CA LEU D 322 11.08 -30.20 3.12
C LEU D 322 11.78 -31.59 3.20
N MET D 323 13.12 -31.57 3.34
CA MET D 323 13.86 -32.87 3.41
C MET D 323 13.43 -33.66 4.63
N LEU D 324 13.16 -32.96 5.73
CA LEU D 324 12.81 -33.62 6.98
C LEU D 324 11.46 -34.30 6.76
N ALA D 325 10.58 -33.67 5.99
CA ALA D 325 9.22 -34.19 5.83
C ALA D 325 9.21 -35.37 4.84
N TYR D 326 10.07 -35.33 3.86
CA TYR D 326 9.88 -36.26 2.76
C TYR D 326 10.90 -37.33 2.60
N ASN D 327 12.13 -37.09 3.03
CA ASN D 327 13.26 -37.89 2.50
C ASN D 327 13.91 -38.73 3.58
N PRO D 328 14.61 -39.80 3.18
CA PRO D 328 15.21 -40.67 4.19
C PRO D 328 16.48 -40.07 4.81
N GLY D 329 16.29 -39.25 5.81
CA GLY D 329 17.40 -38.59 6.52
C GLY D 329 18.04 -37.39 5.86
N GLY D 330 17.48 -36.95 4.74
CA GLY D 330 17.96 -35.77 4.02
C GLY D 330 18.01 -34.52 4.89
N LYS D 331 18.94 -33.65 4.55
CA LYS D 331 19.08 -32.38 5.27
C LYS D 331 20.00 -31.55 4.48
N GLU D 332 20.03 -30.25 4.78
CA GLU D 332 20.96 -29.36 4.13
C GLU D 332 22.23 -29.34 4.96
N ARG D 333 23.35 -29.06 4.33
CA ARG D 333 24.63 -29.23 5.10
C ARG D 333 25.46 -27.97 4.92
N THR D 334 26.31 -27.64 5.88
CA THR D 334 27.22 -26.53 5.74
C THR D 334 28.42 -26.99 4.90
N GLU D 335 29.27 -26.04 4.54
CA GLU D 335 30.40 -26.31 3.72
C GLU D 335 31.38 -27.26 4.44
N LYS D 336 31.55 -27.04 5.74
CA LYS D 336 32.42 -27.94 6.46
C LYS D 336 31.89 -29.37 6.53
N GLU D 337 30.56 -29.54 6.60
CA GLU D 337 29.98 -30.91 6.54
C GLU D 337 30.20 -31.59 5.19
N PHE D 338 30.16 -30.84 4.08
CA PHE D 338 30.44 -31.45 2.77
C PHE D 338 31.92 -31.82 2.68
N GLN D 339 32.76 -30.94 3.19
CA GLN D 339 34.17 -31.28 3.29
C GLN D 339 34.38 -32.57 4.13
N ALA D 340 33.70 -32.70 5.24
CA ALA D 340 33.82 -33.92 6.04
C ALA D 340 33.24 -35.16 5.36
N LEU D 341 32.18 -35.04 4.54
CA LEU D 341 31.75 -36.20 3.72
C LEU D 341 32.76 -36.61 2.67
N ALA D 342 33.33 -35.61 2.00
CA ALA D 342 34.37 -35.80 0.98
C ALA D 342 35.50 -36.62 1.59
N MET D 343 36.06 -36.12 2.70
CA MET D 343 37.22 -36.76 3.34
C MET D 343 36.88 -38.12 3.88
N ALA D 344 35.71 -38.26 4.50
CA ALA D 344 35.29 -39.57 5.01
C ALA D 344 35.11 -40.64 3.90
N SER D 345 34.90 -40.20 2.67
CA SER D 345 34.68 -41.16 1.58
C SER D 345 35.89 -41.30 0.70
N GLY D 346 37.02 -40.73 1.16
CA GLY D 346 38.30 -41.04 0.56
C GLY D 346 38.90 -39.95 -0.30
N PHE D 347 38.12 -38.93 -0.63
CA PHE D 347 38.59 -37.84 -1.49
C PHE D 347 39.64 -36.98 -0.79
N ARG D 348 40.63 -36.53 -1.54
CA ARG D 348 41.74 -35.82 -0.92
C ARG D 348 41.66 -34.33 -1.18
N GLY D 349 40.78 -33.92 -2.10
CA GLY D 349 40.64 -32.52 -2.44
C GLY D 349 39.15 -32.12 -2.43
N PHE D 350 38.89 -30.86 -2.08
CA PHE D 350 37.55 -30.30 -1.92
C PHE D 350 37.60 -28.83 -2.29
N LYS D 351 36.74 -28.42 -3.20
CA LYS D 351 36.75 -27.02 -3.58
C LYS D 351 35.32 -26.58 -3.89
N VAL D 352 35.01 -25.33 -3.60
CA VAL D 352 33.74 -24.76 -3.97
C VAL D 352 34.10 -23.99 -5.20
N ALA D 353 33.50 -24.36 -6.31
CA ALA D 353 33.94 -23.88 -7.62
C ALA D 353 33.05 -22.78 -8.18
N SER D 354 31.74 -22.84 -7.98
CA SER D 354 30.89 -21.73 -8.42
C SER D 354 29.48 -21.82 -7.82
N CYS D 355 28.61 -20.90 -8.19
CA CYS D 355 27.32 -20.71 -7.50
C CYS D 355 26.32 -20.16 -8.50
N ALA D 356 25.12 -20.71 -8.54
CA ALA D 356 24.07 -20.18 -9.44
C ALA D 356 22.77 -20.32 -8.69
N PHE D 357 22.05 -19.19 -8.50
CA PHE D 357 20.74 -19.20 -7.81
C PHE D 357 20.81 -19.99 -6.52
N ASN D 358 21.86 -19.75 -5.75
CA ASN D 358 21.95 -20.34 -4.45
C ASN D 358 22.51 -21.74 -4.47
N THR D 359 22.74 -22.31 -5.67
CA THR D 359 23.22 -23.70 -5.81
C THR D 359 24.73 -23.62 -6.05
N TYR D 360 25.50 -24.07 -5.07
CA TYR D 360 26.98 -24.07 -5.19
C TYR D 360 27.42 -25.31 -5.92
N VAL D 361 28.51 -25.19 -6.64
CA VAL D 361 29.07 -26.35 -7.30
C VAL D 361 30.33 -26.67 -6.58
N MET D 362 30.37 -27.84 -5.97
CA MET D 362 31.52 -28.29 -5.23
C MET D 362 32.19 -29.43 -6.02
N GLU D 363 33.50 -29.55 -5.87
CA GLU D 363 34.25 -30.68 -6.52
C GLU D 363 34.93 -31.47 -5.42
N PHE D 364 34.62 -32.76 -5.36
CA PHE D 364 35.33 -33.68 -4.48
C PHE D 364 36.42 -34.29 -5.37
N LEU D 365 37.67 -34.06 -5.06
CA LEU D 365 38.73 -34.53 -5.99
C LEU D 365 39.45 -35.76 -5.43
N LYS D 366 39.69 -36.78 -6.25
CA LYS D 366 40.28 -37.95 -5.61
C LYS D 366 41.75 -37.88 -5.32
N THR D 367 42.47 -37.15 -6.18
CA THR D 367 43.92 -36.85 -6.06
C THR D 367 44.28 -36.33 -4.67
#